data_5B1N
# 
_entry.id   5B1N 
# 
_audit_conform.dict_name       mmcif_pdbx.dic 
_audit_conform.dict_version    5.380 
_audit_conform.dict_location   http://mmcif.pdb.org/dictionaries/ascii/mmcif_pdbx.dic 
# 
loop_
_database_2.database_id 
_database_2.database_code 
_database_2.pdbx_database_accession 
_database_2.pdbx_DOI 
PDB   5B1N         pdb_00005b1n 10.2210/pdb5b1n/pdb 
WWPDB D_1300000369 ?            ?                   
# 
_pdbx_database_related.content_type   unspecified 
_pdbx_database_related.db_id          5B1O 
_pdbx_database_related.db_name        PDB 
_pdbx_database_related.details        . 
# 
_pdbx_database_status.status_code                     REL 
_pdbx_database_status.status_code_sf                  REL 
_pdbx_database_status.status_code_mr                  ? 
_pdbx_database_status.entry_id                        5B1N 
_pdbx_database_status.recvd_initial_deposition_date   2015-12-09 
_pdbx_database_status.SG_entry                        N 
_pdbx_database_status.deposit_site                    PDBJ 
_pdbx_database_status.process_site                    PDBJ 
_pdbx_database_status.status_code_cs                  ? 
_pdbx_database_status.methods_development_category    ? 
_pdbx_database_status.pdb_format_compatible           Y 
_pdbx_database_status.status_code_nmr_data            ? 
# 
loop_
_audit_author.name 
_audit_author.pdbx_ordinal 
'Okajima, T.'  1  
'Eguchi, Y.'   2  
'Tochio, N.'   3  
'Inukai, Y.'   4  
'Shimizu, R.'  5  
'Ueda, S.'     6  
'Shinya, S.'   7  
'Kigawa, T.'   8  
'Fukamizo, T.' 9  
'Igarashi, M.' 10 
'Utsumi, R.'   11 
# 
_citation.abstract                  ? 
_citation.abstract_id_CAS           ? 
_citation.book_id_ISBN              ? 
_citation.book_publisher            ? 
_citation.book_publisher_city       ? 
_citation.book_title                ? 
_citation.coordinate_linkage        ? 
_citation.country                   JA 
_citation.database_id_Medline       ? 
_citation.details                   ? 
_citation.id                        primary 
_citation.journal_abbrev            'J. Antibiot.' 
_citation.journal_id_ASTM           JANTAJ 
_citation.journal_id_CSD            0079 
_citation.journal_id_ISSN           0021-8820 
_citation.journal_full              ? 
_citation.journal_issue             ? 
_citation.journal_volume            70 
_citation.language                  ? 
_citation.page_first                251 
_citation.page_last                 258 
_citation.title                     
'Angucycline antibiotic waldiomycin recognizes common structural motif conserved in bacterial histidine kinases' 
_citation.year                      2017 
_citation.database_id_CSD           ? 
_citation.pdbx_database_id_DOI      10.1038/ja.2016.151 
_citation.pdbx_database_id_PubMed   27999439 
_citation.unpublished_flag          ? 
# 
loop_
_citation_author.citation_id 
_citation_author.name 
_citation_author.ordinal 
_citation_author.identifier_ORCID 
primary 'Eguchi, Y.'   1  ? 
primary 'Okajima, T.'  2  ? 
primary 'Tochio, N.'   3  ? 
primary 'Inukai, Y.'   4  ? 
primary 'Shimizu, R.'  5  ? 
primary 'Ueda, S.'     6  ? 
primary 'Shinya, S.'   7  ? 
primary 'Kigawa, T.'   8  ? 
primary 'Fukamizo, T.' 9  ? 
primary 'Igarashi, M.' 10 ? 
primary 'Utsumi, R.'   11 ? 
# 
_cell.angle_alpha                  90.000 
_cell.angle_alpha_esd              ? 
_cell.angle_beta                   90.000 
_cell.angle_beta_esd               ? 
_cell.angle_gamma                  120.000 
_cell.angle_gamma_esd              ? 
_cell.entry_id                     5B1N 
_cell.details                      ? 
_cell.formula_units_Z              ? 
_cell.length_a                     38.510 
_cell.length_a_esd                 ? 
_cell.length_b                     38.510 
_cell.length_b_esd                 ? 
_cell.length_c                     84.508 
_cell.length_c_esd                 ? 
_cell.volume                       ? 
_cell.volume_esd                   ? 
_cell.Z_PDB                        6 
_cell.reciprocal_angle_alpha       ? 
_cell.reciprocal_angle_beta        ? 
_cell.reciprocal_angle_gamma       ? 
_cell.reciprocal_angle_alpha_esd   ? 
_cell.reciprocal_angle_beta_esd    ? 
_cell.reciprocal_angle_gamma_esd   ? 
_cell.reciprocal_length_a          ? 
_cell.reciprocal_length_b          ? 
_cell.reciprocal_length_c          ? 
_cell.reciprocal_length_a_esd      ? 
_cell.reciprocal_length_b_esd      ? 
_cell.reciprocal_length_c_esd      ? 
_cell.pdbx_unique_axis             ? 
# 
_symmetry.entry_id                         5B1N 
_symmetry.cell_setting                     ? 
_symmetry.Int_Tables_number                171 
_symmetry.space_group_name_Hall            ? 
_symmetry.space_group_name_H-M             'P 62' 
_symmetry.pdbx_full_space_group_name_H-M   ? 
# 
loop_
_entity.id 
_entity.type 
_entity.src_method 
_entity.pdbx_description 
_entity.formula_weight 
_entity.pdbx_number_of_molecules 
_entity.pdbx_ec 
_entity.pdbx_mutation 
_entity.pdbx_fragment 
_entity.details 
1 polymer man 'Osmolarity sensor protein EnvZ' 7721.801 1  2.7.13.3,2.7.3.- ? 'DHp domain, UNP residues 223-289' ? 
2 water   nat water                            18.015   92 ?                ? ?                                  ? 
# 
_entity_poly.entity_id                      1 
_entity_poly.type                           'polypeptide(L)' 
_entity_poly.nstd_linkage                   no 
_entity_poly.nstd_monomer                   no 
_entity_poly.pdbx_seq_one_letter_code       GAMAAGVKQLADDRTLLMAGVSHDLRTPLTRIRLATEMMSEQDGYLAESINKDIEECNAIIEQFIDYLR 
_entity_poly.pdbx_seq_one_letter_code_can   GAMAAGVKQLADDRTLLMAGVSHDLRTPLTRIRLATEMMSEQDGYLAESINKDIEECNAIIEQFIDYLR 
_entity_poly.pdbx_strand_id                 A 
_entity_poly.pdbx_target_identifier         ? 
# 
loop_
_entity_poly_seq.entity_id 
_entity_poly_seq.num 
_entity_poly_seq.mon_id 
_entity_poly_seq.hetero 
1 1  GLY n 
1 2  ALA n 
1 3  MET n 
1 4  ALA n 
1 5  ALA n 
1 6  GLY n 
1 7  VAL n 
1 8  LYS n 
1 9  GLN n 
1 10 LEU n 
1 11 ALA n 
1 12 ASP n 
1 13 ASP n 
1 14 ARG n 
1 15 THR n 
1 16 LEU n 
1 17 LEU n 
1 18 MET n 
1 19 ALA n 
1 20 GLY n 
1 21 VAL n 
1 22 SER n 
1 23 HIS n 
1 24 ASP n 
1 25 LEU n 
1 26 ARG n 
1 27 THR n 
1 28 PRO n 
1 29 LEU n 
1 30 THR n 
1 31 ARG n 
1 32 ILE n 
1 33 ARG n 
1 34 LEU n 
1 35 ALA n 
1 36 THR n 
1 37 GLU n 
1 38 MET n 
1 39 MET n 
1 40 SER n 
1 41 GLU n 
1 42 GLN n 
1 43 ASP n 
1 44 GLY n 
1 45 TYR n 
1 46 LEU n 
1 47 ALA n 
1 48 GLU n 
1 49 SER n 
1 50 ILE n 
1 51 ASN n 
1 52 LYS n 
1 53 ASP n 
1 54 ILE n 
1 55 GLU n 
1 56 GLU n 
1 57 CYS n 
1 58 ASN n 
1 59 ALA n 
1 60 ILE n 
1 61 ILE n 
1 62 GLU n 
1 63 GLN n 
1 64 PHE n 
1 65 ILE n 
1 66 ASP n 
1 67 TYR n 
1 68 LEU n 
1 69 ARG n 
# 
_entity_src_gen.entity_id                          1 
_entity_src_gen.pdbx_src_id                        1 
_entity_src_gen.pdbx_alt_source_flag               sample 
_entity_src_gen.pdbx_seq_type                      'Biological sequence' 
_entity_src_gen.pdbx_beg_seq_num                   1 
_entity_src_gen.pdbx_end_seq_num                   69 
_entity_src_gen.gene_src_common_name               ? 
_entity_src_gen.gene_src_genus                     ? 
_entity_src_gen.pdbx_gene_src_gene                 envZ 
_entity_src_gen.gene_src_species                   ? 
_entity_src_gen.gene_src_strain                    ? 
_entity_src_gen.gene_src_tissue                    ? 
_entity_src_gen.gene_src_tissue_fraction           ? 
_entity_src_gen.gene_src_details                   ? 
_entity_src_gen.pdbx_gene_src_fragment             ? 
_entity_src_gen.pdbx_gene_src_scientific_name      'Escherichia coli' 
_entity_src_gen.pdbx_gene_src_ncbi_taxonomy_id     562 
_entity_src_gen.pdbx_gene_src_variant              ? 
_entity_src_gen.pdbx_gene_src_cell_line            ? 
_entity_src_gen.pdbx_gene_src_atcc                 ? 
_entity_src_gen.pdbx_gene_src_organ                ? 
_entity_src_gen.pdbx_gene_src_organelle            ? 
_entity_src_gen.pdbx_gene_src_cell                 ? 
_entity_src_gen.pdbx_gene_src_cellular_location    ? 
_entity_src_gen.host_org_common_name               ? 
_entity_src_gen.pdbx_host_org_scientific_name      'Escherichia coli' 
_entity_src_gen.pdbx_host_org_ncbi_taxonomy_id     562 
_entity_src_gen.host_org_genus                     ? 
_entity_src_gen.pdbx_host_org_gene                 ? 
_entity_src_gen.pdbx_host_org_organ                ? 
_entity_src_gen.host_org_species                   ? 
_entity_src_gen.pdbx_host_org_tissue               ? 
_entity_src_gen.pdbx_host_org_tissue_fraction      ? 
_entity_src_gen.pdbx_host_org_strain               ? 
_entity_src_gen.pdbx_host_org_variant              ? 
_entity_src_gen.pdbx_host_org_cell_line            ? 
_entity_src_gen.pdbx_host_org_atcc                 ? 
_entity_src_gen.pdbx_host_org_culture_collection   ? 
_entity_src_gen.pdbx_host_org_cell                 ? 
_entity_src_gen.pdbx_host_org_organelle            ? 
_entity_src_gen.pdbx_host_org_cellular_location    ? 
_entity_src_gen.pdbx_host_org_vector_type          plasmid 
_entity_src_gen.pdbx_host_org_vector               ? 
_entity_src_gen.host_org_details                   ? 
_entity_src_gen.expression_system_id               ? 
_entity_src_gen.plasmid_name                       ? 
_entity_src_gen.plasmid_details                    ? 
_entity_src_gen.pdbx_description                   ? 
# 
_struct_ref.id                         1 
_struct_ref.db_name                    UNP 
_struct_ref.db_code                    A0A0K5ZMN4_ECOLX 
_struct_ref.pdbx_db_accession          A0A0K5ZMN4 
_struct_ref.pdbx_db_isoform            ? 
_struct_ref.entity_id                  1 
_struct_ref.pdbx_seq_one_letter_code   MAAGVKQLADDRTLLMAGVSHDLRTPLTRIRLATEMMSEQDGYLAESINKDIEECNAIIEQFIDYLR 
_struct_ref.pdbx_align_begin           223 
# 
_struct_ref_seq.align_id                      1 
_struct_ref_seq.ref_id                        1 
_struct_ref_seq.pdbx_PDB_id_code              5B1N 
_struct_ref_seq.pdbx_strand_id                A 
_struct_ref_seq.seq_align_beg                 3 
_struct_ref_seq.pdbx_seq_align_beg_ins_code   ? 
_struct_ref_seq.seq_align_end                 69 
_struct_ref_seq.pdbx_seq_align_end_ins_code   ? 
_struct_ref_seq.pdbx_db_accession             A0A0K5ZMN4 
_struct_ref_seq.db_align_beg                  223 
_struct_ref_seq.pdbx_db_align_beg_ins_code    ? 
_struct_ref_seq.db_align_end                  289 
_struct_ref_seq.pdbx_db_align_end_ins_code    ? 
_struct_ref_seq.pdbx_auth_seq_align_beg       223 
_struct_ref_seq.pdbx_auth_seq_align_end       289 
# 
loop_
_struct_ref_seq_dif.align_id 
_struct_ref_seq_dif.pdbx_pdb_id_code 
_struct_ref_seq_dif.mon_id 
_struct_ref_seq_dif.pdbx_pdb_strand_id 
_struct_ref_seq_dif.seq_num 
_struct_ref_seq_dif.pdbx_pdb_ins_code 
_struct_ref_seq_dif.pdbx_seq_db_name 
_struct_ref_seq_dif.pdbx_seq_db_accession_code 
_struct_ref_seq_dif.db_mon_id 
_struct_ref_seq_dif.pdbx_seq_db_seq_num 
_struct_ref_seq_dif.details 
_struct_ref_seq_dif.pdbx_auth_seq_num 
_struct_ref_seq_dif.pdbx_ordinal 
1 5B1N GLY A 1 ? UNP A0A0K5ZMN4 ? ? 'expression tag' 221 1 
1 5B1N ALA A 2 ? UNP A0A0K5ZMN4 ? ? 'expression tag' 222 2 
# 
loop_
_chem_comp.id 
_chem_comp.type 
_chem_comp.mon_nstd_flag 
_chem_comp.name 
_chem_comp.pdbx_synonyms 
_chem_comp.formula 
_chem_comp.formula_weight 
ALA 'L-peptide linking' y ALANINE         ? 'C3 H7 N O2'     89.093  
ARG 'L-peptide linking' y ARGININE        ? 'C6 H15 N4 O2 1' 175.209 
ASN 'L-peptide linking' y ASPARAGINE      ? 'C4 H8 N2 O3'    132.118 
ASP 'L-peptide linking' y 'ASPARTIC ACID' ? 'C4 H7 N O4'     133.103 
CYS 'L-peptide linking' y CYSTEINE        ? 'C3 H7 N O2 S'   121.158 
GLN 'L-peptide linking' y GLUTAMINE       ? 'C5 H10 N2 O3'   146.144 
GLU 'L-peptide linking' y 'GLUTAMIC ACID' ? 'C5 H9 N O4'     147.129 
GLY 'peptide linking'   y GLYCINE         ? 'C2 H5 N O2'     75.067  
HIS 'L-peptide linking' y HISTIDINE       ? 'C6 H10 N3 O2 1' 156.162 
HOH non-polymer         . WATER           ? 'H2 O'           18.015  
ILE 'L-peptide linking' y ISOLEUCINE      ? 'C6 H13 N O2'    131.173 
LEU 'L-peptide linking' y LEUCINE         ? 'C6 H13 N O2'    131.173 
LYS 'L-peptide linking' y LYSINE          ? 'C6 H15 N2 O2 1' 147.195 
MET 'L-peptide linking' y METHIONINE      ? 'C5 H11 N O2 S'  149.211 
PHE 'L-peptide linking' y PHENYLALANINE   ? 'C9 H11 N O2'    165.189 
PRO 'L-peptide linking' y PROLINE         ? 'C5 H9 N O2'     115.130 
SER 'L-peptide linking' y SERINE          ? 'C3 H7 N O3'     105.093 
THR 'L-peptide linking' y THREONINE       ? 'C4 H9 N O3'     119.119 
TYR 'L-peptide linking' y TYROSINE        ? 'C9 H11 N O3'    181.189 
VAL 'L-peptide linking' y VALINE          ? 'C5 H11 N O2'    117.146 
# 
_exptl.absorpt_coefficient_mu     ? 
_exptl.absorpt_correction_T_max   ? 
_exptl.absorpt_correction_T_min   ? 
_exptl.absorpt_correction_type    ? 
_exptl.absorpt_process_details    ? 
_exptl.entry_id                   5B1N 
_exptl.crystals_number            1 
_exptl.details                    ? 
_exptl.method                     'X-RAY DIFFRACTION' 
_exptl.method_details             ? 
# 
_exptl_crystal.colour                      ? 
_exptl_crystal.density_diffrn              ? 
_exptl_crystal.density_Matthews            2.34 
_exptl_crystal.density_method              ? 
_exptl_crystal.density_percent_sol         47.50 
_exptl_crystal.description                 ? 
_exptl_crystal.F_000                       ? 
_exptl_crystal.id                          1 
_exptl_crystal.preparation                 ? 
_exptl_crystal.size_max                    ? 
_exptl_crystal.size_mid                    ? 
_exptl_crystal.size_min                    ? 
_exptl_crystal.size_rad                    ? 
_exptl_crystal.colour_lustre               ? 
_exptl_crystal.colour_modifier             ? 
_exptl_crystal.colour_primary              ? 
_exptl_crystal.density_meas                ? 
_exptl_crystal.density_meas_esd            ? 
_exptl_crystal.density_meas_gt             ? 
_exptl_crystal.density_meas_lt             ? 
_exptl_crystal.density_meas_temp           ? 
_exptl_crystal.density_meas_temp_esd       ? 
_exptl_crystal.density_meas_temp_gt        ? 
_exptl_crystal.density_meas_temp_lt        ? 
_exptl_crystal.pdbx_crystal_image_url      ? 
_exptl_crystal.pdbx_crystal_image_format   ? 
_exptl_crystal.pdbx_mosaicity              ? 
_exptl_crystal.pdbx_mosaicity_esd          ? 
# 
_exptl_crystal_grow.apparatus       ? 
_exptl_crystal_grow.atmosphere      ? 
_exptl_crystal_grow.crystal_id      1 
_exptl_crystal_grow.details         ? 
_exptl_crystal_grow.method          'VAPOR DIFFUSION, SITTING DROP' 
_exptl_crystal_grow.method_ref      ? 
_exptl_crystal_grow.pH              6.9 
_exptl_crystal_grow.pressure        ? 
_exptl_crystal_grow.pressure_esd    ? 
_exptl_crystal_grow.seeding         ? 
_exptl_crystal_grow.seeding_ref     ? 
_exptl_crystal_grow.temp            293 
_exptl_crystal_grow.temp_details    ? 
_exptl_crystal_grow.temp_esd        ? 
_exptl_crystal_grow.time            ? 
_exptl_crystal_grow.pdbx_details    '1.1-1.3 M sodium/potassium phosphate' 
_exptl_crystal_grow.pdbx_pH_range   ? 
# 
_diffrn.ambient_environment    ? 
_diffrn.ambient_temp           100 
_diffrn.ambient_temp_details   ? 
_diffrn.ambient_temp_esd       ? 
_diffrn.crystal_id             1 
_diffrn.crystal_support        ? 
_diffrn.crystal_treatment      ? 
_diffrn.details                ? 
_diffrn.id                     1 
_diffrn.ambient_pressure       ? 
_diffrn.ambient_pressure_esd   ? 
_diffrn.ambient_pressure_gt    ? 
_diffrn.ambient_pressure_lt    ? 
_diffrn.ambient_temp_gt        ? 
_diffrn.ambient_temp_lt        ? 
# 
_diffrn_detector.details                      ? 
_diffrn_detector.detector                     CCD 
_diffrn_detector.diffrn_id                    1 
_diffrn_detector.type                         'RAYONIX MX300HE' 
_diffrn_detector.area_resol_mean              ? 
_diffrn_detector.dtime                        ? 
_diffrn_detector.pdbx_frames_total            ? 
_diffrn_detector.pdbx_collection_time_total   ? 
_diffrn_detector.pdbx_collection_date         2014-07-15 
# 
_diffrn_radiation.collimation                      ? 
_diffrn_radiation.diffrn_id                        1 
_diffrn_radiation.filter_edge                      ? 
_diffrn_radiation.inhomogeneity                    ? 
_diffrn_radiation.monochromator                    ? 
_diffrn_radiation.polarisn_norm                    ? 
_diffrn_radiation.polarisn_ratio                   ? 
_diffrn_radiation.probe                            ? 
_diffrn_radiation.type                             ? 
_diffrn_radiation.xray_symbol                      ? 
_diffrn_radiation.wavelength_id                    1 
_diffrn_radiation.pdbx_monochromatic_or_laue_m_l   M 
_diffrn_radiation.pdbx_wavelength_list             ? 
_diffrn_radiation.pdbx_wavelength                  ? 
_diffrn_radiation.pdbx_diffrn_protocol             'SINGLE WAVELENGTH' 
_diffrn_radiation.pdbx_analyzer                    ? 
_diffrn_radiation.pdbx_scattering_type             x-ray 
# 
_diffrn_radiation_wavelength.id           1 
_diffrn_radiation_wavelength.wavelength   0.9000 
_diffrn_radiation_wavelength.wt           1.0 
# 
_diffrn_source.current                     ? 
_diffrn_source.details                     ? 
_diffrn_source.diffrn_id                   1 
_diffrn_source.power                       ? 
_diffrn_source.size                        ? 
_diffrn_source.source                      SYNCHROTRON 
_diffrn_source.target                      ? 
_diffrn_source.type                        'SPRING-8 BEAMLINE BL44XU' 
_diffrn_source.voltage                     ? 
_diffrn_source.take-off_angle              ? 
_diffrn_source.pdbx_wavelength_list        0.9000 
_diffrn_source.pdbx_wavelength             ? 
_diffrn_source.pdbx_synchrotron_beamline   BL44XU 
_diffrn_source.pdbx_synchrotron_site       SPring-8 
# 
_reflns.B_iso_Wilson_estimate            17.080 
_reflns.entry_id                         5B1N 
_reflns.data_reduction_details           ? 
_reflns.data_reduction_method            ? 
_reflns.d_resolution_high                1.200 
_reflns.d_resolution_low                 42.258 
_reflns.details                          ? 
_reflns.limit_h_max                      ? 
_reflns.limit_h_min                      ? 
_reflns.limit_k_max                      ? 
_reflns.limit_k_min                      ? 
_reflns.limit_l_max                      ? 
_reflns.limit_l_min                      ? 
_reflns.number_all                       15966 
_reflns.number_obs                       15966 
_reflns.observed_criterion               ? 
_reflns.observed_criterion_F_max         ? 
_reflns.observed_criterion_F_min         ? 
_reflns.observed_criterion_I_max         ? 
_reflns.observed_criterion_I_min         ? 
_reflns.observed_criterion_sigma_F       ? 
_reflns.observed_criterion_sigma_I       ? 
_reflns.percent_possible_obs             97.900 
_reflns.R_free_details                   ? 
_reflns.Rmerge_F_all                     ? 
_reflns.Rmerge_F_obs                     ? 
_reflns.Friedel_coverage                 ? 
_reflns.number_gt                        ? 
_reflns.threshold_expression             ? 
_reflns.pdbx_redundancy                  6.500 
_reflns.pdbx_Rmerge_I_obs                0.052 
_reflns.pdbx_Rmerge_I_all                ? 
_reflns.pdbx_Rsym_value                  0.052 
_reflns.pdbx_netI_over_av_sigmaI         8.249 
_reflns.pdbx_netI_over_sigmaI            18.100 
_reflns.pdbx_res_netI_over_av_sigmaI_2   ? 
_reflns.pdbx_res_netI_over_sigmaI_2      ? 
_reflns.pdbx_chi_squared                 ? 
_reflns.pdbx_scaling_rejects             ? 
_reflns.pdbx_d_res_high_opt              ? 
_reflns.pdbx_d_res_low_opt               ? 
_reflns.pdbx_d_res_opt_method            ? 
_reflns.phase_calculation_details        ? 
_reflns.pdbx_Rrim_I_all                  0.057 
_reflns.pdbx_Rpim_I_all                  0.022 
_reflns.pdbx_d_opt                       ? 
_reflns.pdbx_number_measured_all         104426 
_reflns.pdbx_diffrn_id                   1 
_reflns.pdbx_ordinal                     1 
_reflns.pdbx_CC_half                     ? 
_reflns.pdbx_R_split                     ? 
# 
loop_
_reflns_shell.d_res_high 
_reflns_shell.d_res_low 
_reflns_shell.meanI_over_sigI_all 
_reflns_shell.meanI_over_sigI_obs 
_reflns_shell.number_measured_all 
_reflns_shell.number_measured_obs 
_reflns_shell.number_possible 
_reflns_shell.number_unique_all 
_reflns_shell.number_unique_obs 
_reflns_shell.percent_possible_all 
_reflns_shell.percent_possible_obs 
_reflns_shell.Rmerge_F_all 
_reflns_shell.Rmerge_F_obs 
_reflns_shell.Rmerge_I_all 
_reflns_shell.Rmerge_I_obs 
_reflns_shell.meanI_over_sigI_gt 
_reflns_shell.meanI_over_uI_all 
_reflns_shell.meanI_over_uI_gt 
_reflns_shell.number_measured_gt 
_reflns_shell.number_unique_gt 
_reflns_shell.percent_possible_gt 
_reflns_shell.Rmerge_F_gt 
_reflns_shell.Rmerge_I_gt 
_reflns_shell.pdbx_redundancy 
_reflns_shell.pdbx_Rsym_value 
_reflns_shell.pdbx_chi_squared 
_reflns_shell.pdbx_netI_over_sigmaI_all 
_reflns_shell.pdbx_netI_over_sigmaI_obs 
_reflns_shell.pdbx_Rrim_I_all 
_reflns_shell.pdbx_Rpim_I_all 
_reflns_shell.pdbx_rejects 
_reflns_shell.pdbx_ordinal 
_reflns_shell.pdbx_diffrn_id 
_reflns_shell.pdbx_CC_half 
_reflns_shell.pdbx_R_split 
1.330 1.400  ? 1.800  15234 ? ? 2355 ? 100.000 ? ? ? ? 0.418 ? ? ? ? ? ? ? ? 6.500 0.418 ? ? 4.500  ? 0.176 0 1  1 ? ? 
1.400 1.490  ? 2.600  14791 ? ? 2252 ? 100.000 ? ? ? ? 0.263 ? ? ? ? ? ? ? ? 6.600 0.263 ? ? 6.900  ? 0.111 0 2  1 ? ? 
1.490 1.590  ? 3.800  13899 ? ? 2118 ? 100.000 ? ? ? ? 0.172 ? ? ? ? ? ? ? ? 6.600 0.172 ? ? 11.400 ? 0.074 0 3  1 ? ? 
1.590 1.720  ? 5.700  12963 ? ? 1963 ? 100.000 ? ? ? ? 0.113 ? ? ? ? ? ? ? ? 6.600 0.113 ? ? 16.600 ? 0.048 0 4  1 ? ? 
1.720 1.880  ? 6.900  12071 ? ? 1806 ? 100.000 ? ? ? ? 0.085 ? ? ? ? ? ? ? ? 6.700 0.085 ? ? 21.400 ? 0.036 0 5  1 ? ? 
1.880 2.100  ? 7.300  11027 ? ? 1649 ? 100.000 ? ? ? ? 0.080 ? ? ? ? ? ? ? ? 6.700 0.080 ? ? 26.800 ? 0.033 0 6  1 ? ? 
2.100 2.430  ? 9.800  9763  ? ? 1456 ? 100.000 ? ? ? ? 0.059 ? ? ? ? ? ? ? ? 6.700 0.059 ? ? 32.200 ? 0.024 0 7  1 ? ? 
2.430 2.970  ? 15.800 8201  ? ? 1225 ? 99.800  ? ? ? ? 0.038 ? ? ? ? ? ? ? ? 6.700 0.038 ? ? 33.300 ? 0.016 0 8  1 ? ? 
2.970 4.210  ? 21.200 4612  ? ? 793  ? 82.900  ? ? ? ? 0.030 ? ? ? ? ? ? ? ? 5.800 0.030 ? ? 31.200 ? 0.014 0 9  1 ? ? 
4.210 42.258 ? 22.300 1865  ? ? 349  ? 65.300  ? ? ? ? 0.030 ? ? ? ? ? ? ? ? 5.300 0.030 ? ? 28.500 ? 0.014 0 10 1 ? ? 
# 
_refine.aniso_B[1][1]                            ? 
_refine.aniso_B[1][2]                            ? 
_refine.aniso_B[1][3]                            ? 
_refine.aniso_B[2][2]                            ? 
_refine.aniso_B[2][3]                            ? 
_refine.aniso_B[3][3]                            ? 
_refine.B_iso_max                                69.900 
_refine.B_iso_mean                               30.1073 
_refine.B_iso_min                                14.730 
_refine.correlation_coeff_Fo_to_Fc               ? 
_refine.correlation_coeff_Fo_to_Fc_free          ? 
_refine.details                                  ? 
_refine.diff_density_max                         ? 
_refine.diff_density_max_esd                     ? 
_refine.diff_density_min                         ? 
_refine.diff_density_min_esd                     ? 
_refine.diff_density_rms                         ? 
_refine.diff_density_rms_esd                     ? 
_refine.entry_id                                 5B1N 
_refine.pdbx_refine_id                           'X-RAY DIFFRACTION' 
_refine.ls_abs_structure_details                 ? 
_refine.ls_abs_structure_Flack                   ? 
_refine.ls_abs_structure_Flack_esd               ? 
_refine.ls_abs_structure_Rogers                  ? 
_refine.ls_abs_structure_Rogers_esd              ? 
_refine.ls_d_res_high                            1.3300 
_refine.ls_d_res_low                             19.2550 
_refine.ls_extinction_coef                       ? 
_refine.ls_extinction_coef_esd                   ? 
_refine.ls_extinction_expression                 ? 
_refine.ls_extinction_method                     ? 
_refine.ls_goodness_of_fit_all                   ? 
_refine.ls_goodness_of_fit_all_esd               ? 
_refine.ls_goodness_of_fit_obs                   ? 
_refine.ls_goodness_of_fit_obs_esd               ? 
_refine.ls_hydrogen_treatment                    ? 
_refine.ls_matrix_type                           ? 
_refine.ls_number_constraints                    ? 
_refine.ls_number_parameters                     ? 
_refine.ls_number_reflns_all                     ? 
_refine.ls_number_reflns_obs                     15904 
_refine.ls_number_reflns_R_free                  817 
_refine.ls_number_reflns_R_work                  15087 
_refine.ls_number_restraints                     ? 
_refine.ls_percent_reflns_obs                    97.6700 
_refine.ls_percent_reflns_R_free                 5.1400 
_refine.ls_R_factor_all                          ? 
_refine.ls_R_factor_obs                          0.1784 
_refine.ls_R_factor_R_free                       0.2106 
_refine.ls_R_factor_R_free_error                 ? 
_refine.ls_R_factor_R_free_error_details         ? 
_refine.ls_R_factor_R_work                       0.1766 
_refine.ls_R_Fsqd_factor_obs                     ? 
_refine.ls_R_I_factor_obs                        ? 
_refine.ls_redundancy_reflns_all                 ? 
_refine.ls_redundancy_reflns_obs                 ? 
_refine.ls_restrained_S_all                      ? 
_refine.ls_restrained_S_obs                      ? 
_refine.ls_shift_over_esd_max                    ? 
_refine.ls_shift_over_esd_mean                   ? 
_refine.ls_structure_factor_coef                 ? 
_refine.ls_weighting_details                     ? 
_refine.ls_weighting_scheme                      ? 
_refine.ls_wR_factor_all                         ? 
_refine.ls_wR_factor_obs                         ? 
_refine.ls_wR_factor_R_free                      ? 
_refine.ls_wR_factor_R_work                      ? 
_refine.occupancy_max                            ? 
_refine.occupancy_min                            ? 
_refine.solvent_model_details                    'FLAT BULK SOLVENT MODEL' 
_refine.solvent_model_param_bsol                 ? 
_refine.solvent_model_param_ksol                 ? 
_refine.ls_R_factor_gt                           ? 
_refine.ls_goodness_of_fit_gt                    ? 
_refine.ls_goodness_of_fit_ref                   ? 
_refine.ls_shift_over_su_max                     ? 
_refine.ls_shift_over_su_max_lt                  ? 
_refine.ls_shift_over_su_mean                    ? 
_refine.ls_shift_over_su_mean_lt                 ? 
_refine.pdbx_ls_sigma_I                          ? 
_refine.pdbx_ls_sigma_F                          1.390 
_refine.pdbx_ls_sigma_Fsqd                       ? 
_refine.pdbx_data_cutoff_high_absF               ? 
_refine.pdbx_data_cutoff_high_rms_absF           ? 
_refine.pdbx_data_cutoff_low_absF                ? 
_refine.pdbx_isotropic_thermal_model             ? 
_refine.pdbx_ls_cross_valid_method               'FREE R-VALUE' 
_refine.pdbx_method_to_determine_struct          'MOLECULAR REPLACEMENT' 
_refine.pdbx_starting_model                      3ZRX 
_refine.pdbx_stereochemistry_target_values       ML 
_refine.pdbx_R_Free_selection_details            'Random selection' 
_refine.pdbx_stereochem_target_val_spec_case     ? 
_refine.pdbx_overall_ESU_R                       ? 
_refine.pdbx_overall_ESU_R_Free                  ? 
_refine.pdbx_solvent_vdw_probe_radii             1.1100 
_refine.pdbx_solvent_ion_probe_radii             ? 
_refine.pdbx_solvent_shrinkage_radii             0.9000 
_refine.pdbx_real_space_R                        ? 
_refine.pdbx_density_correlation                 ? 
_refine.pdbx_pd_number_of_powder_patterns        ? 
_refine.pdbx_pd_number_of_points                 ? 
_refine.pdbx_pd_meas_number_of_points            ? 
_refine.pdbx_pd_proc_ls_prof_R_factor            ? 
_refine.pdbx_pd_proc_ls_prof_wR_factor           ? 
_refine.pdbx_pd_Marquardt_correlation_coeff      ? 
_refine.pdbx_pd_Fsqrd_R_factor                   ? 
_refine.pdbx_pd_ls_matrix_band_width             ? 
_refine.pdbx_overall_phase_error                 22.3800 
_refine.pdbx_overall_SU_R_free_Cruickshank_DPI   ? 
_refine.pdbx_overall_SU_R_free_Blow_DPI          ? 
_refine.pdbx_overall_SU_R_Blow_DPI               ? 
_refine.pdbx_TLS_residual_ADP_flag               ? 
_refine.pdbx_diffrn_id                           1 
_refine.overall_SU_B                             ? 
_refine.overall_SU_ML                            0.1200 
_refine.overall_SU_R_Cruickshank_DPI             ? 
_refine.overall_SU_R_free                        ? 
_refine.overall_FOM_free_R_set                   ? 
_refine.overall_FOM_work_R_set                   ? 
_refine.pdbx_average_fsc_overall                 ? 
_refine.pdbx_average_fsc_work                    ? 
_refine.pdbx_average_fsc_free                    ? 
# 
_refine_hist.cycle_id                         final 
_refine_hist.pdbx_refine_id                   'X-RAY DIFFRACTION' 
_refine_hist.d_res_high                       1.3300 
_refine_hist.d_res_low                        19.2550 
_refine_hist.pdbx_number_atoms_ligand         0 
_refine_hist.number_atoms_solvent             92 
_refine_hist.number_atoms_total               564 
_refine_hist.pdbx_number_residues_total       59 
_refine_hist.pdbx_B_iso_mean_solvent          45.03 
_refine_hist.pdbx_number_atoms_protein        472 
_refine_hist.pdbx_number_atoms_nucleic_acid   0 
# 
loop_
_refine_ls_restr.pdbx_refine_id 
_refine_ls_restr.criterion 
_refine_ls_restr.dev_ideal 
_refine_ls_restr.dev_ideal_target 
_refine_ls_restr.number 
_refine_ls_restr.rejects 
_refine_ls_restr.type 
_refine_ls_restr.weight 
_refine_ls_restr.pdbx_restraint_function 
'X-RAY DIFFRACTION' ? 0.016  ? 488 ? f_bond_d           ? ? 
'X-RAY DIFFRACTION' ? 1.623  ? 658 ? f_angle_d          ? ? 
'X-RAY DIFFRACTION' ? 0.070  ? 76  ? f_chiral_restr     ? ? 
'X-RAY DIFFRACTION' ? 0.009  ? 87  ? f_plane_restr      ? ? 
'X-RAY DIFFRACTION' ? 14.214 ? 191 ? f_dihedral_angle_d ? ? 
# 
loop_
_refine_ls_shell.pdbx_refine_id 
_refine_ls_shell.d_res_high 
_refine_ls_shell.d_res_low 
_refine_ls_shell.number_reflns_all 
_refine_ls_shell.number_reflns_obs 
_refine_ls_shell.number_reflns_R_free 
_refine_ls_shell.number_reflns_R_work 
_refine_ls_shell.percent_reflns_obs 
_refine_ls_shell.percent_reflns_R_free 
_refine_ls_shell.R_factor_all 
_refine_ls_shell.R_factor_obs 
_refine_ls_shell.R_factor_R_free 
_refine_ls_shell.R_factor_R_free_error 
_refine_ls_shell.R_factor_R_work 
_refine_ls_shell.redundancy_reflns_all 
_refine_ls_shell.redundancy_reflns_obs 
_refine_ls_shell.wR_factor_all 
_refine_ls_shell.wR_factor_obs 
_refine_ls_shell.wR_factor_R_free 
_refine_ls_shell.wR_factor_R_work 
_refine_ls_shell.pdbx_total_number_of_bins_used 
_refine_ls_shell.pdbx_phase_error 
_refine_ls_shell.pdbx_fsc_work 
_refine_ls_shell.pdbx_fsc_free 
'X-RAY DIFFRACTION' 1.3302 1.4135 . . 139 2554 100.0000 . . . 0.2500 . 0.2154 . . . . . . . . . . 
'X-RAY DIFFRACTION' 1.4135 1.5226 . . 139 2551 99.0000  . . . 0.2305 . 0.1917 . . . . . . . . . . 
'X-RAY DIFFRACTION' 1.5226 1.6757 . . 133 2579 100.0000 . . . 0.2144 . 0.1732 . . . . . . . . . . 
'X-RAY DIFFRACTION' 1.6757 1.9180 . . 125 2585 100.0000 . . . 0.2010 . 0.1805 . . . . . . . . . . 
'X-RAY DIFFRACTION' 1.9180 2.4157 . . 152 2556 100.0000 . . . 0.1971 . 0.1765 . . . . . . . . . . 
# 
_struct.entry_id                     5B1N 
_struct.title                        'DHp domain structure of EnvZ from Escherichia coli' 
_struct.pdbx_model_details           ? 
_struct.pdbx_formula_weight          ? 
_struct.pdbx_formula_weight_method   ? 
_struct.pdbx_model_type_details      ? 
_struct.pdbx_CASP_flag               ? 
# 
_struct_keywords.entry_id        5B1N 
_struct_keywords.text            'Two-component system, Autophosphorylation, DHp domain, Histidine kinase, SIGNALING PROTEIN' 
_struct_keywords.pdbx_keywords   'SIGNALING PROTEIN' 
# 
loop_
_struct_asym.id 
_struct_asym.pdbx_blank_PDB_chainid_flag 
_struct_asym.pdbx_modified 
_struct_asym.entity_id 
_struct_asym.details 
A N N 1 ? 
B N N 2 ? 
# 
loop_
_struct_conf.conf_type_id 
_struct_conf.id 
_struct_conf.pdbx_PDB_helix_id 
_struct_conf.beg_label_comp_id 
_struct_conf.beg_label_asym_id 
_struct_conf.beg_label_seq_id 
_struct_conf.pdbx_beg_PDB_ins_code 
_struct_conf.end_label_comp_id 
_struct_conf.end_label_asym_id 
_struct_conf.end_label_seq_id 
_struct_conf.pdbx_end_PDB_ins_code 
_struct_conf.beg_auth_comp_id 
_struct_conf.beg_auth_asym_id 
_struct_conf.beg_auth_seq_id 
_struct_conf.end_auth_comp_id 
_struct_conf.end_auth_asym_id 
_struct_conf.end_auth_seq_id 
_struct_conf.pdbx_PDB_helix_class 
_struct_conf.details 
_struct_conf.pdbx_PDB_helix_length 
HELX_P HELX_P1 AA1 ASP A 13 ? GLU A 37 ? ASP A 233 GLU A 257 1 ? 25 
HELX_P HELX_P2 AA2 MET A 38 ? MET A 39 ? MET A 258 MET A 259 5 ? 2  
HELX_P HELX_P3 AA3 SER A 40 ? GLN A 42 ? SER A 260 GLN A 262 5 ? 3  
HELX_P HELX_P4 AA4 ASP A 43 ? LEU A 68 ? ASP A 263 LEU A 288 1 ? 26 
# 
_struct_conf_type.id          HELX_P 
_struct_conf_type.criteria    ? 
_struct_conf_type.reference   ? 
# 
_atom_sites.entry_id                    5B1N 
_atom_sites.fract_transf_matrix[1][1]   0.01225075 
_atom_sites.fract_transf_matrix[1][2]   0.02521153 
_atom_sites.fract_transf_matrix[1][3]   0.01064871 
_atom_sites.fract_transf_matrix[2][1]   0.01969311 
_atom_sites.fract_transf_matrix[2][2]   -0.00127408 
_atom_sites.fract_transf_matrix[2][3]   0.02257561 
_atom_sites.fract_transf_matrix[3][1]   0.00885568 
_atom_sites.fract_transf_matrix[3][2]   -0.00101609 
_atom_sites.fract_transf_matrix[3][3]   -0.00778231 
_atom_sites.fract_transf_vector[1]      0.590721 
_atom_sites.fract_transf_vector[2]      0.649178 
_atom_sites.fract_transf_vector[3]      -0.009022 
# 
loop_
_atom_type.symbol 
C 
N 
O 
S 
# 
loop_
_atom_site.group_PDB 
_atom_site.id 
_atom_site.type_symbol 
_atom_site.label_atom_id 
_atom_site.label_alt_id 
_atom_site.label_comp_id 
_atom_site.label_asym_id 
_atom_site.label_entity_id 
_atom_site.label_seq_id 
_atom_site.pdbx_PDB_ins_code 
_atom_site.Cartn_x 
_atom_site.Cartn_y 
_atom_site.Cartn_z 
_atom_site.occupancy 
_atom_site.B_iso_or_equiv 
_atom_site.pdbx_formal_charge 
_atom_site.auth_seq_id 
_atom_site.auth_comp_id 
_atom_site.auth_asym_id 
_atom_site.auth_atom_id 
_atom_site.pdbx_PDB_model_num 
ATOM   1   N N   . ALA A 1 11 ? -19.230 2.161   18.478  1.00 69.90 ? 231 ALA A N   1 
ATOM   2   C CA  . ALA A 1 11 ? -19.647 0.817   18.858  1.00 66.96 ? 231 ALA A CA  1 
ATOM   3   C C   . ALA A 1 11 ? -19.662 -0.124  17.660  1.00 63.02 ? 231 ALA A C   1 
ATOM   4   O O   . ALA A 1 11 ? -20.059 -1.284  17.782  1.00 63.42 ? 231 ALA A O   1 
ATOM   5   C CB  . ALA A 1 11 ? -21.020 0.857   19.517  1.00 68.78 ? 231 ALA A CB  1 
ATOM   6   N N   . ASP A 1 12 ? -19.222 0.378   16.506  1.00 61.68 ? 232 ASP A N   1 
ATOM   7   C CA  . ASP A 1 12 ? -19.295 -0.372  15.255  1.00 56.41 ? 232 ASP A CA  1 
ATOM   8   C C   . ASP A 1 12 ? -17.945 -0.929  14.751  1.00 43.22 ? 232 ASP A C   1 
ATOM   9   O O   . ASP A 1 12 ? -16.928 -0.813  15.423  1.00 42.38 ? 232 ASP A O   1 
ATOM   10  C CB  . ASP A 1 12 ? -19.923 0.509   14.184  1.00 59.81 ? 232 ASP A CB  1 
ATOM   11  C CG  . ASP A 1 12 ? -20.611 -0.300  13.122  1.00 64.30 ? 232 ASP A CG  1 
ATOM   12  O OD1 . ASP A 1 12 ? -21.192 -1.345  13.497  1.00 64.04 ? 232 ASP A OD1 1 
ATOM   13  O OD2 . ASP A 1 12 ? -20.503 0.069   11.921  1.00 59.98 ? 232 ASP A OD2 1 
ATOM   14  N N   . ASP A 1 13 ? -17.962 -1.570  13.589  1.00 38.77 ? 233 ASP A N   1 
ATOM   15  C CA  . ASP A 1 13 ? -16.771 -2.280  13.120  1.00 37.04 ? 233 ASP A CA  1 
ATOM   16  C C   . ASP A 1 13 ? -15.980 -1.569  12.059  1.00 33.03 ? 233 ASP A C   1 
ATOM   17  O O   . ASP A 1 13 ? -15.267 -2.213  11.297  1.00 31.70 ? 233 ASP A O   1 
ATOM   18  C CB  . ASP A 1 13 ? -17.142 -3.655  12.572  1.00 49.99 ? 233 ASP A CB  1 
ATOM   19  C CG  . ASP A 1 13 ? -18.156 -3.581  11.449  1.00 51.56 ? 233 ASP A CG  1 
ATOM   20  O OD1 . ASP A 1 13 ? -18.969 -2.646  11.476  1.00 58.45 ? 233 ASP A OD1 1 
ATOM   21  O OD2 . ASP A 1 13 ? -18.151 -4.463  10.562  1.00 50.04 ? 233 ASP A OD2 1 
ATOM   22  N N   . ARG A 1 14 ? -16.038 -0.254  12.036  1.00 33.31 ? 234 ARG A N   1 
ATOM   23  C CA  . ARG A 1 14 ? -15.366 0.482   10.985  1.00 32.71 ? 234 ARG A CA  1 
ATOM   24  C C   . ARG A 1 14 ? -13.837 0.339   11.083  1.00 27.36 ? 234 ARG A C   1 
ATOM   25  O O   . ARG A 1 14 ? -13.188 0.233   10.081  1.00 29.17 ? 234 ARG A O   1 
ATOM   26  C CB  . ARG A 1 14 ? -15.756 1.966   10.994  1.00 33.86 ? 234 ARG A CB  1 
ATOM   27  C CG  . ARG A 1 14 ? -17.187 2.192   10.555  1.00 41.79 ? 234 ARG A CG  1 
ATOM   28  C CD  . ARG A 1 14 ? -17.642 3.637   10.651  1.00 47.98 ? 234 ARG A CD  1 
ATOM   29  N NE  . ARG A 1 14 ? -17.505 4.192   11.988  1.00 45.09 ? 234 ARG A NE  1 
ATOM   30  C CZ  . ARG A 1 14 ? -17.303 5.486   12.220  1.00 54.28 ? 234 ARG A CZ  1 
ATOM   31  N NH1 . ARG A 1 14 ? -17.193 6.340   11.205  1.00 53.68 ? 234 ARG A NH1 1 
ATOM   32  N NH2 . ARG A 1 14 ? -17.177 5.923   13.459  1.00 53.01 ? 234 ARG A NH2 1 
ATOM   33  N N   . THR A 1 15 ? -13.309 0.251   12.308  1.00 30.01 ? 235 THR A N   1 
ATOM   34  C CA  . THR A 1 15 ? -11.864 0.177   12.481  1.00 28.96 ? 235 THR A CA  1 
ATOM   35  C C   . THR A 1 15 ? -11.407 -1.217  12.091  1.00 26.28 ? 235 THR A C   1 
ATOM   36  O O   . THR A 1 15 ? -10.372 -1.377  11.458  1.00 26.95 ? 235 THR A O   1 
ATOM   37  C CB  . THR A 1 15 ? -11.447 0.502   13.925  1.00 34.26 ? 235 THR A CB  1 
ATOM   38  O OG1 . THR A 1 15 ? -11.748 1.883   14.148  1.00 37.79 ? 235 THR A OG1 1 
ATOM   39  C CG2 . THR A 1 15 ? -9.947  0.346   14.053  1.00 36.59 ? 235 THR A CG2 1 
ATOM   40  N N   . LEU A 1 16 ? -12.194 -2.217  12.455  1.00 28.51 ? 236 LEU A N   1 
ATOM   41  C CA  . LEU A 1 16 ? -11.856 -3.591  12.038  1.00 29.39 ? 236 LEU A CA  1 
ATOM   42  C C   . LEU A 1 16 ? -11.953 -3.753  10.536  1.00 24.71 ? 236 LEU A C   1 
ATOM   43  O O   . LEU A 1 16 ? -11.073 -4.347  9.905   1.00 24.20 ? 236 LEU A O   1 
ATOM   44  C CB  . LEU A 1 16 ? -12.781 -4.586  12.711  1.00 29.65 ? 236 LEU A CB  1 
ATOM   45  C CG  . LEU A 1 16 ? -12.686 -6.069  12.327  1.00 33.13 ? 236 LEU A CG  1 
ATOM   46  C CD1 . LEU A 1 16 ? -11.290 -6.600  12.731  1.00 30.05 ? 236 LEU A CD1 1 
ATOM   47  C CD2 . LEU A 1 16 ? -13.799 -6.902  12.915  1.00 38.76 ? 236 LEU A CD2 1 
ATOM   48  N N   . LEU A 1 17 ? -12.955 -3.146  9.900   1.00 26.86 ? 237 LEU A N   1 
ATOM   49  C CA  . LEU A 1 17 ? -13.077 -3.131  8.447   1.00 29.71 ? 237 LEU A CA  1 
ATOM   50  C C   . LEU A 1 17 ? -11.857 -2.528  7.802   1.00 25.35 ? 237 LEU A C   1 
ATOM   51  O O   . LEU A 1 17 ? -11.274 -3.118  6.892   1.00 24.83 ? 237 LEU A O   1 
ATOM   52  C CB  . LEU A 1 17 ? -14.342 -2.354  8.047   1.00 29.19 ? 237 LEU A CB  1 
ATOM   53  C CG  . LEU A 1 17 ? -15.550 -3.281  7.980   1.00 34.91 ? 237 LEU A CG  1 
ATOM   54  C CD1 . LEU A 1 17 ? -16.850 -2.539  7.641   1.00 46.33 ? 237 LEU A CD1 1 
ATOM   55  C CD2 . LEU A 1 17 ? -15.226 -4.384  6.949   1.00 45.15 ? 237 LEU A CD2 1 
ATOM   56  N N   . MET A 1 18 ? -11.382 -1.381  8.276   1.00 24.75 ? 238 MET A N   1 
ATOM   57  C CA  . MET A 1 18 ? -10.190 -0.735  7.741   1.00 24.11 ? 238 MET A CA  1 
ATOM   58  C C   . MET A 1 18 ? -8.949  -1.557  7.993   1.00 22.81 ? 238 MET A C   1 
ATOM   59  O O   . MET A 1 18 ? -8.107  -1.662  7.110   1.00 22.08 ? 238 MET A O   1 
ATOM   60  C CB  . MET A 1 18 ? -10.017 0.658   8.343   1.00 28.90 ? 238 MET A CB  1 
ATOM   61  C CG  . MET A 1 18 ? -11.002 1.704   7.796   1.00 28.75 ? 238 MET A CG  1 
ATOM   62  S SD  . MET A 1 18 ? -11.073 1.813   5.959   1.00 30.31 ? 238 MET A SD  1 
ATOM   63  C CE  . MET A 1 18 ? -9.364  1.996   5.564   1.00 36.19 ? 238 MET A CE  1 
ATOM   64  N N   . ALA A 1 19 ? -8.821  -2.173  9.165   1.00 24.25 ? 239 ALA A N   1 
ATOM   65  C CA  . ALA A 1 19 ? -7.658  -3.023  9.446   1.00 26.22 ? 239 ALA A CA  1 
ATOM   66  C C   . ALA A 1 19 ? -7.677  -4.196  8.474   1.00 21.72 ? 239 ALA A C   1 
ATOM   67  O O   . ALA A 1 19 ? -6.638  -4.594  8.012   1.00 21.02 ? 239 ALA A O   1 
ATOM   68  C CB  . ALA A 1 19 ? -7.664  -3.480  10.916  1.00 23.27 ? 239 ALA A CB  1 
ATOM   69  N N   . GLY A 1 20 ? -8.851  -4.688  8.123   1.00 22.43 ? 240 GLY A N   1 
ATOM   70  C CA  . GLY A 1 20 ? -8.988  -5.784  7.176   1.00 25.66 ? 240 GLY A CA  1 
ATOM   71  C C   . GLY A 1 20 ? -8.645  -5.390  5.759   1.00 22.01 ? 240 GLY A C   1 
ATOM   72  O O   . GLY A 1 20 ? -7.915  -6.090  5.051   1.00 20.55 ? 240 GLY A O   1 
ATOM   73  N N   . VAL A 1 21 ? -9.049  -4.200  5.329   1.00 21.09 ? 241 VAL A N   1 
ATOM   74  C CA  . VAL A 1 21 ? -8.648  -3.686  4.038   1.00 20.43 ? 241 VAL A CA  1 
ATOM   75  C C   . VAL A 1 21 ? -7.138  -3.579  3.995   1.00 17.67 ? 241 VAL A C   1 
ATOM   76  O O   . VAL A 1 21 ? -6.515  -3.980  2.966   1.00 18.64 ? 241 VAL A O   1 
ATOM   77  C CB  . VAL A 1 21 ? -9.304  -2.259  3.767   1.00 22.81 ? 241 VAL A CB  1 
ATOM   78  C CG1 . VAL A 1 21 ? -8.689  -1.622  2.482   1.00 23.40 ? 241 VAL A CG1 1 
ATOM   79  C CG2 . VAL A 1 21 ? -10.812 -2.351  3.628   1.00 27.16 ? 241 VAL A CG2 1 
ATOM   80  N N   . SER A 1 22 ? -6.458  -2.991  4.998   1.00 20.17 ? 242 SER A N   1 
ATOM   81  C CA  . SER A 1 22 ? -5.011  -2.838  5.008   1.00 22.76 ? 242 SER A CA  1 
ATOM   82  C C   . SER A 1 22 ? -4.392  -4.205  4.920   1.00 20.14 ? 242 SER A C   1 
ATOM   83  O O   . SER A 1 22 ? -3.462  -4.409  4.123   1.00 19.87 ? 242 SER A O   1 
ATOM   84  C CB  . SER A 1 22 ? -4.547  -2.109  6.293   1.00 23.70 ? 242 SER A CB  1 
ATOM   85  O OG  . SER A 1 22 ? -3.141  -1.980  6.391   1.00 25.23 ? 242 SER A OG  1 
ATOM   86  N N   . HIS A 1 23 ? -4.876  -5.134  5.719   1.00 19.54 ? 243 HIS A N   1 
ATOM   87  C CA  . HIS A 1 23 ? -4.333  -6.484  5.745   1.00 20.24 ? 243 HIS A CA  1 
ATOM   88  C C   . HIS A 1 23 ? -4.401  -7.119  4.364   1.00 19.12 ? 243 HIS A C   1 
ATOM   89  O O   . HIS A 1 23 ? -3.407  -7.667  3.878   1.00 19.32 ? 243 HIS A O   1 
ATOM   90  C CB  . HIS A 1 23 ? -5.146  -7.323  6.719   1.00 21.44 ? 243 HIS A CB  1 
ATOM   91  C CG  . HIS A 1 23 ? -4.774  -8.755  6.709   1.00 21.79 ? 243 HIS A CG  1 
ATOM   92  N ND1 . HIS A 1 23 ? -5.357  -9.677  5.862   1.00 24.36 ? 243 HIS A ND1 1 
ATOM   93  C CD2 . HIS A 1 23 ? -3.871  -9.431  7.447   1.00 23.26 ? 243 HIS A CD2 1 
ATOM   94  C CE1 . HIS A 1 23 ? -4.857  -10.877 6.125   1.00 25.28 ? 243 HIS A CE1 1 
ATOM   95  N NE2 . HIS A 1 23 ? -3.945  -10.746 7.070   1.00 27.71 ? 243 HIS A NE2 1 
ATOM   96  N N   . ASP A 1 24 ? -5.538  -7.044  3.716   1.00 18.49 ? 244 ASP A N   1 
ATOM   97  C CA  . ASP A 1 24 ? -5.742  -7.761  2.463   1.00 19.32 ? 244 ASP A CA  1 
ATOM   98  C C   . ASP A 1 24 ? -4.966  -7.105  1.350   1.00 17.48 ? 244 ASP A C   1 
ATOM   99  O O   . ASP A 1 24 ? -4.333  -7.770  0.494   1.00 17.87 ? 244 ASP A O   1 
ATOM   100 C CB  . ASP A 1 24 ? -7.214  -7.845  2.103   1.00 21.07 ? 244 ASP A CB  1 
ATOM   101 C CG  . ASP A 1 24 ? -7.972  -8.818  2.984   1.00 25.96 ? 244 ASP A CG  1 
ATOM   102 O OD1 . ASP A 1 24 ? -7.351  -9.507  3.843   1.00 24.86 ? 244 ASP A OD1 1 
ATOM   103 O OD2 . ASP A 1 24 ? -9.211  -8.868  2.819   1.00 29.73 ? 244 ASP A OD2 1 
ATOM   104 N N   . LEU A 1 25 ? -4.954  -5.777  1.300   1.00 16.66 ? 245 LEU A N   1 
ATOM   105 C CA  . LEU A 1 25 ? -4.225  -5.052  0.242   1.00 16.64 ? 245 LEU A CA  1 
ATOM   106 C C   . LEU A 1 25 ? -2.744  -5.276  0.352   1.00 16.90 ? 245 LEU A C   1 
ATOM   107 O O   . LEU A 1 25 ? -2.023  -5.146  -0.631  1.00 16.30 ? 245 LEU A O   1 
ATOM   108 C CB  . LEU A 1 25 ? -4.460  -3.571  0.311   1.00 18.17 ? 245 LEU A CB  1 
ATOM   109 C CG  . LEU A 1 25 ? -5.821  -3.117  -0.112  1.00 18.35 ? 245 LEU A CG  1 
ATOM   110 C CD1 . LEU A 1 25 ? -5.947  -1.608  0.117   1.00 20.88 ? 245 LEU A CD1 1 
ATOM   111 C CD2 . LEU A 1 25 ? -6.184  -3.481  -1.556  1.00 21.74 ? 245 LEU A CD2 1 
ATOM   112 N N   A ARG A 1 26 ? -2.237  -5.625  1.526   0.26 18.51 ? 246 ARG A N   1 
ATOM   113 N N   B ARG A 1 26 ? -2.216  -5.616  1.502   0.74 16.78 ? 246 ARG A N   1 
ATOM   114 C CA  A ARG A 1 26 ? -0.793  -5.840  1.681   0.26 19.13 ? 246 ARG A CA  1 
ATOM   115 C CA  B ARG A 1 26 ? -0.769  -5.794  1.634   0.74 18.56 ? 246 ARG A CA  1 
ATOM   116 C C   A ARG A 1 26 ? -0.276  -6.883  0.692   0.26 18.75 ? 246 ARG A C   1 
ATOM   117 C C   B ARG A 1 26 ? -0.265  -6.896  0.694   0.74 19.20 ? 246 ARG A C   1 
ATOM   118 O O   A ARG A 1 26 ? 0.831   -6.755  0.177   0.26 18.65 ? 246 ARG A O   1 
ATOM   119 O O   B ARG A 1 26 ? 0.855   -6.828  0.188   0.74 18.56 ? 246 ARG A O   1 
ATOM   120 C CB  A ARG A 1 26 ? -0.447  -6.274  3.116   0.26 19.41 ? 246 ARG A CB  1 
ATOM   121 C CB  B ARG A 1 26 ? -0.400  -6.123  3.100   0.74 19.38 ? 246 ARG A CB  1 
ATOM   122 C CG  A ARG A 1 26 ? 1.050   -6.490  3.375   0.26 21.78 ? 246 ARG A CG  1 
ATOM   123 C CG  B ARG A 1 26 ? 1.094   -6.187  3.373   0.74 23.92 ? 246 ARG A CG  1 
ATOM   124 C CD  A ARG A 1 26 ? 1.299   -7.139  4.731   0.26 23.30 ? 246 ARG A CD  1 
ATOM   125 C CD  B ARG A 1 26 ? 1.359   -6.352  4.854   0.74 24.02 ? 246 ARG A CD  1 
ATOM   126 N NE  A ARG A 1 26 ? 0.566   -6.483  5.814   0.26 28.10 ? 246 ARG A NE  1 
ATOM   127 N NE  B ARG A 1 26 ? 0.834   -7.601  5.398   0.74 26.69 ? 246 ARG A NE  1 
ATOM   128 C CZ  A ARG A 1 26 ? -0.164  -7.128  6.724   0.26 34.25 ? 246 ARG A CZ  1 
ATOM   129 C CZ  B ARG A 1 26 ? -0.032  -7.663  6.399   0.74 36.91 ? 246 ARG A CZ  1 
ATOM   130 N NH1 A ARG A 1 26 ? -0.254  -8.453  6.684   0.26 36.02 ? 246 ARG A NH1 1 
ATOM   131 N NH1 B ARG A 1 26 ? -0.496  -6.548  6.953   0.74 36.42 ? 246 ARG A NH1 1 
ATOM   132 N NH2 A ARG A 1 26 ? -0.800  -6.453  7.677   0.26 35.37 ? 246 ARG A NH2 1 
ATOM   133 N NH2 B ARG A 1 26 ? -0.424  -8.849  6.847   0.74 35.58 ? 246 ARG A NH2 1 
ATOM   134 N N   . THR A 1 27 ? -1.088  -7.895  0.396   1.00 18.21 ? 247 THR A N   1 
ATOM   135 C CA  . THR A 1 27 ? -0.643  -9.004  -0.461  1.00 20.39 ? 247 THR A CA  1 
ATOM   136 C C   . THR A 1 27 ? -0.363  -8.506  -1.903  1.00 16.62 ? 247 THR A C   1 
ATOM   137 O O   . THR A 1 27 ? 0.792   -8.624  -2.383  1.00 17.63 ? 247 THR A O   1 
ATOM   138 C CB  . THR A 1 27 ? -1.635  -10.132 -0.409  1.00 20.69 ? 247 THR A CB  1 
ATOM   139 O OG1 . THR A 1 27 ? -1.505  -10.712 0.890   1.00 24.28 ? 247 THR A OG1 1 
ATOM   140 C CG2 . THR A 1 27 ? -1.305  -11.220 -1.404  1.00 23.90 ? 247 THR A CG2 1 
ATOM   141 N N   . PRO A 1 28 ? -1.338  -7.948  -2.628  1.00 16.02 ? 248 PRO A N   1 
ATOM   142 C CA  . PRO A 1 28 ? -0.983  -7.474  -3.972  1.00 17.63 ? 248 PRO A CA  1 
ATOM   143 C C   . PRO A 1 28 ? -0.023  -6.297  -3.939  1.00 14.73 ? 248 PRO A C   1 
ATOM   144 O O   . PRO A 1 28 ? 0.824   -6.222  -4.857  1.00 15.98 ? 248 PRO A O   1 
ATOM   145 C CB  . PRO A 1 28 ? -2.341  -7.085  -4.583  1.00 17.29 ? 248 PRO A CB  1 
ATOM   146 C CG  . PRO A 1 28 ? -3.251  -6.822  -3.371  1.00 17.21 ? 248 PRO A CG  1 
ATOM   147 C CD  . PRO A 1 28 ? -2.795  -7.825  -2.364  1.00 17.46 ? 248 PRO A CD  1 
ATOM   148 N N   . LEU A 1 29 ? -0.022  -5.428  -2.951  1.00 15.68 ? 249 LEU A N   1 
ATOM   149 C CA  . LEU A 1 29 ? 0.922   -4.303  -2.951  1.00 16.74 ? 249 LEU A CA  1 
ATOM   150 C C   . LEU A 1 29 ? 2.305   -4.827  -2.771  1.00 17.56 ? 249 LEU A C   1 
ATOM   151 O O   . LEU A 1 29 ? 3.252   -4.310  -3.416  1.00 17.22 ? 249 LEU A O   1 
ATOM   152 C CB  . LEU A 1 29 ? 0.558   -3.318  -1.829  1.00 16.62 ? 249 LEU A CB  1 
ATOM   153 C CG  . LEU A 1 29 ? -0.709  -2.519  -2.069  1.00 17.11 ? 249 LEU A CG  1 
ATOM   154 C CD1 . LEU A 1 29 ? -1.051  -1.666  -0.806  1.00 19.81 ? 249 LEU A CD1 1 
ATOM   155 C CD2 . LEU A 1 29 ? -0.608  -1.593  -3.328  1.00 18.15 ? 249 LEU A CD2 1 
ATOM   156 N N   . THR A 1 30 ? 2.487   -5.880  -1.990  1.00 17.25 ? 250 THR A N   1 
ATOM   157 C CA  . THR A 1 30 ? 3.809   -6.471  -1.794  1.00 18.06 ? 250 THR A CA  1 
ATOM   158 C C   . THR A 1 30 ? 4.239   -7.117  -3.109  1.00 16.52 ? 250 THR A C   1 
ATOM   159 O O   . THR A 1 30 ? 5.442   -7.018  -3.505  1.00 18.35 ? 250 THR A O   1 
ATOM   160 C CB  . THR A 1 30 ? 3.846   -7.498  -0.647  1.00 20.03 ? 250 THR A CB  1 
ATOM   161 O OG1 . THR A 1 30 ? 3.627   -6.761  0.564   1.00 23.55 ? 250 THR A OG1 1 
ATOM   162 C CG2 . THR A 1 30 ? 5.190   -8.271  -0.603  1.00 21.87 ? 250 THR A CG2 1 
ATOM   163 N N   . ARG A 1 31 ? 3.343   -7.767  -3.851  1.00 17.51 ? 251 ARG A N   1 
ATOM   164 C CA  . ARG A 1 31 ? 3.721   -8.347  -5.122  1.00 19.36 ? 251 ARG A CA  1 
ATOM   165 C C   . ARG A 1 31 ? 4.148   -7.255  -6.112  1.00 15.65 ? 251 ARG A C   1 
ATOM   166 O O   . ARG A 1 31 ? 5.037   -7.483  -6.946  1.00 16.40 ? 251 ARG A O   1 
ATOM   167 C CB  . ARG A 1 31 ? 2.598   -9.146  -5.721  1.00 19.06 ? 251 ARG A CB  1 
ATOM   168 C CG  . ARG A 1 31 ? 2.356   -10.524 -5.076  1.00 22.46 ? 251 ARG A CG  1 
ATOM   169 C CD  . ARG A 1 31 ? 1.618   -11.453 -6.043  1.00 25.72 ? 251 ARG A CD  1 
ATOM   170 N NE  . ARG A 1 31 ? 0.255   -10.965 -6.219  1.00 26.43 ? 251 ARG A NE  1 
ATOM   171 C CZ  . ARG A 1 31 ? -0.787  -11.403 -5.525  1.00 26.36 ? 251 ARG A CZ  1 
ATOM   172 N NH1 . ARG A 1 31 ? -0.646  -12.384 -4.642  1.00 26.60 ? 251 ARG A NH1 1 
ATOM   173 N NH2 . ARG A 1 31 ? -1.978  -10.897 -5.748  1.00 31.88 ? 251 ARG A NH2 1 
ATOM   174 N N   . ILE A 1 32 ? 3.571   -6.089  -6.063  1.00 15.44 ? 252 ILE A N   1 
ATOM   175 C CA  . ILE A 1 32 ? 3.967   -4.992  -6.929  1.00 15.31 ? 252 ILE A CA  1 
ATOM   176 C C   . ILE A 1 32 ? 5.370   -4.574  -6.553  1.00 15.71 ? 252 ILE A C   1 
ATOM   177 O O   . ILE A 1 32 ? 6.237   -4.490  -7.450  1.00 15.49 ? 252 ILE A O   1 
ATOM   178 C CB  . ILE A 1 32 ? 2.994   -3.829  -6.826  1.00 15.14 ? 252 ILE A CB  1 
ATOM   179 C CG1 . ILE A 1 32 ? 1.686   -4.177  -7.470  1.00 15.32 ? 252 ILE A CG1 1 
ATOM   180 C CG2 . ILE A 1 32 ? 3.614   -2.557  -7.556  1.00 15.47 ? 252 ILE A CG2 1 
ATOM   181 C CD1 . ILE A 1 32 ? 0.584   -3.101  -7.238  1.00 17.48 ? 252 ILE A CD1 1 
ATOM   182 N N   . ARG A 1 33 ? 5.694   -4.448  -5.274  1.00 15.94 ? 253 ARG A N   1 
ATOM   183 C CA  . ARG A 1 33 ? 7.046   -4.114  -4.881  1.00 18.51 ? 253 ARG A CA  1 
ATOM   184 C C   . ARG A 1 33 ? 8.017   -5.164  -5.379  1.00 17.42 ? 253 ARG A C   1 
ATOM   185 O O   . ARG A 1 33 ? 9.086   -4.842  -5.954  1.00 18.66 ? 253 ARG A O   1 
ATOM   186 C CB  . ARG A 1 33 ? 7.172   -3.975  -3.383  1.00 19.23 ? 253 ARG A CB  1 
ATOM   187 C CG  . ARG A 1 33 ? 8.614   -3.729  -2.942  1.00 21.35 ? 253 ARG A CG  1 
ATOM   188 C CD  . ARG A 1 33 ? 8.662   -3.574  -1.443  1.00 27.86 ? 253 ARG A CD  1 
ATOM   189 N NE  . ARG A 1 33 ? 8.261   -4.783  -0.720  1.00 35.90 ? 253 ARG A NE  1 
ATOM   190 C CZ  . ARG A 1 33 ? 9.050   -5.824  -0.478  1.00 37.26 ? 253 ARG A CZ  1 
ATOM   191 N NH1 . ARG A 1 33 ? 10.294  -5.834  -0.929  1.00 41.56 ? 253 ARG A NH1 1 
ATOM   192 N NH2 . ARG A 1 33 ? 8.593   -6.873  0.213   1.00 38.97 ? 253 ARG A NH2 1 
ATOM   193 N N   . LEU A 1 34 ? 7.711   -6.438  -5.224  1.00 18.18 ? 254 LEU A N   1 
ATOM   194 C CA  . LEU A 1 34 ? 8.602   -7.495  -5.681  1.00 19.43 ? 254 LEU A CA  1 
ATOM   195 C C   . LEU A 1 34 ? 8.825   -7.464  -7.192  1.00 18.83 ? 254 LEU A C   1 
ATOM   196 O O   . LEU A 1 34 ? 9.937   -7.635  -7.670  1.00 19.57 ? 254 LEU A O   1 
ATOM   197 C CB  . LEU A 1 34 ? 8.083   -8.875  -5.262  1.00 22.43 ? 254 LEU A CB  1 
ATOM   198 C CG  . LEU A 1 34 ? 8.142   -9.112  -3.745  1.00 22.70 ? 254 LEU A CG  1 
ATOM   199 C CD1 . LEU A 1 34 ? 7.428   -10.417 -3.402  1.00 24.79 ? 254 LEU A CD1 1 
ATOM   200 C CD2 . LEU A 1 34 ? 9.564   -9.171  -3.227  1.00 26.94 ? 254 LEU A CD2 1 
ATOM   201 N N   . ALA A 1 35 ? 7.802   -7.174  -7.973  1.00 17.81 ? 255 ALA A N   1 
ATOM   202 C CA  . ALA A 1 35 ? 7.993   -7.036  -9.400  1.00 18.73 ? 255 ALA A CA  1 
ATOM   203 C C   . ALA A 1 35 ? 8.941   -5.888  -9.692  1.00 16.17 ? 255 ALA A C   1 
ATOM   204 O O   . ALA A 1 35 ? 9.782   -6.023  -10.588 1.00 18.02 ? 255 ALA A O   1 
ATOM   205 C CB  . ALA A 1 35 ? 6.684   -6.796  -10.097 1.00 17.95 ? 255 ALA A CB  1 
ATOM   206 N N   . THR A 1 36 ? 8.845   -4.763  -8.968  1.00 17.06 ? 256 THR A N   1 
ATOM   207 C CA  . THR A 1 36 ? 9.742   -3.660  -9.259  1.00 17.16 ? 256 THR A CA  1 
ATOM   208 C C   . THR A 1 36 ? 11.171  -3.988  -8.970  1.00 19.28 ? 256 THR A C   1 
ATOM   209 O O   . THR A 1 36 ? 12.051  -3.421  -9.620  1.00 18.73 ? 256 THR A O   1 
ATOM   210 C CB  . THR A 1 36 ? 9.394   -2.360  -8.481  1.00 17.75 ? 256 THR A CB  1 
ATOM   211 O OG1 . THR A 1 36 ? 9.680   -2.498  -7.079  1.00 18.66 ? 256 THR A OG1 1 
ATOM   212 C CG2 . THR A 1 36 ? 7.956   -1.880  -8.705  1.00 17.90 ? 256 THR A CG2 1 
ATOM   213 N N   . GLU A 1 37 ? 11.425  -4.954  -8.095  1.00 18.29 ? 257 GLU A N   1 
ATOM   214 C CA  . GLU A 1 37 ? 12.804  -5.303  -7.792  1.00 21.03 ? 257 GLU A CA  1 
ATOM   215 C C   . GLU A 1 37 ? 13.463  -6.087  -8.937  1.00 22.53 ? 257 GLU A C   1 
ATOM   216 O O   . GLU A 1 37 ? 14.662  -6.253  -8.945  1.00 24.90 ? 257 GLU A O   1 
ATOM   217 C CB  . GLU A 1 37 ? 12.886  -6.059  -6.448  1.00 24.83 ? 257 GLU A CB  1 
ATOM   218 C CG  . GLU A 1 37 ? 12.476  -5.117  -5.348  1.00 27.06 ? 257 GLU A CG  1 
ATOM   219 C CD  . GLU A 1 37 ? 12.356  -5.703  -3.963  1.00 36.17 ? 257 GLU A CD  1 
ATOM   220 O OE1 . GLU A 1 37 ? 12.595  -6.911  -3.797  1.00 38.26 ? 257 GLU A OE1 1 
ATOM   221 O OE2 . GLU A 1 37 ? 12.015  -4.911  -3.048  1.00 34.66 ? 257 GLU A OE2 1 
ATOM   222 N N   . MET A 1 38 ? 12.692  -6.523  -9.932  1.00 20.36 ? 258 MET A N   1 
ATOM   223 C CA  . MET A 1 38 ? 13.249  -7.171  -11.107 1.00 22.59 ? 258 MET A CA  1 
ATOM   224 C C   . MET A 1 38 ? 13.330  -6.278  -12.295 1.00 21.42 ? 258 MET A C   1 
ATOM   225 O O   . MET A 1 38 ? 13.854  -6.677  -13.339 1.00 22.62 ? 258 MET A O   1 
ATOM   226 C CB  . MET A 1 38 ? 12.404  -8.352  -11.517 1.00 22.81 ? 258 MET A CB  1 
ATOM   227 C CG  . MET A 1 38 ? 12.663  -9.537  -10.673 1.00 23.96 ? 258 MET A CG  1 
ATOM   228 S SD  . MET A 1 38 ? 11.702  -10.997 -11.141 1.00 26.42 ? 258 MET A SD  1 
ATOM   229 C CE  . MET A 1 38 ? 10.104  -10.658 -10.495 1.00 23.74 ? 258 MET A CE  1 
ATOM   230 N N   . MET A 1 39 ? 12.858  -5.049  -12.164 1.00 21.43 ? 259 MET A N   1 
ATOM   231 C CA  . MET A 1 39 ? 12.901  -4.113  -13.295 1.00 21.29 ? 259 MET A CA  1 
ATOM   232 C C   . MET A 1 39 ? 14.319  -3.764  -13.733 1.00 21.77 ? 259 MET A C   1 
ATOM   233 O O   . MET A 1 39 ? 15.277  -3.830  -12.949 1.00 25.03 ? 259 MET A O   1 
ATOM   234 C CB  . MET A 1 39 ? 12.120  -2.823  -12.953 1.00 20.74 ? 259 MET A CB  1 
ATOM   235 C CG  . MET A 1 39 ? 10.634  -3.133  -12.930 1.00 19.44 ? 259 MET A CG  1 
ATOM   236 S SD  . MET A 1 39 ? 9.568   -1.806  -12.334 1.00 20.00 ? 259 MET A SD  1 
ATOM   237 C CE  . MET A 1 39 ? 10.042  -0.498  -13.475 1.00 24.56 ? 259 MET A CE  1 
ATOM   238 N N   . SER A 1 40 ? 14.421  -3.378  -14.982 1.00 22.53 ? 260 SER A N   1 
ATOM   239 C CA  . SER A 1 40 ? 15.704  -3.029  -15.556 1.00 22.69 ? 260 SER A CA  1 
ATOM   240 C C   . SER A 1 40 ? 16.310  -1.790  -14.881 1.00 25.46 ? 260 SER A C   1 
ATOM   241 O O   . SER A 1 40 ? 15.592  -0.928  -14.335 1.00 24.37 ? 260 SER A O   1 
ATOM   242 C CB  . SER A 1 40 ? 15.476  -2.814  -17.023 1.00 23.48 ? 260 SER A CB  1 
ATOM   243 O OG  . SER A 1 40 ? 14.864  -1.576  -17.264 1.00 33.62 ? 260 SER A OG  1 
ATOM   244 N N   . GLU A 1 41 ? 17.638  -1.659  -14.923 1.00 28.67 ? 261 GLU A N   1 
ATOM   245 C CA  . GLU A 1 41 ? 18.286  -0.524  -14.230 1.00 31.14 ? 261 GLU A CA  1 
ATOM   246 C C   . GLU A 1 41 ? 17.890  0.781   -14.872 1.00 27.91 ? 261 GLU A C   1 
ATOM   247 O O   . GLU A 1 41 ? 17.698  1.812   -14.212 1.00 30.24 ? 261 GLU A O   1 
ATOM   248 C CB  . GLU A 1 41 ? 19.805  -0.669  -14.221 1.00 43.56 ? 261 GLU A CB  1 
ATOM   249 C CG  . GLU A 1 41 ? 20.406  -0.920  -15.584 1.00 51.89 ? 261 GLU A CG  1 
ATOM   250 C CD  . GLU A 1 41 ? 21.816  -0.341  -15.730 1.00 59.15 ? 261 GLU A CD  1 
ATOM   251 O OE1 . GLU A 1 41 ? 22.409  0.087   -14.705 1.00 63.23 ? 261 GLU A OE1 1 
ATOM   252 O OE2 . GLU A 1 41 ? 22.320  -0.294  -16.877 1.00 53.81 ? 261 GLU A OE2 1 
ATOM   253 N N   . GLN A 1 42 ? 17.702  0.746   -16.170 1.00 30.42 ? 262 GLN A N   1 
ATOM   254 C CA  . GLN A 1 42 ? 17.322  1.928   -16.883 1.00 30.90 ? 262 GLN A CA  1 
ATOM   255 C C   . GLN A 1 42 ? 15.980  2.426   -16.398 1.00 30.70 ? 262 GLN A C   1 
ATOM   256 O O   . GLN A 1 42 ? 15.672  3.603   -16.546 1.00 31.55 ? 262 GLN A O   1 
ATOM   257 C CB  . GLN A 1 42 ? 17.320  1.637   -18.390 1.00 34.92 ? 262 GLN A CB  1 
ATOM   258 C CG  . GLN A 1 42 ? 18.551  0.815   -18.846 1.00 49.23 ? 262 GLN A CG  1 
ATOM   259 C CD  . GLN A 1 42 ? 19.824  1.649   -18.993 1.00 59.45 ? 262 GLN A CD  1 
ATOM   260 O OE1 . GLN A 1 42 ? 20.649  1.717   -18.071 1.00 64.38 ? 262 GLN A OE1 1 
ATOM   261 N NE2 . GLN A 1 42 ? 19.996  2.275   -20.162 1.00 59.64 ? 262 GLN A NE2 1 
ATOM   262 N N   . ASP A 1 43 ? 15.187  1.539   -15.818 1.00 26.19 ? 263 ASP A N   1 
ATOM   263 C CA  . ASP A 1 43 ? 13.850  1.909   -15.378 1.00 24.39 ? 263 ASP A CA  1 
ATOM   264 C C   . ASP A 1 43 ? 13.774  2.175   -13.867 1.00 21.99 ? 263 ASP A C   1 
ATOM   265 O O   . ASP A 1 43 ? 12.697  2.135   -13.294 1.00 21.23 ? 263 ASP A O   1 
ATOM   266 C CB  . ASP A 1 43 ? 12.860  0.803   -15.731 1.00 23.79 ? 263 ASP A CB  1 
ATOM   267 C CG  . ASP A 1 43 ? 12.493  0.750   -17.226 1.00 37.40 ? 263 ASP A CG  1 
ATOM   268 O OD1 . ASP A 1 43 ? 12.690  1.733   -17.940 1.00 33.18 ? 263 ASP A OD1 1 
ATOM   269 O OD2 . ASP A 1 43 ? 11.908  -0.307  -17.633 1.00 39.62 ? 263 ASP A OD2 1 
ATOM   270 N N   . GLY A 1 44 ? 14.899  2.436   -13.232 1.00 22.87 ? 264 GLY A N   1 
ATOM   271 C CA  . GLY A 1 44 ? 14.934  2.618   -11.789 1.00 22.76 ? 264 GLY A CA  1 
ATOM   272 C C   . GLY A 1 44 ? 13.975  3.696   -11.318 1.00 19.91 ? 264 GLY A C   1 
ATOM   273 O O   . GLY A 1 44 ? 13.380  3.533   -10.254 1.00 20.27 ? 264 GLY A O   1 
ATOM   274 N N   . TYR A 1 45 ? 13.794  4.778   -12.061 1.00 19.76 ? 265 TYR A N   1 
ATOM   275 C CA  . TYR A 1 45 ? 12.899  5.836   -11.607 1.00 19.34 ? 265 TYR A CA  1 
ATOM   276 C C   . TYR A 1 45 ? 11.450  5.417   -11.744 1.00 18.25 ? 265 TYR A C   1 
ATOM   277 O O   . TYR A 1 45 ? 10.622  5.861   -10.967 1.00 18.51 ? 265 TYR A O   1 
ATOM   278 C CB  . TYR A 1 45 ? 13.123  7.091   -12.409 1.00 21.35 ? 265 TYR A CB  1 
ATOM   279 C CG  . TYR A 1 45 ? 14.461  7.701   -12.236 1.00 21.64 ? 265 TYR A CG  1 
ATOM   280 C CD1 . TYR A 1 45 ? 15.149  7.645   -11.028 1.00 24.11 ? 265 TYR A CD1 1 
ATOM   281 C CD2 . TYR A 1 45 ? 15.045  8.367   -13.283 1.00 23.21 ? 265 TYR A CD2 1 
ATOM   282 C CE1 . TYR A 1 45 ? 16.362  8.216   -10.863 1.00 24.47 ? 265 TYR A CE1 1 
ATOM   283 C CE2 . TYR A 1 45 ? 16.278  8.932   -13.136 1.00 25.46 ? 265 TYR A CE2 1 
ATOM   284 C CZ  . TYR A 1 45 ? 16.929  8.872   -11.922 1.00 26.14 ? 265 TYR A CZ  1 
ATOM   285 O OH  . TYR A 1 45 ? 18.172  9.448   -11.791 1.00 28.18 ? 265 TYR A OH  1 
ATOM   286 N N   . LEU A 1 46 ? 11.113  4.528   -12.671 1.00 18.49 ? 266 LEU A N   1 
ATOM   287 C CA  . LEU A 1 46 ? 9.758   3.990   -12.729 1.00 17.69 ? 266 LEU A CA  1 
ATOM   288 C C   . LEU A 1 46 ? 9.521   3.109   -11.524 1.00 16.68 ? 266 LEU A C   1 
ATOM   289 O O   . LEU A 1 46 ? 8.439   3.159   -10.907 1.00 17.02 ? 266 LEU A O   1 
ATOM   290 C CB  . LEU A 1 46 ? 9.541   3.174   -14.002 1.00 18.16 ? 266 LEU A CB  1 
ATOM   291 C CG  . LEU A 1 46 ? 9.678   3.957   -15.301 1.00 20.87 ? 266 LEU A CG  1 
ATOM   292 C CD1 . LEU A 1 46 ? 9.534   3.016   -16.492 1.00 21.37 ? 266 LEU A CD1 1 
ATOM   293 C CD2 . LEU A 1 46 ? 8.633   5.047   -15.418 1.00 21.99 ? 266 LEU A CD2 1 
ATOM   294 N N   . ALA A 1 47 ? 10.507  2.318   -11.131 1.00 16.92 ? 267 ALA A N   1 
ATOM   295 C CA  . ALA A 1 47 ? 10.407  1.484   -9.926  1.00 18.28 ? 267 ALA A CA  1 
ATOM   296 C C   . ALA A 1 47 ? 10.278  2.387   -8.712  1.00 16.19 ? 267 ALA A C   1 
ATOM   297 O O   . ALA A 1 47 ? 9.404   2.136   -7.854  1.00 16.56 ? 267 ALA A O   1 
ATOM   298 C CB  . ALA A 1 47 ? 11.621  0.554   -9.833  1.00 18.92 ? 267 ALA A CB  1 
ATOM   299 N N   . GLU A 1 48 ? 10.982  3.497   -8.649  1.00 17.05 ? 268 GLU A N   1 
ATOM   300 C CA  . GLU A 1 48 ? 10.857  4.405   -7.505  1.00 17.91 ? 268 GLU A CA  1 
ATOM   301 C C   . GLU A 1 48 ? 9.480   5.014   -7.478  1.00 16.85 ? 268 GLU A C   1 
ATOM   302 O O   . GLU A 1 48 ? 8.835   5.144   -6.407  1.00 17.60 ? 268 GLU A O   1 
ATOM   303 C CB  . GLU A 1 48 ? 11.887  5.521   -7.570  1.00 21.24 ? 268 GLU A CB  1 
ATOM   304 C CG  . GLU A 1 48 ? 13.267  5.054   -7.304  1.00 24.02 ? 268 GLU A CG  1 
ATOM   305 C CD  . GLU A 1 48 ? 14.220  6.240   -7.083  1.00 25.53 ? 268 GLU A CD  1 
ATOM   306 O OE1 . GLU A 1 48 ? 13.871  7.147   -6.278  1.00 28.84 ? 268 GLU A OE1 1 
ATOM   307 O OE2 . GLU A 1 48 ? 15.307  6.269   -7.703  1.00 28.81 ? 268 GLU A OE2 1 
ATOM   308 N N   . SER A 1 49 ? 8.947   5.430   -8.618  1.00 17.44 ? 269 SER A N   1 
ATOM   309 C CA  . SER A 1 49 ? 7.612   6.029   -8.680  1.00 18.15 ? 269 SER A CA  1 
ATOM   310 C C   . SER A 1 49 ? 6.540   5.057   -8.199  1.00 15.15 ? 269 SER A C   1 
ATOM   311 O O   . SER A 1 49 ? 5.673   5.394   -7.394  1.00 16.85 ? 269 SER A O   1 
ATOM   312 C CB  . SER A 1 49 ? 7.356   6.481   -10.120 1.00 18.37 ? 269 SER A CB  1 
ATOM   313 O OG  . SER A 1 49 ? 6.079   7.105   -10.207 1.00 19.68 ? 269 SER A OG  1 
ATOM   314 N N   . ILE A 1 50 ? 6.642   3.822   -8.608  1.00 15.36 ? 270 ILE A N   1 
ATOM   315 C CA  . ILE A 1 50 ? 5.668   2.807   -8.255  1.00 15.70 ? 270 ILE A CA  1 
ATOM   316 C C   . ILE A 1 50 ? 5.748   2.577   -6.765  1.00 15.46 ? 270 ILE A C   1 
ATOM   317 O O   . ILE A 1 50 ? 4.674   2.509   -6.081  1.00 15.29 ? 270 ILE A O   1 
ATOM   318 C CB  . ILE A 1 50 ? 5.928   1.508   -9.059  1.00 15.39 ? 270 ILE A CB  1 
ATOM   319 C CG1 . ILE A 1 50 ? 5.521   1.725   -10.505 1.00 15.56 ? 270 ILE A CG1 1 
ATOM   320 C CG2 . ILE A 1 50 ? 5.151   0.321   -8.465  1.00 15.27 ? 270 ILE A CG2 1 
ATOM   321 C CD1 . ILE A 1 50 ? 6.006   0.629   -11.455 1.00 17.36 ? 270 ILE A CD1 1 
ATOM   322 N N   . ASN A 1 51 ? 6.931   2.509   -6.165  1.00 17.09 ? 271 ASN A N   1 
ATOM   323 C CA  . ASN A 1 51 ? 6.998   2.307   -4.720  1.00 17.77 ? 271 ASN A CA  1 
ATOM   324 C C   . ASN A 1 51 ? 6.551   3.525   -3.957  1.00 16.73 ? 271 ASN A C   1 
ATOM   325 O O   . ASN A 1 51 ? 5.945   3.365   -2.866  1.00 17.51 ? 271 ASN A O   1 
ATOM   326 C CB  . ASN A 1 51 ? 8.393   1.863   -4.335  1.00 17.78 ? 271 ASN A CB  1 
ATOM   327 C CG  . ASN A 1 51 ? 8.605   0.399   -4.659  1.00 18.04 ? 271 ASN A CG  1 
ATOM   328 O OD1 . ASN A 1 51 ? 8.031   -0.479  -4.005  1.00 22.39 ? 271 ASN A OD1 1 
ATOM   329 N ND2 . ASN A 1 51 ? 9.348   0.108   -5.685  1.00 20.05 ? 271 ASN A ND2 1 
ATOM   330 N N   . LYS A 1 52 ? 6.704   4.725   -4.475  1.00 16.46 ? 272 LYS A N   1 
ATOM   331 C CA  . LYS A 1 52 ? 6.125   5.933   -3.844  1.00 19.69 ? 272 LYS A CA  1 
ATOM   332 C C   . LYS A 1 52 ? 4.610   5.813   -3.871  1.00 17.98 ? 272 LYS A C   1 
ATOM   333 O O   . LYS A 1 52 ? 3.955   6.167   -2.896  1.00 18.20 ? 272 LYS A O   1 
ATOM   334 C CB  . LYS A 1 52 ? 6.591   7.196   -4.567  1.00 20.39 ? 272 LYS A CB  1 
ATOM   335 C CG  . LYS A 1 52 ? 6.130   8.481   -3.979  1.00 27.27 ? 272 LYS A CG  1 
ATOM   336 C CD  . LYS A 1 52 ? 6.750   8.694   -2.601  1.00 46.93 ? 272 LYS A CD  1 
ATOM   337 C CE  . LYS A 1 52 ? 6.669   10.164  -2.124  1.00 49.80 ? 272 LYS A CE  1 
ATOM   338 N NZ  . LYS A 1 52 ? 5.275   10.722  -2.016  1.00 49.09 ? 272 LYS A NZ  1 
ATOM   339 N N   . ASP A 1 53 ? 4.034   5.273   -4.919  1.00 17.34 ? 273 ASP A N   1 
ATOM   340 C CA  . ASP A 1 53 ? 2.580   5.139   -4.987  1.00 18.79 ? 273 ASP A CA  1 
ATOM   341 C C   . ASP A 1 53 ? 2.078   4.012   -4.101  1.00 15.91 ? 273 ASP A C   1 
ATOM   342 O O   . ASP A 1 53 ? 0.981   4.171   -3.536  1.00 16.31 ? 273 ASP A O   1 
ATOM   343 C CB  . ASP A 1 53 ? 2.153   4.958   -6.422  1.00 18.65 ? 273 ASP A CB  1 
ATOM   344 C CG  . ASP A 1 53 ? 2.253   6.291   -7.161  1.00 25.76 ? 273 ASP A CG  1 
ATOM   345 O OD1 . ASP A 1 53 ? 1.921   7.333   -6.515  1.00 31.50 ? 273 ASP A OD1 1 
ATOM   346 O OD2 . ASP A 1 53 ? 2.597   6.312   -8.303  1.00 30.84 ? 273 ASP A OD2 1 
ATOM   347 N N   . ILE A 1 54 ? 2.832   2.962   -3.869  1.00 16.22 ? 274 ILE A N   1 
ATOM   348 C CA  . ILE A 1 54 ? 2.475   1.965   -2.843  1.00 16.02 ? 274 ILE A CA  1 
ATOM   349 C C   . ILE A 1 54 ? 2.457   2.651   -1.478  1.00 16.42 ? 274 ILE A C   1 
ATOM   350 O O   . ILE A 1 54 ? 1.512   2.466   -0.652  1.00 16.77 ? 274 ILE A O   1 
ATOM   351 C CB  . ILE A 1 54 ? 3.451   0.803   -2.814  1.00 16.72 ? 274 ILE A CB  1 
ATOM   352 C CG1 . ILE A 1 54 ? 3.337   0.008   -4.116  1.00 16.36 ? 274 ILE A CG1 1 
ATOM   353 C CG2 . ILE A 1 54 ? 3.275   -0.101  -1.568  1.00 17.06 ? 274 ILE A CG2 1 
ATOM   354 C CD1 . ILE A 1 54 ? 4.419   -1.074  -4.262  1.00 18.51 ? 274 ILE A CD1 1 
ATOM   355 N N   . GLU A 1 55 ? 3.441   3.466   -1.179  1.00 15.92 ? 275 GLU A N   1 
ATOM   356 C CA  . GLU A 1 55 ? 3.450   4.200   0.091   1.00 19.98 ? 275 GLU A CA  1 
ATOM   357 C C   . GLU A 1 55 ? 2.268   5.130   0.201   1.00 18.48 ? 275 GLU A C   1 
ATOM   358 O O   . GLU A 1 55 ? 1.719   5.241   1.262   1.00 18.68 ? 275 GLU A O   1 
ATOM   359 C CB  . GLU A 1 55 ? 4.735   5.029   0.197   1.00 23.64 ? 275 GLU A CB  1 
ATOM   360 C CG  . GLU A 1 55 ? 6.013   4.249   0.274   1.00 29.59 ? 275 GLU A CG  1 
ATOM   361 C CD  . GLU A 1 55 ? 7.194   5.220   0.362   1.00 47.15 ? 275 GLU A CD  1 
ATOM   362 O OE1 . GLU A 1 55 ? 7.414   5.826   1.436   1.00 53.58 ? 275 GLU A OE1 1 
ATOM   363 O OE2 . GLU A 1 55 ? 7.889   5.423   -0.654  1.00 57.84 ? 275 GLU A OE2 1 
ATOM   364 N N   . GLU A 1 56 ? 1.824   5.748   -0.867  1.00 17.88 ? 276 GLU A N   1 
ATOM   365 C CA  . GLU A 1 56 ? 0.681   6.624   -0.817  1.00 18.70 ? 276 GLU A CA  1 
ATOM   366 C C   . GLU A 1 56 ? -0.590  5.787   -0.609  1.00 16.22 ? 276 GLU A C   1 
ATOM   367 O O   . GLU A 1 56 ? -1.470  6.246   0.128   1.00 18.09 ? 276 GLU A O   1 
ATOM   368 C CB  . GLU A 1 56 ? 0.606   7.468   -2.103  1.00 18.91 ? 276 GLU A CB  1 
ATOM   369 C CG  . GLU A 1 56 ? -0.702  8.276   -2.213  1.00 23.47 ? 276 GLU A CG  1 
ATOM   370 C CD  . GLU A 1 56 ? -0.797  9.380   -1.238  1.00 34.75 ? 276 GLU A CD  1 
ATOM   371 O OE1 . GLU A 1 56 ? 0.122   9.574   -0.402  1.00 35.94 ? 276 GLU A OE1 1 
ATOM   372 O OE2 . GLU A 1 56 ? -1.824  10.079  -1.321  1.00 37.34 ? 276 GLU A OE2 1 
ATOM   373 N N   . CYS A 1 57 ? -0.694  4.585   -1.155  1.00 16.82 ? 277 CYS A N   1 
ATOM   374 C CA  . CYS A 1 57 ? -1.835  3.725   -0.843  1.00 18.66 ? 277 CYS A CA  1 
ATOM   375 C C   . CYS A 1 57 ? -1.899  3.490   0.650   1.00 16.69 ? 277 CYS A C   1 
ATOM   376 O O   . CYS A 1 57 ? -2.969  3.590   1.267   1.00 17.34 ? 277 CYS A O   1 
ATOM   377 C CB  . CYS A 1 57 ? -1.742  2.372   -1.531  1.00 17.41 ? 277 CYS A CB  1 
ATOM   378 S SG  . CYS A 1 57 ? -1.981  2.459   -3.337  1.00 17.37 ? 277 CYS A SG  1 
ATOM   379 N N   . ASN A 1 58 ? -0.768  3.200   1.270   1.00 17.07 ? 278 ASN A N   1 
ATOM   380 C CA  . ASN A 1 58 ? -0.744  2.983   2.692   1.00 19.07 ? 278 ASN A CA  1 
ATOM   381 C C   . ASN A 1 58 ? -1.004  4.243   3.467   1.00 17.91 ? 278 ASN A C   1 
ATOM   382 O O   . ASN A 1 58 ? -1.686  4.198   4.513   1.00 18.99 ? 278 ASN A O   1 
ATOM   383 C CB  . ASN A 1 58 ? 0.570   2.363   3.101   1.00 21.73 ? 278 ASN A CB  1 
ATOM   384 C CG  . ASN A 1 58 ? 0.647   0.913   2.685   1.00 24.10 ? 278 ASN A CG  1 
ATOM   385 O OD1 . ASN A 1 58 ? -0.338  0.174   2.724   1.00 29.45 ? 278 ASN A OD1 1 
ATOM   386 N ND2 . ASN A 1 58 ? 1.823   0.509   2.325   1.00 30.21 ? 278 ASN A ND2 1 
ATOM   387 N N   . ALA A 1 59 ? -0.599  5.404   2.980   1.00 19.37 ? 279 ALA A N   1 
ATOM   388 C CA  . ALA A 1 59 ? -0.865  6.661   3.667   1.00 21.05 ? 279 ALA A CA  1 
ATOM   389 C C   . ALA A 1 59 ? -2.373  7.007   3.608   1.00 19.59 ? 279 ALA A C   1 
ATOM   390 O O   . ALA A 1 59 ? -2.934  7.492   4.551   1.00 21.17 ? 279 ALA A O   1 
ATOM   391 C CB  . ALA A 1 59 ? 0.004   7.806   3.027   1.00 22.60 ? 279 ALA A CB  1 
ATOM   392 N N   . ILE A 1 60 ? -3.045  6.631   2.529   1.00 19.70 ? 280 ILE A N   1 
ATOM   393 C CA  . ILE A 1 60 ? -4.471  6.827   2.379   1.00 22.35 ? 280 ILE A CA  1 
ATOM   394 C C   . ILE A 1 60 ? -5.221  5.980   3.402   1.00 21.06 ? 280 ILE A C   1 
ATOM   395 O O   . ILE A 1 60 ? -6.069  6.472   4.145   1.00 21.41 ? 280 ILE A O   1 
ATOM   396 C CB  . ILE A 1 60 ? -4.902  6.481   0.944   1.00 19.41 ? 280 ILE A CB  1 
ATOM   397 C CG1 . ILE A 1 60 ? -4.486  7.613   0.026   1.00 20.48 ? 280 ILE A CG1 1 
ATOM   398 C CG2 . ILE A 1 60 ? -6.430  6.254   0.879   1.00 21.71 ? 280 ILE A CG2 1 
ATOM   399 C CD1 . ILE A 1 60 ? -4.509  7.195   -1.456  1.00 22.68 ? 280 ILE A CD1 1 
ATOM   400 N N   . ILE A 1 61 ? -4.857  4.702   3.500   1.00 20.48 ? 281 ILE A N   1 
ATOM   401 C CA  . ILE A 1 61 ? -5.472  3.831   4.517   1.00 21.32 ? 281 ILE A CA  1 
ATOM   402 C C   . ILE A 1 61 ? -5.237  4.374   5.913   1.00 20.74 ? 281 ILE A C   1 
ATOM   403 O O   . ILE A 1 61 ? -6.167  4.397   6.728   1.00 21.73 ? 281 ILE A O   1 
ATOM   404 C CB  . ILE A 1 61 ? -4.937  2.408   4.412   1.00 20.69 ? 281 ILE A CB  1 
ATOM   405 C CG1 . ILE A 1 61 ? -5.242  1.790   3.035   1.00 23.32 ? 281 ILE A CG1 1 
ATOM   406 C CG2 . ILE A 1 61 ? -5.481  1.525   5.515   1.00 23.51 ? 281 ILE A CG2 1 
ATOM   407 C CD1 . ILE A 1 61 ? -6.710  1.854   2.673   1.00 26.67 ? 281 ILE A CD1 1 
ATOM   408 N N   . GLU A 1 62 ? -4.027  4.823   6.227   1.00 20.95 ? 282 GLU A N   1 
ATOM   409 C CA  . GLU A 1 62 ? -3.740  5.443   7.518   1.00 23.28 ? 282 GLU A CA  1 
ATOM   410 C C   . GLU A 1 62 ? -4.596  6.664   7.764   1.00 24.33 ? 282 GLU A C   1 
ATOM   411 O O   . GLU A 1 62 ? -5.034  6.890   8.877   1.00 24.76 ? 282 GLU A O   1 
ATOM   412 C CB  . GLU A 1 62 ? -2.237  5.834   7.571   1.00 22.38 ? 282 GLU A CB  1 
ATOM   413 C CG  . GLU A 1 62 ? -1.820  6.751   8.728   1.00 25.78 ? 282 GLU A CG  1 
ATOM   414 C CD  . GLU A 1 62 ? -1.951  6.155   10.128  1.00 28.77 ? 282 GLU A CD  1 
ATOM   415 O OE1 . GLU A 1 62 ? -2.048  4.915   10.279  1.00 31.04 ? 282 GLU A OE1 1 
ATOM   416 O OE2 . GLU A 1 62 ? -1.906  6.963   11.056  1.00 30.79 ? 282 GLU A OE2 1 
ATOM   417 N N   . GLN A 1 63 ? -4.880  7.445   6.729   1.00 23.36 ? 283 GLN A N   1 
ATOM   418 C CA  . GLN A 1 63 ? -5.710  8.615   6.916   1.00 27.45 ? 283 GLN A CA  1 
ATOM   419 C C   . GLN A 1 63 ? -7.142  8.205   7.332   1.00 24.96 ? 283 GLN A C   1 
ATOM   420 O O   . GLN A 1 63 ? -7.740  8.814   8.224   1.00 28.96 ? 283 GLN A O   1 
ATOM   421 C CB  . GLN A 1 63 ? -5.699  9.446   5.632   1.00 29.84 ? 283 GLN A CB  1 
ATOM   422 C CG  . GLN A 1 63 ? -4.789  10.659  5.706   1.00 44.97 ? 283 GLN A CG  1 
ATOM   423 C CD  . GLN A 1 63 ? -5.364  11.788  6.584   1.00 50.49 ? 283 GLN A CD  1 
ATOM   424 O OE1 . GLN A 1 63 ? -6.456  11.672  7.158   1.00 57.40 ? 283 GLN A OE1 1 
ATOM   425 N NE2 . GLN A 1 63 ? -4.631  12.900  6.680   1.00 52.92 ? 283 GLN A NE2 1 
ATOM   426 N N   . PHE A 1 64 ? -7.676  7.149   6.701   1.00 24.45 ? 284 PHE A N   1 
ATOM   427 C CA  . PHE A 1 64 ? -9.015  6.644   7.054   1.00 25.37 ? 284 PHE A CA  1 
ATOM   428 C C   . PHE A 1 64 ? -9.026  6.024   8.450   1.00 25.25 ? 284 PHE A C   1 
ATOM   429 O O   . PHE A 1 64 ? -9.956  6.249   9.184   1.00 28.40 ? 284 PHE A O   1 
ATOM   430 C CB  . PHE A 1 64 ? -9.489  5.614   6.029   1.00 26.51 ? 284 PHE A CB  1 
ATOM   431 C CG  . PHE A 1 64 ? -10.110 6.234   4.799   1.00 26.86 ? 284 PHE A CG  1 
ATOM   432 C CD1 . PHE A 1 64 ? -9.323  6.587   3.703   1.00 27.68 ? 284 PHE A CD1 1 
ATOM   433 C CD2 . PHE A 1 64 ? -11.467 6.433   4.713   1.00 30.83 ? 284 PHE A CD2 1 
ATOM   434 C CE1 . PHE A 1 64 ? -9.896  7.166   2.590   1.00 30.47 ? 284 PHE A CE1 1 
ATOM   435 C CE2 . PHE A 1 64 ? -12.035 7.014   3.601   1.00 32.57 ? 284 PHE A CE2 1 
ATOM   436 C CZ  . PHE A 1 64 ? -11.238 7.359   2.521   1.00 30.76 ? 284 PHE A CZ  1 
ATOM   437 N N   . ILE A 1 65 ? -8.030  5.221   8.805   1.00 25.41 ? 285 ILE A N   1 
ATOM   438 C CA  . ILE A 1 65 ? -7.936  4.791   10.205  1.00 23.44 ? 285 ILE A CA  1 
ATOM   439 C C   . ILE A 1 65 ? -7.834  5.936   11.196  1.00 29.24 ? 285 ILE A C   1 
ATOM   440 O O   . ILE A 1 65 ? -8.449  5.874   12.224  1.00 28.86 ? 285 ILE A O   1 
ATOM   441 C CB  . ILE A 1 65 ? -6.695  3.838   10.356  1.00 24.57 ? 285 ILE A CB  1 
ATOM   442 C CG1 . ILE A 1 65 ? -6.874  2.541   9.582   1.00 31.02 ? 285 ILE A CG1 1 
ATOM   443 C CG2 . ILE A 1 65 ? -6.413  3.523   11.860  1.00 29.37 ? 285 ILE A CG2 1 
ATOM   444 C CD1 . ILE A 1 65 ? -7.331  1.353   10.513  1.00 33.05 ? 285 ILE A CD1 1 
ATOM   445 N N   . ASP A 1 66 ? -7.065  6.970   10.885  1.00 28.73 ? 286 ASP A N   1 
ATOM   446 C CA  . ASP A 1 66 ? -6.922  8.098   11.787  1.00 30.95 ? 286 ASP A CA  1 
ATOM   447 C C   . ASP A 1 66 ? -8.258  8.834   11.995  1.00 32.91 ? 286 ASP A C   1 
ATOM   448 O O   . ASP A 1 66 ? -8.521  9.332   13.080  1.00 37.04 ? 286 ASP A O   1 
ATOM   449 C CB  . ASP A 1 66 ? -5.873  9.073   11.264  1.00 32.73 ? 286 ASP A CB  1 
ATOM   450 C CG  . ASP A 1 66 ? -5.419  10.058  12.306  1.00 37.81 ? 286 ASP A CG  1 
ATOM   451 O OD1 . ASP A 1 66 ? -5.009  9.650   13.414  1.00 38.34 ? 286 ASP A OD1 1 
ATOM   452 O OD2 . ASP A 1 66 ? -5.506  11.280  12.071  1.00 47.69 ? 286 ASP A OD2 1 
ATOM   453 N N   . TYR A 1 67 ? -9.084  8.874   10.943  1.00 32.58 ? 287 TYR A N   1 
ATOM   454 C CA  . TYR A 1 67 ? -10.437 9.464   10.970  1.00 34.74 ? 287 TYR A CA  1 
ATOM   455 C C   . TYR A 1 67 ? -11.358 8.729   11.945  1.00 35.43 ? 287 TYR A C   1 
ATOM   456 O O   . TYR A 1 67 ? -12.316 9.288   12.464  1.00 41.16 ? 287 TYR A O   1 
ATOM   457 C CB  . TYR A 1 67 ? -11.040 9.442   9.560   1.00 36.46 ? 287 TYR A CB  1 
ATOM   458 C CG  . TYR A 1 67 ? -12.520 9.712   9.483   1.00 44.96 ? 287 TYR A CG  1 
ATOM   459 C CD1 . TYR A 1 67 ? -13.014 10.991  9.655   1.00 51.02 ? 287 TYR A CD1 1 
ATOM   460 C CD2 . TYR A 1 67 ? -13.428 8.675   9.246   1.00 47.31 ? 287 TYR A CD2 1 
ATOM   461 C CE1 . TYR A 1 67 ? -14.371 11.242  9.586   1.00 54.02 ? 287 TYR A CE1 1 
ATOM   462 C CE2 . TYR A 1 67 ? -14.796 8.914   9.186   1.00 50.24 ? 287 TYR A CE2 1 
ATOM   463 C CZ  . TYR A 1 67 ? -15.254 10.196  9.348   1.00 56.77 ? 287 TYR A CZ  1 
ATOM   464 O OH  . TYR A 1 67 ? -16.610 10.449  9.291   1.00 57.99 ? 287 TYR A OH  1 
ATOM   465 N N   . LEU A 1 68 ? -11.054 7.461   12.173  1.00 36.54 ? 288 LEU A N   1 
ATOM   466 C CA  . LEU A 1 68 ? -11.846 6.610   13.042  1.00 36.34 ? 288 LEU A CA  1 
ATOM   467 C C   . LEU A 1 68 ? -11.275 6.497   14.443  1.00 37.58 ? 288 LEU A C   1 
ATOM   468 O O   . LEU A 1 68 ? -11.900 5.872   15.309  1.00 39.08 ? 288 LEU A O   1 
ATOM   469 C CB  . LEU A 1 68 ? -11.954 5.222   12.437  1.00 36.77 ? 288 LEU A CB  1 
ATOM   470 C CG  . LEU A 1 68 ? -12.625 5.119   11.077  1.00 37.40 ? 288 LEU A CG  1 
ATOM   471 C CD1 . LEU A 1 68 ? -12.518 3.699   10.556  1.00 37.08 ? 288 LEU A CD1 1 
ATOM   472 C CD2 . LEU A 1 68 ? -14.078 5.513   11.249  1.00 43.24 ? 288 LEU A CD2 1 
ATOM   473 N N   . ARG A 1 69 ? -10.094 7.067   14.686  1.00 40.45 ? 289 ARG A N   1 
ATOM   474 C CA  . ARG A 1 69 ? -9.509  7.063   16.037  1.00 45.24 ? 289 ARG A CA  1 
ATOM   475 C C   . ARG A 1 69 ? -10.244 8.063   16.914  1.00 49.66 ? 289 ARG A C   1 
ATOM   476 O O   . ARG A 1 69 ? -10.890 8.991   16.416  1.00 49.83 ? 289 ARG A O   1 
ATOM   477 C CB  . ARG A 1 69 ? -8.003  7.386   16.010  1.00 40.82 ? 289 ARG A CB  1 
ATOM   478 C CG  . ARG A 1 69 ? -7.117  6.331   15.345  1.00 35.89 ? 289 ARG A CG  1 
ATOM   479 C CD  . ARG A 1 69 ? -5.634  6.705   15.368  1.00 34.06 ? 289 ARG A CD  1 
ATOM   480 N NE  . ARG A 1 69 ? -4.844  5.652   14.723  1.00 31.53 ? 289 ARG A NE  1 
ATOM   481 C CZ  . ARG A 1 69 ? -4.013  5.837   13.704  1.00 29.00 ? 289 ARG A CZ  1 
ATOM   482 N NH1 . ARG A 1 69 ? -3.827  7.036   13.155  1.00 32.25 ? 289 ARG A NH1 1 
ATOM   483 N NH2 . ARG A 1 69 ? -3.368  4.806   13.177  1.00 29.95 ? 289 ARG A NH2 1 
HETATM 484 O O   . HOH B 2 .  ? 9.078   4.563   -1.873  1.00 37.76 ? 301 HOH A O   1 
HETATM 485 O O   . HOH B 2 .  ? 0.331   11.272  1.223   1.00 63.31 ? 302 HOH A O   1 
HETATM 486 O O   . HOH B 2 .  ? -20.302 -5.585  10.465  1.00 63.41 ? 303 HOH A O   1 
HETATM 487 O O   . HOH B 2 .  ? 12.719  -9.334  -4.314  1.00 50.81 ? 304 HOH A O   1 
HETATM 488 O O   . HOH B 2 .  ? 2.408   9.131   0.593   1.00 40.62 ? 305 HOH A O   1 
HETATM 489 O O   . HOH B 2 .  ? -2.363  -0.022  4.948   1.00 26.44 ? 306 HOH A O   1 
HETATM 490 O O   . HOH B 2 .  ? -2.048  -4.232  7.479   1.00 43.74 ? 307 HOH A O   1 
HETATM 491 O O   . HOH B 2 .  ? 12.594  -8.332  -1.619  1.00 46.15 ? 308 HOH A O   1 
HETATM 492 O O   . HOH B 2 .  ? 16.521  4.636   -9.354  1.00 39.17 ? 309 HOH A O   1 
HETATM 493 O O   . HOH B 2 .  ? -14.256 2.365   14.771  1.00 50.65 ? 310 HOH A O   1 
HETATM 494 O O   . HOH B 2 .  ? 16.444  -4.842  -10.818 1.00 38.48 ? 311 HOH A O   1 
HETATM 495 O O   . HOH B 2 .  ? -14.339 4.894   15.485  1.00 67.51 ? 312 HOH A O   1 
HETATM 496 O O   . HOH B 2 .  ? 11.724  1.881   -20.394 1.00 28.02 ? 313 HOH A O   1 
HETATM 497 O O   . HOH B 2 .  ? -2.737  -10.159 3.178   1.00 30.45 ? 314 HOH A O   1 
HETATM 498 O O   . HOH B 2 .  ? -11.144 -9.449  4.549   1.00 56.94 ? 315 HOH A O   1 
HETATM 499 O O   . HOH B 2 .  ? -9.602  10.935  14.908  1.00 44.56 ? 316 HOH A O   1 
HETATM 500 O O   . HOH B 2 .  ? -3.216  10.282  -3.594  1.00 41.92 ? 317 HOH A O   1 
HETATM 501 O O   . HOH B 2 .  ? 4.037   5.317   -10.326 1.00 21.46 ? 318 HOH A O   1 
HETATM 502 O O   . HOH B 2 .  ? 14.821  5.422   -14.766 1.00 31.74 ? 319 HOH A O   1 
HETATM 503 O O   . HOH B 2 .  ? 0.697   -2.310  2.393   1.00 39.40 ? 320 HOH A O   1 
HETATM 504 O O   . HOH B 2 .  ? -1.382  9.592   10.649  1.00 43.36 ? 321 HOH A O   1 
HETATM 505 O O   . HOH B 2 .  ? -1.644  9.235   6.180   1.00 30.99 ? 322 HOH A O   1 
HETATM 506 O O   . HOH B 2 .  ? 15.251  -0.594  -11.631 1.00 29.05 ? 323 HOH A O   1 
HETATM 507 O O   . HOH B 2 .  ? 11.580  -9.731  -6.950  1.00 32.68 ? 324 HOH A O   1 
HETATM 508 O O   . HOH B 2 .  ? -6.322  10.599  15.647  1.00 49.17 ? 325 HOH A O   1 
HETATM 509 O O   . HOH B 2 .  ? 4.776   8.446   -8.140  1.00 26.96 ? 326 HOH A O   1 
HETATM 510 O O   . HOH B 2 .  ? 24.981  -0.308  -15.723 1.00 66.91 ? 327 HOH A O   1 
HETATM 511 O O   . HOH B 2 .  ? -5.331  -10.355 0.033   1.00 33.39 ? 328 HOH A O   1 
HETATM 512 O O   . HOH B 2 .  ? 11.462  8.569   -6.554  1.00 40.82 ? 329 HOH A O   1 
HETATM 513 O O   . HOH B 2 .  ? 14.735  -2.580  -9.656  1.00 30.72 ? 330 HOH A O   1 
HETATM 514 O O   . HOH B 2 .  ? 12.183  -1.540  -6.200  1.00 26.46 ? 331 HOH A O   1 
HETATM 515 O O   . HOH B 2 .  ? 10.386  4.933   -4.041  1.00 24.52 ? 332 HOH A O   1 
HETATM 516 O O   . HOH B 2 .  ? 12.375  4.551   -18.181 1.00 29.33 ? 333 HOH A O   1 
HETATM 517 O O   . HOH B 2 .  ? 4.252   -8.195  2.942   1.00 50.44 ? 334 HOH A O   1 
HETATM 518 O O   . HOH B 2 .  ? 12.998  -4.912  -0.375  1.00 63.75 ? 335 HOH A O   1 
HETATM 519 O O   . HOH B 2 .  ? -2.533  -13.123 7.758   1.00 43.12 ? 336 HOH A O   1 
HETATM 520 O O   . HOH B 2 .  ? -0.362  -10.967 4.930   1.00 65.56 ? 337 HOH A O   1 
HETATM 521 O O   . HOH B 2 .  ? 3.020   5.386   3.806   1.00 33.56 ? 338 HOH A O   1 
HETATM 522 O O   . HOH B 2 .  ? 2.412   -10.812 -1.493  1.00 28.98 ? 339 HOH A O   1 
HETATM 523 O O   . HOH B 2 .  ? 19.367  10.189  -14.291 1.00 31.61 ? 340 HOH A O   1 
HETATM 524 O O   . HOH B 2 .  ? -9.285  -9.316  5.978   1.00 49.05 ? 341 HOH A O   1 
HETATM 525 O O   . HOH B 2 .  ? 11.997  -2.051  -3.474  1.00 34.12 ? 342 HOH A O   1 
HETATM 526 O O   . HOH B 2 .  ? -4.130  -4.776  9.441   1.00 26.76 ? 343 HOH A O   1 
HETATM 527 O O   . HOH B 2 .  ? -9.271  3.714   13.967  1.00 39.42 ? 344 HOH A O   1 
HETATM 528 O O   . HOH B 2 .  ? -1.301  -2.768  3.040   1.00 29.00 ? 345 HOH A O   1 
HETATM 529 O O   . HOH B 2 .  ? 19.106  -3.921  -16.087 1.00 38.95 ? 346 HOH A O   1 
HETATM 530 O O   . HOH B 2 .  ? 18.987  2.521   -11.652 1.00 48.27 ? 347 HOH A O   1 
HETATM 531 O O   . HOH B 2 .  ? -14.172 -1.531  14.601  1.00 39.21 ? 348 HOH A O   1 
HETATM 532 O O   . HOH B 2 .  ? -12.200 -6.727  8.483   1.00 44.75 ? 349 HOH A O   1 
HETATM 533 O O   . HOH B 2 .  ? 5.615   -4.341  0.726   1.00 40.44 ? 350 HOH A O   1 
HETATM 534 O O   . HOH B 2 .  ? 14.597  1.738   -8.093  1.00 33.50 ? 351 HOH A O   1 
HETATM 535 O O   . HOH B 2 .  ? 1.815   -13.261 -3.038  1.00 38.16 ? 352 HOH A O   1 
HETATM 536 O O   . HOH B 2 .  ? -16.907 2.020   14.127  1.00 52.55 ? 353 HOH A O   1 
HETATM 537 O O   . HOH B 2 .  ? 11.906  7.214   -3.800  1.00 35.53 ? 354 HOH A O   1 
HETATM 538 O O   . HOH B 2 .  ? 4.390   -1.375  2.130   1.00 43.20 ? 355 HOH A O   1 
HETATM 539 O O   . HOH B 2 .  ? 0.429   6.222   13.183  1.00 69.10 ? 356 HOH A O   1 
HETATM 540 O O   . HOH B 2 .  ? 12.295  1.315   -6.385  1.00 25.83 ? 357 HOH A O   1 
HETATM 541 O O   . HOH B 2 .  ? 1.625   -10.325 3.760   1.00 60.91 ? 358 HOH A O   1 
HETATM 542 O O   . HOH B 2 .  ? 17.011  1.477   -21.321 1.00 40.96 ? 359 HOH A O   1 
HETATM 543 O O   . HOH B 2 .  ? -2.252  10.241  1.953   1.00 66.34 ? 360 HOH A O   1 
HETATM 544 O O   . HOH B 2 .  ? 9.210   2.364   -0.909  1.00 50.06 ? 361 HOH A O   1 
HETATM 545 O O   . HOH B 2 .  ? 2.623   -3.683  1.403   1.00 38.54 ? 362 HOH A O   1 
HETATM 546 O O   . HOH B 2 .  ? -2.852  10.475  8.300   1.00 36.61 ? 363 HOH A O   1 
HETATM 547 O O   . HOH B 2 .  ? 14.345  5.929   -3.098  1.00 50.85 ? 364 HOH A O   1 
HETATM 548 O O   . HOH B 2 .  ? -4.976  -11.972 2.514   1.00 61.49 ? 365 HOH A O   1 
HETATM 549 O O   . HOH B 2 .  ? 2.811   -10.180 1.864   1.00 55.33 ? 366 HOH A O   1 
HETATM 550 O O   . HOH B 2 .  ? 17.586  4.893   -12.035 1.00 45.77 ? 367 HOH A O   1 
HETATM 551 O O   . HOH B 2 .  ? 6.988   -3.110  2.434   1.00 64.07 ? 368 HOH A O   1 
HETATM 552 O O   . HOH B 2 .  ? 3.765   7.937   3.017   1.00 55.69 ? 369 HOH A O   1 
HETATM 553 O O   . HOH B 2 .  ? 11.257  0.606   -2.248  1.00 44.01 ? 370 HOH A O   1 
HETATM 554 O O   . HOH B 2 .  ? -6.431  -13.288 3.515   1.00 60.54 ? 371 HOH A O   1 
HETATM 555 O O   . HOH B 2 .  ? 11.955  2.675   -4.004  1.00 30.56 ? 372 HOH A O   1 
HETATM 556 O O   . HOH B 2 .  ? 4.302   3.199   4.036   1.00 43.41 ? 373 HOH A O   1 
HETATM 557 O O   . HOH B 2 .  ? 17.512  0.107   -10.535 1.00 50.65 ? 374 HOH A O   1 
HETATM 558 O O   . HOH B 2 .  ? 14.774  -2.024  -6.950  1.00 40.53 ? 375 HOH A O   1 
HETATM 559 O O   . HOH B 2 .  ? -7.633  -11.051 -0.244  1.00 45.08 ? 376 HOH A O   1 
HETATM 560 O O   . HOH B 2 .  ? -1.729  -15.287 -1.920  1.00 61.81 ? 377 HOH A O   1 
HETATM 561 O O   . HOH B 2 .  ? 11.241  8.121   -1.459  1.00 55.44 ? 378 HOH A O   1 
HETATM 562 O O   . HOH B 2 .  ? -11.277 -8.534  6.671   1.00 58.58 ? 379 HOH A O   1 
HETATM 563 O O   . HOH B 2 .  ? 1.208   9.513   9.236   1.00 58.65 ? 380 HOH A O   1 
HETATM 564 O O   . HOH B 2 .  ? 0.339   -14.495 -0.590  1.00 58.99 ? 381 HOH A O   1 
HETATM 565 O O   . HOH B 2 .  ? 0.925   8.123   6.736   1.00 33.74 ? 382 HOH A O   1 
HETATM 566 O O   . HOH B 2 .  ? 14.634  3.698   -3.341  1.00 52.44 ? 383 HOH A O   1 
HETATM 567 O O   . HOH B 2 .  ? 9.587   -12.123 -6.725  1.00 45.27 ? 384 HOH A O   1 
HETATM 568 O O   . HOH B 2 .  ? -12.568 -11.871 4.393   1.00 59.43 ? 385 HOH A O   1 
HETATM 569 O O   . HOH B 2 .  ? 1.449   11.438  4.115   1.00 50.56 ? 386 HOH A O   1 
HETATM 570 O O   . HOH B 2 .  ? 12.927  -11.974 -3.820  1.00 63.21 ? 387 HOH A O   1 
HETATM 571 O O   . HOH B 2 .  ? 4.645   -12.879 -3.496  1.00 47.99 ? 388 HOH A O   1 
HETATM 572 O O   . HOH B 2 .  ? 20.324  7.252   -17.206 1.00 59.81 ? 389 HOH A O   1 
HETATM 573 O O   . HOH B 2 .  ? 2.671   9.622   5.196   1.00 51.24 ? 390 HOH A O   1 
HETATM 574 O O   . HOH B 2 .  ? 16.051  5.384   -1.197  1.00 62.33 ? 391 HOH A O   1 
HETATM 575 O O   . HOH B 2 .  ? 8.512   -14.203 -5.410  1.00 50.51 ? 392 HOH A O   1 
# 
loop_
_atom_site_anisotrop.id 
_atom_site_anisotrop.type_symbol 
_atom_site_anisotrop.pdbx_label_atom_id 
_atom_site_anisotrop.pdbx_label_alt_id 
_atom_site_anisotrop.pdbx_label_comp_id 
_atom_site_anisotrop.pdbx_label_asym_id 
_atom_site_anisotrop.pdbx_label_seq_id 
_atom_site_anisotrop.pdbx_PDB_ins_code 
_atom_site_anisotrop.U[1][1] 
_atom_site_anisotrop.U[2][2] 
_atom_site_anisotrop.U[3][3] 
_atom_site_anisotrop.U[1][2] 
_atom_site_anisotrop.U[1][3] 
_atom_site_anisotrop.U[2][3] 
_atom_site_anisotrop.pdbx_auth_seq_id 
_atom_site_anisotrop.pdbx_auth_comp_id 
_atom_site_anisotrop.pdbx_auth_asym_id 
_atom_site_anisotrop.pdbx_auth_atom_id 
1   N N   . ALA A 11 ? 0.9190 0.9404 0.7965 0.1774  0.2749  0.1268  231 ALA A N   
2   C CA  . ALA A 11 ? 0.8699 0.9093 0.7649 0.1662  0.2810  0.1398  231 ALA A CA  
3   C C   . ALA A 11 ? 0.7942 0.8636 0.7367 0.1526  0.2686  0.1478  231 ALA A C   
4   O O   . ALA A 11 ? 0.7871 0.8712 0.7513 0.1403  0.2737  0.1579  231 ALA A O   
5   C CB  . ALA A 11 ? 0.8810 0.9367 0.7958 0.1725  0.3043  0.1468  231 ALA A CB  
6   N N   . ASP A 12 ? 0.7702 0.8461 0.7273 0.1539  0.2531  0.1424  232 ASP A N   
7   C CA  . ASP A 12 ? 0.6773 0.7846 0.6816 0.1411  0.2405  0.1478  232 ASP A CA  
8   C C   . ASP A 12 ? 0.5216 0.6127 0.5078 0.1305  0.2221  0.1458  232 ASP A C   
9   O O   . ASP A 12 ? 0.5384 0.5964 0.4753 0.1323  0.2174  0.1408  232 ASP A O   
10  C CB  . ASP A 12 ? 0.6989 0.8332 0.7403 0.1505  0.2351  0.1455  232 ASP A CB  
11  C CG  . ASP A 12 ? 0.7207 0.9012 0.8213 0.1365  0.2268  0.1517  232 ASP A CG  
12  O OD1 . ASP A 12 ? 0.7061 0.9012 0.8260 0.1225  0.2356  0.1581  232 ASP A OD1 
13  O OD2 . ASP A 12 ? 0.6521 0.8510 0.7759 0.1377  0.2106  0.1489  232 ASP A OD2 
14  N N   . ASP A 13 ? 0.4432 0.5600 0.4700 0.1181  0.2108  0.1492  233 ASP A N   
15  C CA  . ASP A 13 ? 0.4315 0.5304 0.4454 0.1047  0.1904  0.1467  233 ASP A CA  
16  C C   . ASP A 13 ? 0.3836 0.4755 0.3960 0.1055  0.1653  0.1345  233 ASP A C   
17  O O   . ASP A 13 ? 0.3653 0.4538 0.3852 0.0925  0.1468  0.1319  233 ASP A O   
18  C CB  . ASP A 13 ? 0.5758 0.6944 0.6294 0.0845  0.1895  0.1543  233 ASP A CB  
19  C CG  . ASP A 13 ? 0.5616 0.7250 0.6724 0.0784  0.1856  0.1529  233 ASP A CG  
20  O OD1 . ASP A 13 ? 0.6365 0.8225 0.7618 0.0931  0.1946  0.1533  233 ASP A OD1 
21  O OD2 . ASP A 13 ? 0.5279 0.7049 0.6684 0.0595  0.1743  0.1516  233 ASP A OD2 
22  N N   . ARG A 14 ? 0.3938 0.4790 0.3930 0.1210  0.1669  0.1271  234 ARG A N   
23  C CA  . ARG A 14 ? 0.3886 0.4662 0.3878 0.1222  0.1463  0.1171  234 ARG A CA  
24  C C   . ARG A 14 ? 0.3443 0.3891 0.3061 0.1139  0.1288  0.1084  234 ARG A C   
25  O O   . ARG A 14 ? 0.3639 0.4085 0.3358 0.1059  0.1098  0.1037  234 ARG A O   
26  C CB  . ARG A 14 ? 0.4087 0.4790 0.3989 0.1419  0.1558  0.1121  234 ARG A CB  
27  C CG  . ARG A 14 ? 0.4804 0.5913 0.5163 0.1527  0.1680  0.1216  234 ARG A CG  
28  C CD  . ARG A 14 ? 0.5653 0.6659 0.5918 0.1767  0.1821  0.1194  234 ARG A CD  
29  N NE  . ARG A 14 ? 0.5561 0.6199 0.5371 0.1843  0.1997  0.1135  234 ARG A NE  
30  C CZ  . ARG A 14 ? 0.6947 0.7228 0.6449 0.1966  0.2052  0.1041  234 ARG A CZ  
31  N NH1 . ARG A 14 ? 0.6858 0.7086 0.6450 0.2041  0.1965  0.1021  234 ARG A NH1 
32  N NH2 . ARG A 14 ? 0.7036 0.6987 0.6120 0.1993  0.2186  0.0963  234 ARG A NH2 
33  N N   . THR A 15 ? 0.3995 0.4213 0.3196 0.1158  0.1357  0.1076  235 THR A N   
34  C CA  . THR A 15 ? 0.4051 0.4035 0.2916 0.1094  0.1184  0.0997  235 THR A CA  
35  C C   . THR A 15 ? 0.3631 0.3691 0.2664 0.0966  0.1074  0.1081  235 THR A C   
36  O O   . THR A 15 ? 0.3741 0.3736 0.2761 0.0896  0.0886  0.1027  235 THR A O   
37  C CB  . THR A 15 ? 0.4967 0.4735 0.3314 0.1156  0.1273  0.0960  235 THR A CB  
38  O OG1 . THR A 15 ? 0.5521 0.5146 0.3690 0.1261  0.1375  0.0844  235 THR A OG1 
39  C CG2 . THR A 15 ? 0.5404 0.5034 0.3465 0.1081  0.1066  0.0887  235 THR A CG2 
40  N N   . LEU A 16 ? 0.3817 0.3999 0.3018 0.0934  0.1215  0.1213  236 LEU A N   
41  C CA  . LEU A 16 ? 0.3864 0.4064 0.3240 0.0808  0.1151  0.1293  236 LEU A CA  
42  C C   . LEU A 16 ? 0.3087 0.3441 0.2861 0.0703  0.1014  0.1240  236 LEU A C   
43  O O   . LEU A 16 ? 0.3044 0.3313 0.2838 0.0622  0.0870  0.1218  236 LEU A O   
44  C CB  . LEU A 16 ? 0.3837 0.4104 0.3327 0.0774  0.1369  0.1442  236 LEU A CB  
45  C CG  . LEU A 16 ? 0.4216 0.4455 0.3915 0.0632  0.1377  0.1534  236 LEU A CG  
46  C CD1 . LEU A 16 ? 0.4029 0.4008 0.3379 0.0665  0.1268  0.1572  236 LEU A CD1 
47  C CD2 . LEU A 16 ? 0.4847 0.5164 0.4718 0.0575  0.1632  0.1668  236 LEU A CD2 
48  N N   . LEU A 17 ? 0.3182 0.3772 0.3252 0.0722  0.1046  0.1213  237 LEU A N   
49  C CA  . LEU A 17 ? 0.3374 0.4143 0.3770 0.0642  0.0899  0.1155  237 LEU A CA  
50  C C   . LEU A 17 ? 0.2948 0.3531 0.3153 0.0657  0.0707  0.1052  237 LEU A C   
51  O O   . LEU A 17 ? 0.2852 0.3421 0.3160 0.0550  0.0573  0.1020  237 LEU A O   
52  C CB  . LEU A 17 ? 0.3106 0.4190 0.3794 0.0720  0.0967  0.1163  237 LEU A CB  
53  C CG  . LEU A 17 ? 0.3585 0.5001 0.4678 0.0608  0.1083  0.1241  237 LEU A CG  
54  C CD1 . LEU A 17 ? 0.4781 0.6606 0.6216 0.0705  0.1151  0.1268  237 LEU A CD1 
55  C CD2 . LEU A 17 ? 0.4798 0.6257 0.6097 0.0399  0.0944  0.1202  237 LEU A CD2 
56  N N   . MET A 18 ? 0.3029 0.3440 0.2935 0.0774  0.0705  0.0991  238 MET A N   
57  C CA  . MET A 18 ? 0.3069 0.3296 0.2794 0.0771  0.0546  0.0887  238 MET A CA  
58  C C   . MET A 18 ? 0.3008 0.3093 0.2567 0.0691  0.0446  0.0882  238 MET A C   
59  O O   . MET A 18 ? 0.2911 0.2958 0.2520 0.0628  0.0304  0.0830  238 MET A O   
60  C CB  . MET A 18 ? 0.3837 0.3880 0.3265 0.0887  0.0603  0.0808  238 MET A CB  
61  C CG  . MET A 18 ? 0.3736 0.3867 0.3321 0.1004  0.0683  0.0807  238 MET A CG  
62  S SD  . MET A 18 ? 0.3768 0.4071 0.3677 0.0971  0.0527  0.0807  238 MET A SD  
63  C CE  . MET A 18 ? 0.4689 0.4708 0.4352 0.0875  0.0364  0.0695  238 MET A CE  
64  N N   . ALA A 19 ? 0.3277 0.3295 0.2642 0.0708  0.0525  0.0954  239 ALA A N   
65  C CA  . ALA A 19 ? 0.3609 0.3526 0.2828 0.0670  0.0434  0.0985  239 ALA A CA  
66  C C   . ALA A 19 ? 0.2921 0.2889 0.2443 0.0568  0.0398  0.1034  239 ALA A C   
67  O O   . ALA A 19 ? 0.2860 0.2759 0.2368 0.0535  0.0282  0.1014  239 ALA A O   
68  C CB  . ALA A 19 ? 0.3352 0.3204 0.2286 0.0736  0.0543  0.1084  239 ALA A CB  
69  N N   . GLY A 20 ? 0.2875 0.2972 0.2676 0.0511  0.0501  0.1083  240 GLY A N   
70  C CA  . GLY A 20 ? 0.3179 0.3311 0.3258 0.0381  0.0483  0.1096  240 GLY A CA  
71  C C   . GLY A 20 ? 0.2650 0.2839 0.2874 0.0325  0.0328  0.0984  240 GLY A C   
72  O O   . GLY A 20 ? 0.2480 0.2577 0.2749 0.0252  0.0253  0.0958  240 GLY A O   
73  N N   . VAL A 21 ? 0.2481 0.2792 0.2739 0.0380  0.0283  0.0920  241 VAL A N   
74  C CA  . VAL A 21 ? 0.2364 0.2704 0.2694 0.0354  0.0144  0.0831  241 VAL A CA  
75  C C   . VAL A 21 ? 0.2156 0.2287 0.2272 0.0364  0.0044  0.0782  241 VAL A C   
76  O O   . VAL A 21 ? 0.2265 0.2363 0.2456 0.0292  -0.0046 0.0735  241 VAL A O   
77  C CB  . VAL A 21 ? 0.2622 0.3078 0.2966 0.0463  0.0145  0.0802  241 VAL A CB  
78  C CG1 . VAL A 21 ? 0.2713 0.3132 0.3048 0.0457  0.0009  0.0726  241 VAL A CG1 
79  C CG2 . VAL A 21 ? 0.2978 0.3737 0.3606 0.0465  0.0225  0.0857  241 VAL A CG2 
80  N N   . SER A 22 ? 0.2599 0.2611 0.2452 0.0443  0.0049  0.0776  242 SER A N   
81  C CA  . SER A 22 ? 0.3023 0.2914 0.2710 0.0441  -0.0055 0.0723  242 SER A CA  
82  C C   . SER A 22 ? 0.2682 0.2537 0.2434 0.0398  -0.0072 0.0785  242 SER A C   
83  O O   . SER A 22 ? 0.2643 0.2460 0.2444 0.0362  -0.0158 0.0742  242 SER A O   
84  C CB  . SER A 22 ? 0.3264 0.3087 0.2652 0.0512  -0.0042 0.0702  242 SER A CB  
85  O OG  . SER A 22 ? 0.3515 0.3298 0.2773 0.0494  -0.0155 0.0647  242 SER A OG  
86  N N   . HIS A 23 ? 0.2613 0.2453 0.2360 0.0411  0.0031  0.0894  243 HIS A N   
87  C CA  . HIS A 23 ? 0.2722 0.2463 0.2505 0.0395  0.0056  0.0978  243 HIS A CA  
88  C C   . HIS A 23 ? 0.2510 0.2226 0.2530 0.0284  0.0036  0.0924  243 HIS A C   
89  O O   . HIS A 23 ? 0.2564 0.2185 0.2592 0.0283  -0.0009 0.0917  243 HIS A O   
90  C CB  . HIS A 23 ? 0.2896 0.2596 0.2656 0.0410  0.0215  0.1111  243 HIS A CB  
91  C CG  . HIS A 23 ? 0.2979 0.2517 0.2782 0.0396  0.0287  0.1214  243 HIS A CG  
92  N ND1 . HIS A 23 ? 0.3251 0.2716 0.3291 0.0266  0.0367  0.1200  243 HIS A ND1 
93  C CD2 . HIS A 23 ? 0.3259 0.2686 0.2895 0.0499  0.0298  0.1326  243 HIS A CD2 
94  C CE1 . HIS A 23 ? 0.3452 0.2701 0.3451 0.0293  0.0458  0.1310  243 HIS A CE1 
95  N NE2 . HIS A 23 ? 0.3838 0.3089 0.3602 0.0443  0.0406  0.1372  243 HIS A NE2 
96  N N   . ASP A 24 ? 0.2334 0.2153 0.2537 0.0197  0.0069  0.0882  244 ASP A N   
97  C CA  . ASP A 24 ? 0.2377 0.2187 0.2777 0.0068  0.0057  0.0820  244 ASP A CA  
98  C C   . ASP A 24 ? 0.2148 0.1966 0.2528 0.0065  -0.0076 0.0714  244 ASP A C   
99  O O   . ASP A 24 ? 0.2221 0.1929 0.2640 0.0007  -0.0097 0.0668  244 ASP A O   
100 C CB  . ASP A 24 ? 0.2462 0.2464 0.3078 -0.0037 0.0109  0.0799  244 ASP A CB  
101 C CG  . ASP A 24 ? 0.3071 0.3034 0.3760 -0.0088 0.0277  0.0896  244 ASP A CG  
102 O OD1 . ASP A 24 ? 0.3053 0.2797 0.3595 -0.0029 0.0359  0.0995  244 ASP A OD1 
103 O OD2 . ASP A 24 ? 0.3406 0.3580 0.4310 -0.0182 0.0330  0.0883  244 ASP A OD2 
104 N N   . LEU A 25 ? 0.2037 0.1950 0.2343 0.0131  -0.0146 0.0674  245 LEU A N   
105 C CA  . LEU A 25 ? 0.2052 0.1949 0.2322 0.0130  -0.0249 0.0587  245 LEU A CA  
106 C C   . LEU A 25 ? 0.2161 0.1926 0.2333 0.0160  -0.0284 0.0579  245 LEU A C   
107 O O   . LEU A 25 ? 0.2096 0.1822 0.2278 0.0132  -0.0337 0.0516  245 LEU A O   
108 C CB  . LEU A 25 ? 0.2254 0.2212 0.2439 0.0205  -0.0280 0.0561  245 LEU A CB  
109 C CG  . LEU A 25 ? 0.2177 0.2314 0.2484 0.0212  -0.0264 0.0570  245 LEU A CG  
110 C CD1 . LEU A 25 ? 0.2544 0.2662 0.2729 0.0327  -0.0257 0.0563  245 LEU A CD1 
111 C CD2 . LEU A 25 ? 0.2522 0.2770 0.2967 0.0126  -0.0328 0.0524  245 LEU A CD2 
112 N N   A ARG A 26 ? 0.2410 0.2134 0.2488 0.0225  -0.0255 0.0652  246 ARG A N   
113 N N   B ARG A 26 ? 0.2192 0.1915 0.2270 0.0224  -0.0258 0.0650  246 ARG A N   
114 C CA  A ARG A 26 ? 0.2524 0.2204 0.2542 0.0271  -0.0304 0.0660  246 ARG A CA  
115 C CA  B ARG A 26 ? 0.2451 0.2132 0.2468 0.0269  -0.0308 0.0654  246 ARG A CA  
116 C C   A ARG A 26 ? 0.2469 0.2049 0.2605 0.0230  -0.0281 0.0650  246 ARG A C   
117 C C   B ARG A 26 ? 0.2527 0.2105 0.2663 0.0230  -0.0281 0.0650  246 ARG A C   
118 O O   A ARG A 26 ? 0.2453 0.2031 0.2601 0.0245  -0.0328 0.0610  246 ARG A O   
119 O O   B ARG A 26 ? 0.2444 0.2016 0.2594 0.0247  -0.0325 0.0615  246 ARG A O   
120 C CB  A ARG A 26 ? 0.2597 0.2286 0.2490 0.0363  -0.0279 0.0769  246 ARG A CB  
121 C CB  B ARG A 26 ? 0.2593 0.2292 0.2478 0.0363  -0.0290 0.0757  246 ARG A CB  
122 C CG  A ARG A 26 ? 0.2895 0.2630 0.2751 0.0433  -0.0348 0.0794  246 ARG A CG  
123 C CG  B ARG A 26 ? 0.3164 0.2922 0.3004 0.0427  -0.0367 0.0770  246 ARG A CG  
124 C CD  A ARG A 26 ? 0.3123 0.2883 0.2848 0.0535  -0.0322 0.0915  246 ARG A CD  
125 C CD  B ARG A 26 ? 0.3209 0.3041 0.2877 0.0525  -0.0375 0.0868  246 ARG A CD  
126 N NE  A ARG A 26 ? 0.3776 0.3581 0.3319 0.0554  -0.0309 0.0931  246 ARG A NE  
127 N NE  B ARG A 26 ? 0.3587 0.3304 0.3249 0.0562  -0.0259 0.0981  246 ARG A NE  
128 C CZ  A ARG A 26 ? 0.4603 0.4348 0.4060 0.0591  -0.0206 0.1030  246 ARG A CZ  
129 C CZ  B ARG A 26 ? 0.4931 0.4628 0.4466 0.0587  -0.0184 0.1049  246 ARG A CZ  
130 N NH1 A ARG A 26 ? 0.4842 0.4463 0.4381 0.0604  -0.0108 0.1120  246 ARG A NH1 
131 N NH1 B ARG A 26 ? 0.4891 0.4667 0.4280 0.0589  -0.0211 0.1008  246 ARG A NH1 
132 N NH2 A ARG A 26 ? 0.4793 0.4579 0.4066 0.0618  -0.0180 0.1039  246 ARG A NH2 
133 N NH2 B ARG A 26 ? 0.4802 0.4378 0.4340 0.0612  -0.0063 0.1158  246 ARG A NH2 
134 N N   . THR A 27 ? 0.2400 0.1891 0.2627 0.0166  -0.0195 0.0672  247 THR A N   
135 C CA  . THR A 27 ? 0.2704 0.2034 0.3009 0.0120  -0.0139 0.0651  247 THR A CA  
136 C C   . THR A 27 ? 0.2212 0.1560 0.2542 0.0050  -0.0203 0.0521  247 THR A C   
137 O O   . THR A 27 ? 0.2361 0.1650 0.2687 0.0089  -0.0212 0.0499  247 THR A O   
138 C CB  . THR A 27 ? 0.2759 0.1964 0.3139 0.0032  -0.0017 0.0679  247 THR A CB  
139 O OG1 . THR A 27 ? 0.3261 0.2388 0.3577 0.0132  0.0066  0.0828  247 THR A OG1 
140 C CG2 . THR A 27 ? 0.3220 0.2207 0.3653 -0.0045 0.0059  0.0619  247 THR A CG2 
141 N N   . PRO A 28 ? 0.2094 0.1541 0.2451 -0.0038 -0.0246 0.0445  248 PRO A N   
142 C CA  . PRO A 28 ? 0.2304 0.1758 0.2635 -0.0081 -0.0302 0.0344  248 PRO A CA  
143 C C   . PRO A 28 ? 0.1948 0.1447 0.2200 -0.0001 -0.0365 0.0340  248 PRO A C   
144 O O   . PRO A 28 ? 0.2134 0.1574 0.2364 -0.0012 -0.0369 0.0284  248 PRO A O   
145 C CB  . PRO A 28 ? 0.2197 0.1806 0.2565 -0.0163 -0.0346 0.0297  248 PRO A CB  
146 C CG  . PRO A 28 ? 0.2130 0.1860 0.2551 -0.0123 -0.0324 0.0380  248 PRO A CG  
147 C CD  . PRO A 28 ? 0.2211 0.1790 0.2634 -0.0096 -0.0234 0.0456  248 PRO A CD  
148 N N   . LEU A 29 ? 0.2057 0.1637 0.2262 0.0065  -0.0395 0.0384  249 LEU A N   
149 C CA  . LEU A 29 ? 0.2210 0.1809 0.2345 0.0101  -0.0440 0.0352  249 LEU A CA  
150 C C   . LEU A 29 ? 0.2303 0.1890 0.2478 0.0132  -0.0435 0.0364  249 LEU A C   
151 O O   . LEU A 29 ? 0.2257 0.1848 0.2439 0.0117  -0.0448 0.0312  249 LEU A O   
152 C CB  . LEU A 29 ? 0.2203 0.1861 0.2252 0.0148  -0.0457 0.0374  249 LEU A CB  
153 C CG  . LEU A 29 ? 0.2265 0.1952 0.2285 0.0153  -0.0450 0.0370  249 LEU A CG  
154 C CD1 . LEU A 29 ? 0.2638 0.2336 0.2552 0.0213  -0.0431 0.0388  249 LEU A CD1 
155 C CD2 . LEU A 29 ? 0.2426 0.2069 0.2402 0.0140  -0.0469 0.0319  249 LEU A CD2 
156 N N   . THR A 30 ? 0.2255 0.1829 0.2469 0.0182  -0.0402 0.0441  250 THR A N   
157 C CA  . THR A 30 ? 0.2327 0.1930 0.2606 0.0251  -0.0393 0.0482  250 THR A CA  
158 C C   . THR A 30 ? 0.2148 0.1629 0.2499 0.0219  -0.0331 0.0432  250 THR A C   
159 O O   . THR A 30 ? 0.2338 0.1877 0.2756 0.0250  -0.0328 0.0413  250 THR A O   
160 C CB  . THR A 30 ? 0.2579 0.2175 0.2857 0.0348  -0.0356 0.0611  250 THR A CB  
161 O OG1 . THR A 30 ? 0.3015 0.2745 0.3187 0.0378  -0.0420 0.0642  250 THR A OG1 
162 C CG2 . THR A 30 ? 0.2766 0.2402 0.3141 0.0456  -0.0334 0.0678  250 THR A CG2 
163 N N   . ARG A 31 ? 0.2328 0.1657 0.2666 0.0148  -0.0273 0.0395  251 ARG A N   
164 C CA  . ARG A 31 ? 0.2604 0.1795 0.2957 0.0105  -0.0207 0.0321  251 ARG A CA  
165 C C   . ARG A 31 ? 0.2129 0.1381 0.2433 0.0066  -0.0251 0.0238  251 ARG A C   
166 O O   . ARG A 31 ? 0.2240 0.1432 0.2561 0.0073  -0.0194 0.0197  251 ARG A O   
167 C CB  . ARG A 31 ? 0.2626 0.1669 0.2949 -0.0001 -0.0153 0.0266  251 ARG A CB  
168 C CG  . ARG A 31 ? 0.3099 0.1965 0.3468 0.0015  -0.0042 0.0333  251 ARG A CG  
169 C CD  . ARG A 31 ? 0.3588 0.2254 0.3933 -0.0131 0.0042  0.0224  251 ARG A CD  
170 N NE  . ARG A 31 ? 0.3627 0.2448 0.3969 -0.0259 -0.0038 0.0168  251 ARG A NE  
171 C CZ  . ARG A 31 ? 0.3589 0.2427 0.3997 -0.0322 -0.0005 0.0207  251 ARG A CZ  
172 N NH1 . ARG A 31 ? 0.3672 0.2321 0.4114 -0.0276 0.0119  0.0304  251 ARG A NH1 
173 N NH2 . ARG A 31 ? 0.4208 0.3254 0.4651 -0.0424 -0.0082 0.0159  251 ARG A NH2 
174 N N   . ILE A 32 ? 0.2094 0.1442 0.2332 0.0035  -0.0326 0.0221  252 ILE A N   
175 C CA  . ILE A 32 ? 0.2094 0.1458 0.2264 0.0009  -0.0345 0.0166  252 ILE A CA  
176 C C   . ILE A 32 ? 0.2093 0.1536 0.2343 0.0047  -0.0337 0.0177  252 ILE A C   
177 O O   . ILE A 32 ? 0.2069 0.1482 0.2336 0.0033  -0.0284 0.0137  252 ILE A O   
178 C CB  . ILE A 32 ? 0.2086 0.1500 0.2165 -0.0004 -0.0404 0.0169  252 ILE A CB  
179 C CG1 . ILE A 32 ? 0.2123 0.1540 0.2157 -0.0047 -0.0423 0.0152  252 ILE A CG1 
180 C CG2 . ILE A 32 ? 0.2168 0.1548 0.2162 -0.0013 -0.0393 0.0137  252 ILE A CG2 
181 C CD1 . ILE A 32 ? 0.2383 0.1895 0.2366 -0.0018 -0.0474 0.0185  252 ILE A CD1 
182 N N   . ARG A 33 ? 0.2059 0.1628 0.2370 0.0093  -0.0382 0.0227  253 ARG A N   
183 C CA  . ARG A 33 ? 0.2297 0.2021 0.2714 0.0113  -0.0396 0.0227  253 ARG A CA  
184 C C   . ARG A 33 ? 0.2110 0.1844 0.2664 0.0171  -0.0323 0.0251  253 ARG A C   
185 O O   . ARG A 33 ? 0.2207 0.2023 0.2857 0.0157  -0.0286 0.0215  253 ARG A O   
186 C CB  . ARG A 33 ? 0.2330 0.2219 0.2759 0.0156  -0.0473 0.0276  253 ARG A CB  
187 C CG  . ARG A 33 ? 0.2468 0.2606 0.3039 0.0168  -0.0512 0.0270  253 ARG A CG  
188 C CD  . ARG A 33 ? 0.3245 0.3567 0.3772 0.0203  -0.0608 0.0308  253 ARG A CD  
189 N NE  . ARG A 33 ? 0.4274 0.4582 0.4783 0.0329  -0.0603 0.0433  253 ARG A NE  
190 C CZ  . ARG A 33 ? 0.4363 0.4792 0.5002 0.0452  -0.0590 0.0536  253 ARG A CZ  
191 N NH1 . ARG A 33 ? 0.4780 0.5401 0.5611 0.0470  -0.0589 0.0522  253 ARG A NH1 
192 N NH2 . ARG A 33 ? 0.4622 0.4976 0.5208 0.0569  -0.0559 0.0665  253 ARG A NH2 
193 N N   . LEU A 34 ? 0.2233 0.1867 0.2806 0.0239  -0.0275 0.0309  254 LEU A N   
194 C CA  . LEU A 34 ? 0.2367 0.1957 0.3058 0.0321  -0.0174 0.0338  254 LEU A CA  
195 C C   . LEU A 34 ? 0.2355 0.1796 0.3004 0.0258  -0.0081 0.0242  254 LEU A C   
196 O O   . LEU A 34 ? 0.2389 0.1889 0.3157 0.0307  -0.0005 0.0239  254 LEU A O   
197 C CB  . LEU A 34 ? 0.2811 0.2223 0.3490 0.0395  -0.0103 0.0416  254 LEU A CB  
198 C CG  . LEU A 34 ? 0.2783 0.2345 0.3497 0.0502  -0.0165 0.0548  254 LEU A CG  
199 C CD1 . LEU A 34 ? 0.3147 0.2458 0.3812 0.0554  -0.0063 0.0630  254 LEU A CD1 
200 C CD2 . LEU A 34 ? 0.3172 0.3009 0.4055 0.0636  -0.0190 0.0628  254 LEU A CD2 
201 N N   . ALA A 35 ? 0.2335 0.1619 0.2813 0.0157  -0.0087 0.0167  255 ALA A N   
202 C CA  . ALA A 35 ? 0.2524 0.1684 0.2905 0.0100  -0.0012 0.0079  255 ALA A CA  
203 C C   . ALA A 35 ? 0.2138 0.1438 0.2569 0.0083  -0.0011 0.0066  255 ALA A C   
204 O O   . ALA A 35 ? 0.2377 0.1639 0.2831 0.0090  0.0097  0.0031  255 ALA A O   
205 C CB  . ALA A 35 ? 0.2532 0.1576 0.2710 0.0003  -0.0055 0.0016  255 ALA A CB  
206 N N   . THR A 36 ? 0.2199 0.1640 0.2642 0.0052  -0.0106 0.0084  256 THR A N   
207 C CA  . THR A 36 ? 0.2163 0.1699 0.2656 0.0004  -0.0081 0.0056  256 THR A CA  
208 C C   . THR A 36 ? 0.2277 0.2027 0.3023 0.0049  -0.0035 0.0077  256 THR A C   
209 O O   . THR A 36 ? 0.2165 0.1970 0.2981 0.0002  0.0044  0.0043  256 THR A O   
210 C CB  . THR A 36 ? 0.2232 0.1832 0.2677 -0.0056 -0.0169 0.0052  256 THR A CB  
211 O OG1 . THR A 36 ? 0.2237 0.2040 0.2812 -0.0023 -0.0255 0.0085  256 THR A OG1 
212 C CG2 . THR A 36 ? 0.2383 0.1814 0.2605 -0.0072 -0.0210 0.0052  256 THR A CG2 
213 N N   . GLU A 37 ? 0.2062 0.1936 0.2952 0.0152  -0.0065 0.0143  257 GLU A N   
214 C CA  . GLU A 37 ? 0.2227 0.2374 0.3389 0.0229  -0.0032 0.0186  257 GLU A CA  
215 C C   . GLU A 37 ? 0.2431 0.2471 0.3658 0.0291  0.0139  0.0176  257 GLU A C   
216 O O   . GLU A 37 ? 0.2568 0.2847 0.4045 0.0354  0.0198  0.0206  257 GLU A O   
217 C CB  . GLU A 37 ? 0.2611 0.2940 0.3882 0.0355  -0.0119 0.0291  257 GLU A CB  
218 C CG  . GLU A 37 ? 0.2868 0.3343 0.4072 0.0281  -0.0272 0.0278  257 GLU A CG  
219 C CD  . GLU A 37 ? 0.3962 0.4596 0.5184 0.0392  -0.0370 0.0382  257 GLU A CD  
220 O OE1 . GLU A 37 ? 0.4203 0.4828 0.5506 0.0548  -0.0317 0.0488  257 GLU A OE1 
221 O OE2 . GLU A 37 ? 0.3767 0.4507 0.4896 0.0328  -0.0487 0.0356  257 GLU A OE2 
222 N N   . MET A 38 ? 0.2345 0.2047 0.3345 0.0265  0.0221  0.0125  258 MET A N   
223 C CA  . MET A 38 ? 0.2681 0.2230 0.3670 0.0304  0.0399  0.0087  258 MET A CA  
224 C C   . MET A 38 ? 0.2616 0.2069 0.3454 0.0194  0.0467  0.0007  258 MET A C   
225 O O   . MET A 38 ? 0.2822 0.2153 0.3619 0.0217  0.0630  -0.0034 258 MET A O   
226 C CB  . MET A 38 ? 0.2884 0.2098 0.3686 0.0332  0.0464  0.0058  258 MET A CB  
227 C CG  . MET A 38 ? 0.2977 0.2193 0.3934 0.0482  0.0501  0.0151  258 MET A CG  
228 S SD  . MET A 38 ? 0.3516 0.2268 0.4256 0.0481  0.0622  0.0098  258 MET A SD  
229 C CE  . MET A 38 ? 0.3243 0.1955 0.3820 0.0352  0.0446  0.0088  258 MET A CE  
230 N N   . MET A 39 ? 0.2640 0.2126 0.3375 0.0086  0.0369  -0.0009 259 MET A N   
231 C CA  . MET A 39 ? 0.2723 0.2086 0.3280 -0.0004 0.0447  -0.0058 259 MET A CA  
232 C C   . MET A 39 ? 0.2663 0.2183 0.3427 -0.0015 0.0591  -0.0060 259 MET A C   
233 O O   . MET A 39 ? 0.2864 0.2691 0.3958 0.0018  0.0578  -0.0026 259 MET A O   
234 C CB  . MET A 39 ? 0.2708 0.2048 0.3125 -0.0092 0.0334  -0.0054 259 MET A CB  
235 C CG  . MET A 39 ? 0.2674 0.1852 0.2859 -0.0083 0.0230  -0.0056 259 MET A CG  
236 S SD  . MET A 39 ? 0.2796 0.1957 0.2846 -0.0131 0.0102  -0.0028 259 MET A SD  
237 C CE  . MET A 39 ? 0.3473 0.2497 0.3362 -0.0191 0.0226  -0.0030 259 MET A CE  
238 N N   . SER A 40 ? 0.2886 0.2223 0.3452 -0.0059 0.0724  -0.0096 260 SER A N   
239 C CA  . SER A 40 ? 0.2807 0.2265 0.3548 -0.0082 0.0898  -0.0099 260 SER A CA  
240 C C   . SER A 40 ? 0.3005 0.2700 0.3969 -0.0195 0.0859  -0.0086 260 SER A C   
241 O O   . SER A 40 ? 0.2926 0.2561 0.3771 -0.0269 0.0735  -0.0087 260 SER A O   
242 C CB  . SER A 40 ? 0.3122 0.2284 0.3516 -0.0110 0.1044  -0.0131 260 SER A CB  
243 O OG  . SER A 40 ? 0.4528 0.3555 0.4690 -0.0201 0.1001  -0.0115 260 SER A OG  
244 N N   . GLU A 41 ? 0.3211 0.3177 0.4503 -0.0218 0.0979  -0.0085 261 GLU A N   
245 C CA  . GLU A 41 ? 0.3356 0.3584 0.4894 -0.0365 0.0942  -0.0103 261 GLU A CA  
246 C C   . GLU A 41 ? 0.3138 0.3066 0.4400 -0.0505 0.1020  -0.0122 261 GLU A C   
247 O O   . GLU A 41 ? 0.3435 0.3361 0.4695 -0.0629 0.0944  -0.0148 261 GLU A O   
248 C CB  . GLU A 41 ? 0.4642 0.5281 0.6629 -0.0377 0.1061  -0.0102 261 GLU A CB  
249 C CG  . GLU A 41 ? 0.5752 0.6263 0.7702 -0.0344 0.1320  -0.0098 261 GLU A CG  
250 C CD  . GLU A 41 ? 0.6414 0.7287 0.8771 -0.0456 0.1477  -0.0111 261 GLU A CD  
251 O OE1 . GLU A 41 ? 0.6669 0.7964 0.9390 -0.0553 0.1360  -0.0131 261 GLU A OE1 
252 O OE2 . GLU A 41 ? 0.5797 0.6544 0.8103 -0.0461 0.1721  -0.0107 261 GLU A OE2 
253 N N   . GLN A 42 ? 0.3650 0.3280 0.4628 -0.0476 0.1179  -0.0107 262 GLN A N   
254 C CA  . GLN A 42 ? 0.3916 0.3234 0.4592 -0.0570 0.1275  -0.0091 262 GLN A CA  
255 C C   . GLN A 42 ? 0.4054 0.3160 0.4451 -0.0560 0.1103  -0.0074 262 GLN A C   
256 O O   . GLN A 42 ? 0.4293 0.3182 0.4512 -0.0637 0.1151  -0.0051 262 GLN A O   
257 C CB  . GLN A 42 ? 0.4612 0.3670 0.4985 -0.0509 0.1465  -0.0067 262 GLN A CB  
258 C CG  . GLN A 42 ? 0.6262 0.5532 0.6912 -0.0467 0.1643  -0.0086 262 GLN A CG  
259 C CD  . GLN A 42 ? 0.7395 0.6848 0.8346 -0.0604 0.1838  -0.0086 262 GLN A CD  
260 O OE1 . GLN A 42 ? 0.7732 0.7585 0.9146 -0.0671 0.1789  -0.0112 262 GLN A OE1 
261 N NE2 . GLN A 42 ? 0.7596 0.6779 0.8287 -0.0651 0.2063  -0.0055 262 GLN A NE2 
262 N N   . ASP A 43 ? 0.3474 0.2633 0.3844 -0.0459 0.0925  -0.0076 263 ASP A N   
263 C CA  . ASP A 43 ? 0.3382 0.2377 0.3509 -0.0433 0.0769  -0.0054 263 ASP A CA  
264 C C   . ASP A 43 ? 0.2940 0.2132 0.3282 -0.0475 0.0614  -0.0079 263 ASP A C   
265 O O   . ASP A 43 ? 0.2910 0.2037 0.3120 -0.0426 0.0475  -0.0064 263 ASP A O   
266 C CB  . ASP A 43 ? 0.3400 0.2312 0.3328 -0.0318 0.0680  -0.0048 263 ASP A CB  
267 C CG  . ASP A 43 ? 0.5324 0.3991 0.4895 -0.0283 0.0786  -0.0034 263 ASP A CG  
268 O OD1 . ASP A 43 ? 0.4899 0.3406 0.4300 -0.0322 0.0909  0.0006  263 ASP A OD1 
269 O OD2 . ASP A 43 ? 0.5666 0.4291 0.5098 -0.0223 0.0738  -0.0065 263 ASP A OD2 
270 N N   . GLY A 44 ? 0.2857 0.2311 0.3522 -0.0568 0.0637  -0.0121 264 GLY A N   
271 C CA  . GLY A 44 ? 0.2707 0.2388 0.3553 -0.0614 0.0481  -0.0158 264 GLY A CA  
272 C C   . GLY A 44 ? 0.2507 0.1943 0.3115 -0.0666 0.0428  -0.0169 264 GLY A C   
273 O O   . GLY A 44 ? 0.2529 0.2043 0.3131 -0.0632 0.0276  -0.0178 264 GLY A O   
274 N N   . TYR A 45 ? 0.2662 0.1786 0.3060 -0.0728 0.0564  -0.0158 265 TYR A N   
275 C CA  . TYR A 45 ? 0.2772 0.1630 0.2946 -0.0751 0.0543  -0.0158 265 TYR A CA  
276 C C   . TYR A 45 ? 0.2766 0.1480 0.2687 -0.0584 0.0442  -0.0081 265 TYR A C   
277 O O   . TYR A 45 ? 0.2860 0.1491 0.2681 -0.0559 0.0365  -0.0082 265 TYR A O   
278 C CB  . TYR A 45 ? 0.3192 0.1717 0.3203 -0.0840 0.0747  -0.0141 265 TYR A CB  
279 C CG  . TYR A 45 ? 0.3106 0.1747 0.3371 -0.1048 0.0867  -0.0231 265 TYR A CG  
280 C CD1 . TYR A 45 ? 0.3203 0.2188 0.3767 -0.1175 0.0757  -0.0347 265 TYR A CD1 
281 C CD2 . TYR A 45 ? 0.3389 0.1843 0.3587 -0.1107 0.1077  -0.0200 265 TYR A CD2 
282 C CE1 . TYR A 45 ? 0.3105 0.2278 0.3915 -0.1363 0.0836  -0.0436 265 TYR A CE1 
283 C CE2 . TYR A 45 ? 0.3532 0.2166 0.3975 -0.1272 0.1162  -0.0283 265 TYR A CE2 
284 C CZ  . TYR A 45 ? 0.3394 0.2392 0.4147 -0.1403 0.1035  -0.0402 265 TYR A CZ  
285 O OH  . TYR A 45 ? 0.3500 0.2710 0.4499 -0.1573 0.1105  -0.0486 265 TYR A OH  
286 N N   . LEU A 46 ? 0.2831 0.1539 0.2656 -0.0478 0.0439  -0.0027 266 LEU A N   
287 C CA  . LEU A 46 ? 0.2805 0.1467 0.2449 -0.0350 0.0321  0.0024  266 LEU A CA  
288 C C   . LEU A 46 ? 0.2538 0.1433 0.2364 -0.0324 0.0168  -0.0006 266 LEU A C   
289 O O   . LEU A 46 ? 0.2617 0.1491 0.2359 -0.0266 0.0070  0.0019  266 LEU A O   
290 C CB  . LEU A 46 ? 0.2928 0.1548 0.2424 -0.0282 0.0352  0.0055  266 LEU A CB  
291 C CG  . LEU A 46 ? 0.3434 0.1817 0.2679 -0.0280 0.0504  0.0109  266 LEU A CG  
292 C CD1 . LEU A 46 ? 0.3556 0.1931 0.2634 -0.0224 0.0524  0.0111  266 LEU A CD1 
293 C CD2 . LEU A 46 ? 0.3732 0.1902 0.2720 -0.0213 0.0499  0.0194  266 LEU A CD2 
294 N N   . ALA A 47 ? 0.2407 0.1535 0.2487 -0.0350 0.0155  -0.0044 267 ALA A N   
295 C CA  . ALA A 47 ? 0.2452 0.1800 0.2694 -0.0310 0.0023  -0.0049 267 ALA A CA  
296 C C   . ALA A 47 ? 0.2172 0.1558 0.2423 -0.0369 -0.0044 -0.0083 267 ALA A C   
297 O O   . ALA A 47 ? 0.2230 0.1637 0.2425 -0.0312 -0.0145 -0.0062 267 ALA A O   
298 C CB  . ALA A 47 ? 0.2359 0.1957 0.2874 -0.0298 0.0044  -0.0059 267 ALA A CB  
299 N N   . GLU A 48 ? 0.2282 0.1633 0.2564 -0.0491 0.0028  -0.0139 268 GLU A N   
300 C CA  . GLU A 48 ? 0.2404 0.1746 0.2655 -0.0570 -0.0019 -0.0203 268 GLU A CA  
301 C C   . GLU A 48 ? 0.2457 0.1507 0.2437 -0.0498 -0.0013 -0.0164 268 GLU A C   
302 O O   . GLU A 48 ? 0.2570 0.1632 0.2486 -0.0472 -0.0093 -0.0181 268 GLU A O   
303 C CB  . GLU A 48 ? 0.2810 0.2121 0.3138 -0.0751 0.0088  -0.0294 268 GLU A CB  
304 C CG  . GLU A 48 ? 0.2923 0.2626 0.3576 -0.0837 0.0060  -0.0346 268 GLU A CG  
305 C CD  . GLU A 48 ? 0.3073 0.2798 0.3830 -0.1066 0.0144  -0.0469 268 GLU A CD  
306 O OE1 . GLU A 48 ? 0.3588 0.3165 0.4205 -0.1162 0.0126  -0.0555 268 GLU A OE1 
307 O OE2 . GLU A 48 ? 0.3362 0.3243 0.4343 -0.1160 0.0242  -0.0490 268 GLU A OE2 
308 N N   . SER A 49 ? 0.2678 0.1471 0.2477 -0.0447 0.0084  -0.0101 269 SER A N   
309 C CA  . SER A 49 ? 0.2923 0.1483 0.2488 -0.0345 0.0092  -0.0037 269 SER A CA  
310 C C   . SER A 49 ? 0.2488 0.1205 0.2063 -0.0227 -0.0044 0.0009  269 SER A C   
311 O O   . SER A 49 ? 0.2741 0.1417 0.2242 -0.0175 -0.0078 0.0019  269 SER A O   
312 C CB  . SER A 49 ? 0.3089 0.1420 0.2470 -0.0288 0.0205  0.0046  269 SER A CB  
313 O OG  . SER A 49 ? 0.3385 0.1534 0.2558 -0.0161 0.0211  0.0129  269 SER A OG  
314 N N   . ILE A 50 ? 0.2425 0.1312 0.2100 -0.0197 -0.0101 0.0029  270 ILE A N   
315 C CA  . ILE A 50 ? 0.2419 0.1432 0.2115 -0.0115 -0.0203 0.0067  270 ILE A CA  
316 C C   . ILE A 50 ? 0.2308 0.1460 0.2105 -0.0127 -0.0274 0.0039  270 ILE A C   
317 O O   . ILE A 50 ? 0.2301 0.1464 0.2044 -0.0063 -0.0321 0.0072  270 ILE A O   
318 C CB  . ILE A 50 ? 0.2325 0.1428 0.2094 -0.0106 -0.0214 0.0072  270 ILE A CB  
319 C CG1 . ILE A 50 ? 0.2450 0.1421 0.2042 -0.0081 -0.0164 0.0100  270 ILE A CG1 
320 C CG2 . ILE A 50 ? 0.2247 0.1471 0.2085 -0.0061 -0.0299 0.0093  270 ILE A CG2 
321 C CD1 . ILE A 50 ? 0.2662 0.1661 0.2274 -0.0097 -0.0135 0.0073  270 ILE A CD1 
322 N N   . ASN A 51 ? 0.2425 0.1711 0.2359 -0.0199 -0.0285 -0.0016 271 ASN A N   
323 C CA  . ASN A 51 ? 0.2442 0.1886 0.2425 -0.0200 -0.0368 -0.0035 271 ASN A CA  
324 C C   . ASN A 51 ? 0.2407 0.1713 0.2236 -0.0233 -0.0350 -0.0085 271 ASN A C   
325 O O   . ASN A 51 ? 0.2508 0.1869 0.2278 -0.0190 -0.0405 -0.0078 271 ASN A O   
326 C CB  . ASN A 51 ? 0.2292 0.1987 0.2475 -0.0252 -0.0405 -0.0070 271 ASN A CB  
327 C CG  . ASN A 51 ? 0.2238 0.2059 0.2557 -0.0164 -0.0423 0.0002  271 ASN A CG  
328 O OD1 . ASN A 51 ? 0.2774 0.2645 0.3087 -0.0081 -0.0475 0.0063  271 ASN A OD1 
329 N ND2 . ASN A 51 ? 0.2455 0.2283 0.2878 -0.0177 -0.0353 -0.0002 271 ASN A ND2 
330 N N   . LYS A 52 ? 0.2479 0.1567 0.2210 -0.0298 -0.0252 -0.0130 272 LYS A N   
331 C CA  . LYS A 52 ? 0.3026 0.1887 0.2570 -0.0311 -0.0194 -0.0176 272 LYS A CA  
332 C C   . LYS A 52 ? 0.2875 0.1650 0.2307 -0.0156 -0.0194 -0.0080 272 LYS A C   
333 O O   . LYS A 52 ? 0.2952 0.1678 0.2284 -0.0117 -0.0191 -0.0097 272 LYS A O   
334 C CB  . LYS A 52 ? 0.3238 0.1815 0.2693 -0.0399 -0.0051 -0.0221 272 LYS A CB  
335 C CG  . LYS A 52 ? 0.4278 0.2549 0.3532 -0.0420 0.0050  -0.0281 272 LYS A CG  
336 C CD  . LYS A 52 ? 0.6728 0.5115 0.5988 -0.0559 -0.0006 -0.0431 272 LYS A CD  
337 C CE  . LYS A 52 ? 0.7290 0.5295 0.6335 -0.0652 0.0140  -0.0549 272 LYS A CE  
338 N NZ  . LYS A 52 ? 0.7376 0.5073 0.6202 -0.0474 0.0237  -0.0473 272 LYS A NZ  
339 N N   . ASP A 53 ? 0.2781 0.1573 0.2235 -0.0071 -0.0200 0.0014  273 ASP A N   
340 C CA  . ASP A 53 ? 0.2983 0.1777 0.2379 0.0063  -0.0213 0.0103  273 ASP A CA  
341 C C   . ASP A 53 ? 0.2509 0.1528 0.2008 0.0093  -0.0304 0.0122  273 ASP A C   
342 O O   . ASP A 53 ? 0.2572 0.1598 0.2027 0.0176  -0.0293 0.0164  273 ASP A O   
343 C CB  . ASP A 53 ? 0.2977 0.1758 0.2351 0.0123  -0.0206 0.0180  273 ASP A CB  
344 C CG  . ASP A 53 ? 0.4026 0.2528 0.3234 0.0149  -0.0085 0.0206  273 ASP A CG  
345 O OD1 . ASP A 53 ? 0.4853 0.3162 0.3954 0.0185  -0.0004 0.0198  273 ASP A OD1 
346 O OD2 . ASP A 53 ? 0.4702 0.3150 0.3864 0.0143  -0.0053 0.0238  273 ASP A OD2 
347 N N   . ILE A 54 ? 0.2452 0.1635 0.2077 0.0040  -0.0368 0.0104  274 ILE A N   
348 C CA  . ILE A 54 ? 0.2351 0.1695 0.2040 0.0071  -0.0427 0.0135  274 ILE A CA  
349 C C   . ILE A 54 ? 0.2447 0.1767 0.2024 0.0069  -0.0420 0.0091  274 ILE A C   
350 O O   . ILE A 54 ? 0.2498 0.1848 0.2026 0.0134  -0.0414 0.0132  274 ILE A O   
351 C CB  . ILE A 54 ? 0.2345 0.1833 0.2173 0.0040  -0.0475 0.0138  274 ILE A CB  
352 C CG1 . ILE A 54 ? 0.2280 0.1754 0.2182 0.0042  -0.0462 0.0166  274 ILE A CG1 
353 C CG2 . ILE A 54 ? 0.2336 0.1954 0.2192 0.0084  -0.0517 0.0187  274 ILE A CG2 
354 C CD1 . ILE A 54 ? 0.2478 0.2041 0.2516 0.0029  -0.0469 0.0167  274 ILE A CD1 
355 N N   . GLU A 55 ? 0.2419 0.1685 0.1943 -0.0018 -0.0411 -0.0002 275 GLU A N   
356 C CA  . GLU A 55 ? 0.3000 0.2221 0.2371 -0.0046 -0.0401 -0.0079 275 GLU A CA  
357 C C   . GLU A 55 ? 0.2938 0.1932 0.2150 0.0029  -0.0300 -0.0069 275 GLU A C   
358 O O   . GLU A 55 ? 0.3006 0.1992 0.2100 0.0070  -0.0284 -0.0081 275 GLU A O   
359 C CB  . GLU A 55 ? 0.3478 0.2673 0.2831 -0.0195 -0.0399 -0.0211 275 GLU A CB  
360 C CG  . GLU A 55 ? 0.4076 0.3559 0.3609 -0.0262 -0.0499 -0.0226 275 GLU A CG  
361 C CD  . GLU A 55 ? 0.6294 0.5784 0.5836 -0.0438 -0.0487 -0.0374 275 GLU A CD  
362 O OE1 . GLU A 55 ? 0.7146 0.6656 0.6555 -0.0523 -0.0514 -0.0488 275 GLU A OE1 
363 O OE2 . GLU A 55 ? 0.7613 0.7079 0.7286 -0.0506 -0.0438 -0.0387 275 GLU A OE2 
364 N N   . GLU A 56 ? 0.2926 0.1745 0.2124 0.0073  -0.0223 -0.0031 276 GLU A N   
365 C CA  . GLU A 56 ? 0.3136 0.1760 0.2207 0.0186  -0.0117 0.0006  276 GLU A CA  
366 C C   . GLU A 56 ? 0.2727 0.1547 0.1888 0.0310  -0.0147 0.0117  276 GLU A C   
367 O O   . GLU A 56 ? 0.3016 0.1772 0.2087 0.0400  -0.0073 0.0131  276 GLU A O   
368 C CB  . GLU A 56 ? 0.3248 0.1657 0.2280 0.0224  -0.0030 0.0048  276 GLU A CB  
369 C CG  . GLU A 56 ? 0.3911 0.2162 0.2845 0.0399  0.0079  0.0137  276 GLU A CG  
370 C CD  . GLU A 56 ? 0.5501 0.3464 0.4238 0.0407  0.0212  0.0053  276 GLU A CD  
371 O OE1 . GLU A 56 ? 0.5703 0.3594 0.4358 0.0252  0.0207  -0.0095 276 GLU A OE1 
372 O OE2 . GLU A 56 ? 0.5904 0.3717 0.4565 0.0575  0.0326  0.0133  276 GLU A OE2 
373 N N   . CYS A 57 ? 0.2672 0.1714 0.2005 0.0307  -0.0236 0.0182  277 CYS A N   
374 C CA  . CYS A 57 ? 0.2807 0.2040 0.2244 0.0379  -0.0255 0.0266  277 CYS A CA  
375 C C   . CYS A 57 ? 0.2569 0.1838 0.1933 0.0380  -0.0240 0.0247  277 CYS A C   
376 O O   . CYS A 57 ? 0.2645 0.1949 0.1992 0.0466  -0.0176 0.0293  277 CYS A O   
377 C CB  . CYS A 57 ? 0.2530 0.1947 0.2140 0.0330  -0.0338 0.0305  277 CYS A CB  
378 S SG  . CYS A 57 ? 0.2501 0.1932 0.2166 0.0338  -0.0363 0.0336  277 CYS A SG  
379 N N   . ASN A 58 ? 0.2629 0.1913 0.1942 0.0296  -0.0295 0.0183  278 ASN A N   
380 C CA  . ASN A 58 ? 0.2908 0.2240 0.2100 0.0303  -0.0295 0.0169  278 ASN A CA  
381 C C   . ASN A 58 ? 0.2899 0.2042 0.1864 0.0322  -0.0204 0.0086  278 ASN A C   
382 O O   . ASN A 58 ? 0.3073 0.2224 0.1919 0.0384  -0.0148 0.0104  278 ASN A O   
383 C CB  . ASN A 58 ? 0.3201 0.2654 0.2402 0.0225  -0.0395 0.0135  278 ASN A CB  
384 C CG  . ASN A 58 ? 0.3388 0.2992 0.2778 0.0242  -0.0445 0.0238  278 ASN A CG  
385 O OD1 . ASN A 58 ? 0.4029 0.3673 0.3490 0.0295  -0.0407 0.0328  278 ASN A OD1 
386 N ND2 . ASN A 58 ? 0.4105 0.3788 0.3584 0.0193  -0.0515 0.0219  278 ASN A ND2 
387 N N   . ALA A 59 ? 0.3184 0.2112 0.2063 0.0280  -0.0155 -0.0003 279 ALA A N   
388 C CA  . ALA A 59 ? 0.3563 0.2231 0.2203 0.0295  -0.0034 -0.0097 279 ALA A CA  
389 C C   . ALA A 59 ? 0.3402 0.1997 0.2045 0.0468  0.0095  0.0001  279 ALA A C   
390 O O   . ALA A 59 ? 0.3698 0.2180 0.2168 0.0529  0.0200  -0.0033 279 ALA A O   
391 C CB  . ALA A 59 ? 0.3871 0.2279 0.2436 0.0190  0.0015  -0.0211 279 ALA A CB  
392 N N   . ILE A 60 ? 0.3304 0.2022 0.2157 0.0550  0.0079  0.0125  280 ILE A N   
393 C CA  . ILE A 60 ? 0.3598 0.2367 0.2528 0.0718  0.0172  0.0235  280 ILE A CA  
394 C C   . ILE A 60 ? 0.3348 0.2328 0.2326 0.0756  0.0183  0.0286  280 ILE A C   
395 O O   . ILE A 60 ? 0.3441 0.2362 0.2333 0.0865  0.0315  0.0301  280 ILE A O   
396 C CB  . ILE A 60 ? 0.3096 0.2033 0.2248 0.0765  0.0109  0.0346  280 ILE A CB  
397 C CG1 . ILE A 60 ? 0.3357 0.2023 0.2401 0.0792  0.0165  0.0331  280 ILE A CG1 
398 C CG2 . ILE A 60 ? 0.3248 0.2427 0.2574 0.0916  0.0153  0.0472  280 ILE A CG2 
399 C CD1 . ILE A 60 ? 0.3534 0.2356 0.2729 0.0797  0.0071  0.0414  280 ILE A CD1 
400 N N   . ILE A 61 ? 0.3163 0.2358 0.2262 0.0668  0.0069  0.0314  281 ILE A N   
401 C CA  . ILE A 61 ? 0.3207 0.2564 0.2329 0.0691  0.0099  0.0374  281 ILE A CA  
402 C C   . ILE A 61 ? 0.3288 0.2486 0.2108 0.0701  0.0176  0.0293  281 ILE A C   
403 O O   . ILE A 61 ? 0.3422 0.2646 0.2188 0.0790  0.0296  0.0337  281 ILE A O   
404 C CB  . ILE A 61 ? 0.3026 0.2553 0.2280 0.0597  -0.0014 0.0418  281 ILE A CB  
405 C CG1 . ILE A 61 ? 0.3222 0.2894 0.2745 0.0569  -0.0079 0.0473  281 ILE A CG1 
406 C CG2 . ILE A 61 ? 0.3352 0.2989 0.2590 0.0620  0.0042  0.0492  281 ILE A CG2 
407 C CD1 . ILE A 61 ? 0.3527 0.3370 0.3235 0.0650  -0.0013 0.0553  281 ILE A CD1 
408 N N   . GLU A 62 ? 0.3430 0.2484 0.2047 0.0604  0.0116  0.0169  282 GLU A N   
409 C CA  . GLU A 62 ? 0.3885 0.2788 0.2173 0.0586  0.0175  0.0055  282 GLU A CA  
410 C C   . GLU A 62 ? 0.4155 0.2804 0.2288 0.0690  0.0363  0.0009  282 GLU A C   
411 O O   . GLU A 62 ? 0.4309 0.2882 0.2215 0.0739  0.0471  -0.0025 282 GLU A O   
412 C CB  . GLU A 62 ? 0.3839 0.2672 0.1990 0.0430  0.0062  -0.0095 282 GLU A CB  
413 C CG  . GLU A 62 ? 0.4458 0.3102 0.2237 0.0366  0.0113  -0.0271 282 GLU A CG  
414 C CD  . GLU A 62 ? 0.4868 0.3643 0.2421 0.0394  0.0101  -0.0257 282 GLU A CD  
415 O OE1 . GLU A 62 ? 0.5027 0.4054 0.2712 0.0441  0.0027  -0.0108 282 GLU A OE1 
416 O OE2 . GLU A 62 ? 0.5295 0.3891 0.2512 0.0362  0.0176  -0.0402 282 GLU A OE2 
417 N N   . GLN A 63 ? 0.4043 0.2548 0.2283 0.0742  0.0422  0.0022  283 GLN A N   
418 C CA  . GLN A 63 ? 0.4697 0.2935 0.2801 0.0879  0.0624  0.0001  283 GLN A CA  
419 C C   . GLN A 63 ? 0.4273 0.2706 0.2505 0.1049  0.0736  0.0140  283 GLN A C   
420 O O   . GLN A 63 ? 0.4903 0.3169 0.2933 0.1147  0.0913  0.0103  283 GLN A O   
421 C CB  . GLN A 63 ? 0.5024 0.3087 0.3227 0.0926  0.0661  0.0029  283 GLN A CB  
422 C CG  . GLN A 63 ? 0.7174 0.4810 0.5102 0.0826  0.0739  -0.0145 283 GLN A CG  
423 C CD  . GLN A 63 ? 0.8098 0.5356 0.5730 0.0925  0.0977  -0.0232 283 GLN A CD  
424 O OE1 . GLN A 63 ? 0.8943 0.6284 0.6582 0.1089  0.1088  -0.0152 283 GLN A OE1 
425 N NE2 . GLN A 63 ? 0.8636 0.5462 0.6009 0.0817  0.1077  -0.0405 283 GLN A NE2 
426 N N   . PHE A 64 ? 0.3978 0.2765 0.2545 0.1070  0.0645  0.0287  284 PHE A N   
427 C CA  . PHE A 64 ? 0.3950 0.2990 0.2701 0.1195  0.0745  0.0417  284 PHE A CA  
428 C C   . PHE A 64 ? 0.3984 0.3057 0.2553 0.1159  0.0794  0.0401  284 PHE A C   
429 O O   . PHE A 64 ? 0.4396 0.3477 0.2918 0.1278  0.0966  0.0438  284 PHE A O   
430 C CB  . PHE A 64 ? 0.3838 0.3250 0.2985 0.1171  0.0624  0.0546  284 PHE A CB  
431 C CG  . PHE A 64 ? 0.3786 0.3278 0.3141 0.1288  0.0628  0.0618  284 PHE A CG  
432 C CD1 . PHE A 64 ? 0.3937 0.3307 0.3273 0.1237  0.0519  0.0586  284 PHE A CD1 
433 C CD2 . PHE A 64 ? 0.4138 0.3864 0.3712 0.1456  0.0738  0.0734  284 PHE A CD2 
434 C CE1 . PHE A 64 ? 0.4218 0.3661 0.3699 0.1365  0.0523  0.0674  284 PHE A CE1 
435 C CE2 . PHE A 64 ? 0.4261 0.4103 0.4010 0.1590  0.0728  0.0822  284 PHE A CE2 
436 C CZ  . PHE A 64 ? 0.4103 0.3796 0.3788 0.1545  0.0614  0.0796  284 PHE A CZ  
437 N N   . ILE A 65 ? 0.4025 0.3135 0.2494 0.1016  0.0653  0.0362  285 ILE A N   
438 C CA  . ILE A 65 ? 0.3867 0.2967 0.2072 0.1003  0.0703  0.0348  285 ILE A CA  
439 C C   . ILE A 65 ? 0.4839 0.3639 0.2632 0.1041  0.0837  0.0204  285 ILE A C   
440 O O   . ILE A 65 ? 0.4853 0.3642 0.2471 0.1114  0.0979  0.0226  285 ILE A O   
441 C CB  . ILE A 65 ? 0.4000 0.3189 0.2147 0.0865  0.0509  0.0338  285 ILE A CB  
442 C CG1 . ILE A 65 ? 0.4615 0.4049 0.3121 0.0831  0.0424  0.0479  285 ILE A CG1 
443 C CG2 . ILE A 65 ? 0.4736 0.3902 0.2522 0.0865  0.0540  0.0322  285 ILE A CG2 
444 C CD1 . ILE A 65 ? 0.4835 0.4400 0.3323 0.0851  0.0489  0.0610  285 ILE A CD1 
445 N N   . ASP A 66 ? 0.4916 0.3457 0.2544 0.0980  0.0809  0.0051  286 ASP A N   
446 C CA  . ASP A 66 ? 0.5447 0.3651 0.2662 0.0983  0.0947  -0.0121 286 ASP A CA  
447 C C   . ASP A 66 ? 0.5749 0.3804 0.2952 0.1183  0.1212  -0.0077 286 ASP A C   
448 O O   . ASP A 66 ? 0.6455 0.4307 0.3313 0.1227  0.1375  -0.0170 286 ASP A O   
449 C CB  . ASP A 66 ? 0.5805 0.3736 0.2896 0.0855  0.0888  -0.0295 286 ASP A CB  
450 C CG  . ASP A 66 ? 0.6718 0.4312 0.3337 0.0776  0.0987  -0.0525 286 ASP A CG  
451 O OD1 . ASP A 66 ? 0.6848 0.4534 0.3189 0.0702  0.0926  -0.0596 286 ASP A OD1 
452 O OD2 . ASP A 66 ? 0.8142 0.5348 0.4628 0.0793  0.1144  -0.0638 286 ASP A OD2 
453 N N   . TYR A 67 ? 0.5539 0.3720 0.3118 0.1309  0.1252  0.0067  287 TYR A N   
454 C CA  . TYR A 67 ? 0.5788 0.3942 0.3470 0.1537  0.1490  0.0158  287 TYR A CA  
455 C C   . TYR A 67 ? 0.5789 0.4177 0.3496 0.1615  0.1609  0.0255  287 TYR A C   
456 O O   . TYR A 67 ? 0.6549 0.4866 0.4222 0.1771  0.1828  0.0283  287 TYR A O   
457 C CB  . TYR A 67 ? 0.5784 0.4161 0.3907 0.1639  0.1441  0.0315  287 TYR A CB  
458 C CG  . TYR A 67 ? 0.6721 0.5274 0.5089 0.1883  0.1636  0.0463  287 TYR A CG  
459 C CD1 . TYR A 67 ? 0.7620 0.5896 0.5869 0.1982  0.1789  0.0452  287 TYR A CD1 
460 C CD2 . TYR A 67 ? 0.6714 0.5771 0.5490 0.1914  0.1592  0.0628  287 TYR A CD2 
461 C CE1 . TYR A 67 ? 0.7836 0.6341 0.6346 0.2144  0.1901  0.0607  287 TYR A CE1 
462 C CE2 . TYR A 67 ? 0.6909 0.6216 0.5965 0.2076  0.1718  0.0767  287 TYR A CE2 
463 C CZ  . TYR A 67 ? 0.7873 0.6909 0.6788 0.2186  0.1855  0.0760  287 TYR A CZ  
464 O OH  . TYR A 67 ? 0.7848 0.7153 0.7034 0.2329  0.1955  0.0902  287 TYR A OH  
465 N N   . LEU A 68 ? 0.5807 0.4472 0.3605 0.1492  0.1458  0.0318  288 LEU A N   
466 C CA  . LEU A 68 ? 0.5694 0.4582 0.3530 0.1539  0.1568  0.0431  288 LEU A CA  
467 C C   . LEU A 68 ? 0.6077 0.4786 0.3417 0.1479  0.1605  0.0332  288 LEU A C   
468 O O   . LEU A 68 ? 0.6245 0.5076 0.3528 0.1527  0.1731  0.0425  288 LEU A O   
469 C CB  . LEU A 68 ? 0.5492 0.4757 0.3721 0.1450  0.1416  0.0581  288 LEU A CB  
470 C CG  . LEU A 68 ? 0.5317 0.4851 0.4044 0.1489  0.1361  0.0684  288 LEU A CG  
471 C CD1 . LEU A 68 ? 0.5076 0.4907 0.4106 0.1349  0.1204  0.0781  288 LEU A CD1 
472 C CD2 . LEU A 68 ? 0.5928 0.5631 0.4867 0.1676  0.1589  0.0780  288 LEU A CD2 
473 N N   . ARG A 69 ? 0.6649 0.5095 0.3626 0.1365  0.1495  0.0149  289 ARG A N   
474 C CA  . ARG A 69 ? 0.7464 0.5780 0.3948 0.1294  0.1495  0.0033  289 ARG A CA  
475 C C   . ARG A 69 ? 0.8154 0.6247 0.4467 0.1363  0.1699  -0.0053 289 ARG A C   
476 O O   . ARG A 69 ? 0.8180 0.6114 0.4640 0.1464  0.1834  -0.0065 289 ARG A O   
477 C CB  . ARG A 69 ? 0.7036 0.5221 0.3251 0.1116  0.1285  -0.0153 289 ARG A CB  
478 C CG  . ARG A 69 ? 0.6232 0.4699 0.2707 0.1001  0.1015  -0.0064 289 ARG A CG  
479 C CD  . ARG A 69 ? 0.6092 0.4496 0.2354 0.0825  0.0812  -0.0248 289 ARG A CD  
480 N NE  . ARG A 69 ? 0.5580 0.4271 0.2128 0.0749  0.0581  -0.0140 289 ARG A NE  
481 C CZ  . ARG A 69 ? 0.5180 0.3891 0.1946 0.0645  0.0434  -0.0196 289 ARG A CZ  
482 N NH1 . ARG A 69 ? 0.5687 0.4139 0.2426 0.0591  0.0485  -0.0350 289 ARG A NH1 
483 N NH2 . ARG A 69 ? 0.5133 0.4097 0.2150 0.0602  0.0257  -0.0088 289 ARG A NH2 
484 O O   . HOH B .  ? 0.4892 0.4585 0.4871 -0.0525 -0.0446 -0.0334 301 HOH A O   
485 O O   . HOH B .  ? 0.9463 0.6856 0.7735 0.0160  0.0411  -0.0326 302 HOH A O   
486 O O   . HOH B .  ? 0.6524 0.8892 0.8677 0.0367  0.1944  0.1576  303 HOH A O   
487 O O   . HOH B .  ? 0.5881 0.6171 0.7252 0.0810  -0.0085 0.0646  304 HOH A O   
488 O O   . HOH B .  ? 0.6217 0.4308 0.4906 -0.0094 0.0055  -0.0338 305 HOH A O   
489 O O   . HOH B .  ? 0.3704 0.3376 0.2965 0.0431  -0.0247 0.0442  306 HOH A O   
490 O O   . HOH B .  ? 0.5869 0.5688 0.5063 0.0552  -0.0173 0.0854  307 HOH A O   
491 O O   . HOH B .  ? 0.5130 0.5966 0.6437 0.0832  -0.0410 0.0754  308 HOH A O   
492 O O   . HOH B .  ? 0.4456 0.4653 0.5776 -0.1012 0.0369  -0.0367 309 HOH A O   
493 O O   . HOH B .  ? 0.6981 0.6830 0.5435 0.1486  0.1831  0.0979  310 HOH A O   
494 O O   . HOH B .  ? 0.4170 0.4610 0.5839 0.0193  0.0433  0.0091  311 HOH A O   
495 O O   . HOH B .  ? 0.9458 0.8802 0.7391 0.1694  0.2019  0.0733  312 HOH A O   
496 O O   . HOH B .  ? 0.4633 0.2744 0.3268 -0.0231 0.1029  0.0070  313 HOH A O   
497 O O   . HOH B .  ? 0.4038 0.3322 0.4209 0.0226  0.0130  0.1002  314 HOH A O   
498 O O   . HOH B .  ? 0.6733 0.7080 0.7824 -0.0225 0.0644  0.1055  315 HOH A O   
499 O O   . HOH B .  ? 0.7704 0.5111 0.4115 0.1340  0.1743  -0.0317 316 HOH A O   
500 O O   . HOH B .  ? 0.6378 0.4370 0.5181 0.0845  0.0330  0.0418  317 HOH A O   
501 O O   . HOH B .  ? 0.3486 0.1992 0.2674 0.0041  -0.0032 0.0225  318 HOH A O   
502 O O   . HOH B .  ? 0.4368 0.3130 0.4563 -0.0781 0.0985  -0.0084 319 HOH A O   
503 O O   . HOH B .  ? 0.5164 0.4948 0.4857 0.0291  -0.0470 0.0452  320 HOH A O   
504 O O   . HOH B .  ? 0.7211 0.5137 0.4127 0.0198  0.0368  -0.0755 321 HOH A O   
505 O O   . HOH B .  ? 0.5285 0.3292 0.3198 0.0331  0.0307  -0.0379 322 HOH A O   
506 O O   . HOH B .  ? 0.3292 0.3324 0.4422 -0.0299 0.0398  -0.0079 323 HOH A O   
507 O O   . HOH B .  ? 0.3916 0.3496 0.5005 0.0615  0.0156  0.0422  324 HOH A O   
508 O O   . HOH B .  ? 0.8478 0.5887 0.4315 0.0824  0.1267  -0.0705 325 HOH A O   
509 O O   . HOH B .  ? 0.4414 0.2359 0.3471 -0.0096 0.0214  0.0095  326 HOH A O   
510 O O   . HOH B .  ? 0.6651 0.8622 1.0148 -0.0534 0.1766  -0.0105 327 HOH A O   
511 O O   . HOH B .  ? 0.4183 0.3671 0.4834 -0.0237 0.0115  0.0672  328 HOH A O   
512 O O   . HOH B .  ? 0.5612 0.4310 0.5586 -0.1010 0.0261  -0.0474 329 HOH A O   
513 O O   . HOH B .  ? 0.3349 0.3662 0.4661 -0.0069 0.0153  0.0016  330 HOH A O   
514 O O   . HOH B .  ? 0.2923 0.3244 0.3886 -0.0111 -0.0282 0.0034  331 HOH A O   
515 O O   . HOH B .  ? 0.3172 0.2779 0.3366 -0.0640 -0.0275 -0.0342 332 HOH A O   
516 O O   . HOH B .  ? 0.4645 0.2757 0.3745 -0.0407 0.1051  0.0134  333 HOH A O   
517 O O   . HOH B .  ? 0.6437 0.6257 0.6472 0.0597  -0.0392 0.0869  334 HOH A O   
518 O O   . HOH B .  ? 0.7195 0.8613 0.8413 0.0448  -0.0746 0.0471  335 HOH A O   
519 O O   . HOH B .  ? 0.5926 0.4871 0.5585 0.0568  0.0519  0.1499  336 HOH A O   
520 O O   . HOH B .  ? 0.8600 0.7836 0.8474 0.0522  0.0095  0.1178  337 HOH A O   
521 O O   . HOH B .  ? 0.4916 0.4081 0.3754 -0.0078 -0.0391 -0.0272 338 HOH A O   
522 O O   . HOH B .  ? 0.3875 0.2894 0.4245 0.0280  -0.0040 0.0687  339 HOH A O   
523 O O   . HOH B .  ? 0.4065 0.2965 0.4980 -0.1604 0.1549  -0.0380 340 HOH A O   
524 O O   . HOH B .  ? 0.6055 0.5982 0.6599 0.0030  0.0636  0.1181  341 HOH A O   
525 O O   . HOH B .  ? 0.3756 0.4458 0.4748 -0.0009 -0.0524 0.0112  342 HOH A O   
526 O O   . HOH B .  ? 0.3801 0.3579 0.2786 0.0648  0.0112  0.1044  343 HOH A O   
527 O O   . HOH B .  ? 0.6095 0.5236 0.3647 0.1153  0.1078  0.0474  344 HOH A O   
528 O O   . HOH B .  ? 0.3849 0.3625 0.3544 0.0336  -0.0353 0.0551  345 HOH A O   
529 O O   . HOH B .  ? 0.4398 0.4449 0.5952 0.0051  0.1307  -0.0065 346 HOH A O   
530 O O   . HOH B .  ? 0.5231 0.5948 0.7162 -0.0837 0.0696  -0.0252 347 HOH A O   
531 O O   . HOH B .  ? 0.5232 0.5464 0.4201 0.1150  0.1723  0.1322  348 HOH A O   
532 O O   . HOH B .  ? 0.5338 0.5822 0.5843 0.0300  0.0944  0.1297  349 HOH A O   
533 O O   . HOH B .  ? 0.5047 0.5122 0.5195 0.0313  -0.0607 0.0468  350 HOH A O   
534 O O   . HOH B .  ? 0.3747 0.4076 0.4907 -0.0548 0.0014  -0.0188 351 HOH A O   
535 O O   . HOH B .  ? 0.5214 0.3645 0.5639 0.0115  0.0250  0.0590  352 HOH A O   
536 O O   . HOH B .  ? 0.6699 0.7200 0.6069 0.1598  0.2106  0.1200  353 HOH A O   
537 O O   . HOH B .  ? 0.4598 0.4080 0.4822 -0.1028 -0.0126 -0.0597 354 HOH A O   
538 O O   . HOH B .  ? 0.5548 0.5563 0.5301 0.0189  -0.0656 0.0283  355 HOH A O   
539 O O   . HOH B .  ? 1.0158 0.9215 0.6884 0.0132  -0.0179 -0.0586 356 HOH A O   
540 O O   . HOH B .  ? 0.2958 0.3100 0.3755 -0.0400 -0.0228 -0.0131 357 HOH A O   
541 O O   . HOH B .  ? 0.7934 0.7314 0.7893 0.0565  -0.0089 0.1051  358 HOH A O   
542 O O   . HOH B .  ? 0.5837 0.4313 0.5414 -0.0414 0.1809  -0.0020 359 HOH A O   
543 O O   . HOH B .  ? 0.9693 0.7440 0.8073 0.0534  0.0411  -0.0082 360 HOH A O   
544 O O   . HOH B .  ? 0.6238 0.6389 0.6394 -0.0339 -0.0624 -0.0187 361 HOH A O   
545 O O   . HOH B .  ? 0.4963 0.4810 0.4869 0.0283  -0.0527 0.0478  362 HOH A O   
546 O O   . HOH B .  ? 0.6320 0.3915 0.3677 0.0452  0.0605  -0.0531 363 HOH A O   
547 O O   . HOH B .  ? 0.6001 0.6474 0.6848 -0.1148 -0.0327 -0.0660 364 HOH A O   
548 O O   . HOH B .  ? 0.7922 0.7034 0.8407 -0.0082 0.0398  0.0980  365 HOH A O   
549 O O   . HOH B .  ? 0.7169 0.6533 0.7320 0.0529  -0.0144 0.0932  366 HOH A O   
550 O O   . HOH B .  ? 0.5382 0.5304 0.6703 -0.1056 0.0795  -0.0302 367 HOH A O   
551 O O   . HOH B .  ? 0.7947 0.8406 0.7992 0.0294  -0.0775 0.0402  368 HOH A O   
552 O O   . HOH B .  ? 0.7956 0.6586 0.6618 -0.0286 -0.0203 -0.0517 369 HOH A O   
553 O O   . HOH B .  ? 0.5158 0.5736 0.5827 -0.0269 -0.0613 -0.0086 370 HOH A O   
554 O O   . HOH B .  ? 0.7816 0.6780 0.8407 -0.0205 0.0684  0.1115  371 HOH A O   
555 O O   . HOH B .  ? 0.3560 0.3827 0.4224 -0.0533 -0.0404 -0.0250 372 HOH A O   
556 O O   . HOH B .  ? 0.5890 0.5595 0.5009 -0.0059 -0.0609 -0.0143 373 HOH A O   
557 O O   . HOH B .  ? 0.5574 0.6318 0.7352 -0.0446 0.0394  -0.0128 374 HOH A O   
558 O O   . HOH B .  ? 0.4377 0.5167 0.5856 -0.0097 -0.0151 0.0035  375 HOH A O   
559 O O   . HOH B .  ? 0.5472 0.5205 0.6452 -0.0507 0.0223  0.0616  376 HOH A O   
560 O O   . HOH B .  ? 0.8288 0.6416 0.8782 -0.0254 0.0537  0.0612  377 HOH A O   
561 O O   . HOH B .  ? 0.7236 0.6667 0.7160 -0.1123 -0.0244 -0.0782 378 HOH A O   
562 O O   . HOH B .  ? 0.7063 0.7372 0.7823 0.0031  0.0793  0.1220  379 HOH A O   
563 O O   . HOH B .  ? 0.8947 0.7126 0.6211 -0.0155 0.0057  -0.0888 380 HOH A O   
564 O O   . HOH B .  ? 0.7906 0.6239 0.8268 0.0150  0.0412  0.0827  381 HOH A O   
565 O O   . HOH B .  ? 0.5466 0.3926 0.3430 0.0001  -0.0038 -0.0534 382 HOH A O   
566 O O   . HOH B .  ? 0.5967 0.6871 0.7088 -0.0852 -0.0441 -0.0451 383 HOH A O   
567 O O   . HOH B .  ? 0.5836 0.4703 0.6661 0.0634  0.0332  0.0468  384 HOH A O   
568 O O   . HOH B .  ? 0.6922 0.7209 0.8448 -0.0626 0.0946  0.1073  385 HOH A O   
569 O O   . HOH B .  ? 0.7950 0.5395 0.5868 -0.0137 0.0338  -0.0702 386 HOH A O   
570 O O   . HOH B .  ? 0.7566 0.7531 0.8920 0.1116  0.0134  0.0857  387 HOH A O   
571 O O   . HOH B .  ? 0.6390 0.4972 0.6872 0.0386  0.0206  0.0630  388 HOH A O   
572 O O   . HOH B .  ? 0.7502 0.6664 0.8559 -0.1310 0.1863  -0.0180 389 HOH A O   
573 O O   . HOH B .  ? 0.7747 0.5908 0.5815 -0.0281 -0.0003 -0.0735 390 HOH A O   
574 O O   . HOH B .  ? 0.7003 0.8443 0.8234 -0.1267 -0.0623 -0.0775 391 HOH A O   
575 O O   . HOH B .  ? 0.6661 0.5183 0.7349 0.0696  0.0455  0.0602  392 HOH A O   
# 
loop_
_pdbx_poly_seq_scheme.asym_id 
_pdbx_poly_seq_scheme.entity_id 
_pdbx_poly_seq_scheme.seq_id 
_pdbx_poly_seq_scheme.mon_id 
_pdbx_poly_seq_scheme.ndb_seq_num 
_pdbx_poly_seq_scheme.pdb_seq_num 
_pdbx_poly_seq_scheme.auth_seq_num 
_pdbx_poly_seq_scheme.pdb_mon_id 
_pdbx_poly_seq_scheme.auth_mon_id 
_pdbx_poly_seq_scheme.pdb_strand_id 
_pdbx_poly_seq_scheme.pdb_ins_code 
_pdbx_poly_seq_scheme.hetero 
A 1 1  GLY 1  221 ?   ?   ?   A . n 
A 1 2  ALA 2  222 ?   ?   ?   A . n 
A 1 3  MET 3  223 ?   ?   ?   A . n 
A 1 4  ALA 4  224 ?   ?   ?   A . n 
A 1 5  ALA 5  225 ?   ?   ?   A . n 
A 1 6  GLY 6  226 ?   ?   ?   A . n 
A 1 7  VAL 7  227 ?   ?   ?   A . n 
A 1 8  LYS 8  228 ?   ?   ?   A . n 
A 1 9  GLN 9  229 ?   ?   ?   A . n 
A 1 10 LEU 10 230 ?   ?   ?   A . n 
A 1 11 ALA 11 231 231 ALA ALA A . n 
A 1 12 ASP 12 232 232 ASP ASP A . n 
A 1 13 ASP 13 233 233 ASP ASP A . n 
A 1 14 ARG 14 234 234 ARG ARG A . n 
A 1 15 THR 15 235 235 THR THR A . n 
A 1 16 LEU 16 236 236 LEU LEU A . n 
A 1 17 LEU 17 237 237 LEU LEU A . n 
A 1 18 MET 18 238 238 MET MET A . n 
A 1 19 ALA 19 239 239 ALA ALA A . n 
A 1 20 GLY 20 240 240 GLY GLY A . n 
A 1 21 VAL 21 241 241 VAL VAL A . n 
A 1 22 SER 22 242 242 SER SER A . n 
A 1 23 HIS 23 243 243 HIS HIS A . n 
A 1 24 ASP 24 244 244 ASP ASP A . n 
A 1 25 LEU 25 245 245 LEU LEU A . n 
A 1 26 ARG 26 246 246 ARG ARG A . n 
A 1 27 THR 27 247 247 THR THR A . n 
A 1 28 PRO 28 248 248 PRO PRO A . n 
A 1 29 LEU 29 249 249 LEU LEU A . n 
A 1 30 THR 30 250 250 THR THR A . n 
A 1 31 ARG 31 251 251 ARG ARG A . n 
A 1 32 ILE 32 252 252 ILE ILE A . n 
A 1 33 ARG 33 253 253 ARG ARG A . n 
A 1 34 LEU 34 254 254 LEU LEU A . n 
A 1 35 ALA 35 255 255 ALA ALA A . n 
A 1 36 THR 36 256 256 THR THR A . n 
A 1 37 GLU 37 257 257 GLU GLU A . n 
A 1 38 MET 38 258 258 MET MET A . n 
A 1 39 MET 39 259 259 MET MET A . n 
A 1 40 SER 40 260 260 SER SER A . n 
A 1 41 GLU 41 261 261 GLU GLU A . n 
A 1 42 GLN 42 262 262 GLN GLN A . n 
A 1 43 ASP 43 263 263 ASP ASP A . n 
A 1 44 GLY 44 264 264 GLY GLY A . n 
A 1 45 TYR 45 265 265 TYR TYR A . n 
A 1 46 LEU 46 266 266 LEU LEU A . n 
A 1 47 ALA 47 267 267 ALA ALA A . n 
A 1 48 GLU 48 268 268 GLU GLU A . n 
A 1 49 SER 49 269 269 SER SER A . n 
A 1 50 ILE 50 270 270 ILE ILE A . n 
A 1 51 ASN 51 271 271 ASN ASN A . n 
A 1 52 LYS 52 272 272 LYS LYS A . n 
A 1 53 ASP 53 273 273 ASP ASP A . n 
A 1 54 ILE 54 274 274 ILE ILE A . n 
A 1 55 GLU 55 275 275 GLU GLU A . n 
A 1 56 GLU 56 276 276 GLU GLU A . n 
A 1 57 CYS 57 277 277 CYS CYS A . n 
A 1 58 ASN 58 278 278 ASN ASN A . n 
A 1 59 ALA 59 279 279 ALA ALA A . n 
A 1 60 ILE 60 280 280 ILE ILE A . n 
A 1 61 ILE 61 281 281 ILE ILE A . n 
A 1 62 GLU 62 282 282 GLU GLU A . n 
A 1 63 GLN 63 283 283 GLN GLN A . n 
A 1 64 PHE 64 284 284 PHE PHE A . n 
A 1 65 ILE 65 285 285 ILE ILE A . n 
A 1 66 ASP 66 286 286 ASP ASP A . n 
A 1 67 TYR 67 287 287 TYR TYR A . n 
A 1 68 LEU 68 288 288 LEU LEU A . n 
A 1 69 ARG 69 289 289 ARG ARG A . n 
# 
loop_
_pdbx_nonpoly_scheme.asym_id 
_pdbx_nonpoly_scheme.entity_id 
_pdbx_nonpoly_scheme.mon_id 
_pdbx_nonpoly_scheme.ndb_seq_num 
_pdbx_nonpoly_scheme.pdb_seq_num 
_pdbx_nonpoly_scheme.auth_seq_num 
_pdbx_nonpoly_scheme.pdb_mon_id 
_pdbx_nonpoly_scheme.auth_mon_id 
_pdbx_nonpoly_scheme.pdb_strand_id 
_pdbx_nonpoly_scheme.pdb_ins_code 
B 2 HOH 1  301 96 HOH HOH A . 
B 2 HOH 2  302 85 HOH HOH A . 
B 2 HOH 3  303 54 HOH HOH A . 
B 2 HOH 4  304 76 HOH HOH A . 
B 2 HOH 5  305 27 HOH HOH A . 
B 2 HOH 6  306 16 HOH HOH A . 
B 2 HOH 7  307 45 HOH HOH A . 
B 2 HOH 8  308 58 HOH HOH A . 
B 2 HOH 9  309 35 HOH HOH A . 
B 2 HOH 10 310 49 HOH HOH A . 
B 2 HOH 11 311 23 HOH HOH A . 
B 2 HOH 12 312 94 HOH HOH A . 
B 2 HOH 13 313 10 HOH HOH A . 
B 2 HOH 14 314 12 HOH HOH A . 
B 2 HOH 15 315 75 HOH HOH A . 
B 2 HOH 16 316 46 HOH HOH A . 
B 2 HOH 17 317 24 HOH HOH A . 
B 2 HOH 18 318 2  HOH HOH A . 
B 2 HOH 19 319 40 HOH HOH A . 
B 2 HOH 20 320 19 HOH HOH A . 
B 2 HOH 21 321 29 HOH HOH A . 
B 2 HOH 22 322 4  HOH HOH A . 
B 2 HOH 23 323 5  HOH HOH A . 
B 2 HOH 24 324 53 HOH HOH A . 
B 2 HOH 25 325 91 HOH HOH A . 
B 2 HOH 26 326 6  HOH HOH A . 
B 2 HOH 27 327 59 HOH HOH A . 
B 2 HOH 28 328 25 HOH HOH A . 
B 2 HOH 29 329 39 HOH HOH A . 
B 2 HOH 30 330 9  HOH HOH A . 
B 2 HOH 31 331 7  HOH HOH A . 
B 2 HOH 32 332 3  HOH HOH A . 
B 2 HOH 33 333 22 HOH HOH A . 
B 2 HOH 34 334 83 HOH HOH A . 
B 2 HOH 35 335 82 HOH HOH A . 
B 2 HOH 36 336 70 HOH HOH A . 
B 2 HOH 37 337 57 HOH HOH A . 
B 2 HOH 38 338 17 HOH HOH A . 
B 2 HOH 39 339 15 HOH HOH A . 
B 2 HOH 40 340 13 HOH HOH A . 
B 2 HOH 41 341 64 HOH HOH A . 
B 2 HOH 42 342 37 HOH HOH A . 
B 2 HOH 43 343 1  HOH HOH A . 
B 2 HOH 44 344 14 HOH HOH A . 
B 2 HOH 45 345 8  HOH HOH A . 
B 2 HOH 46 346 42 HOH HOH A . 
B 2 HOH 47 347 47 HOH HOH A . 
B 2 HOH 48 348 21 HOH HOH A . 
B 2 HOH 49 349 34 HOH HOH A . 
B 2 HOH 50 350 30 HOH HOH A . 
B 2 HOH 51 351 20 HOH HOH A . 
B 2 HOH 52 352 26 HOH HOH A . 
B 2 HOH 53 353 41 HOH HOH A . 
B 2 HOH 54 354 32 HOH HOH A . 
B 2 HOH 55 355 36 HOH HOH A . 
B 2 HOH 56 356 90 HOH HOH A . 
B 2 HOH 57 357 18 HOH HOH A . 
B 2 HOH 58 358 74 HOH HOH A . 
B 2 HOH 59 359 98 HOH HOH A . 
B 2 HOH 60 360 97 HOH HOH A . 
B 2 HOH 61 361 50 HOH HOH A . 
B 2 HOH 62 362 31 HOH HOH A . 
B 2 HOH 63 363 33 HOH HOH A . 
B 2 HOH 64 364 81 HOH HOH A . 
B 2 HOH 65 365 63 HOH HOH A . 
B 2 HOH 66 366 87 HOH HOH A . 
B 2 HOH 67 367 38 HOH HOH A . 
B 2 HOH 68 368 88 HOH HOH A . 
B 2 HOH 69 369 67 HOH HOH A . 
B 2 HOH 70 370 52 HOH HOH A . 
B 2 HOH 71 371 73 HOH HOH A . 
B 2 HOH 72 372 11 HOH HOH A . 
B 2 HOH 73 373 44 HOH HOH A . 
B 2 HOH 74 374 51 HOH HOH A . 
B 2 HOH 75 375 43 HOH HOH A . 
B 2 HOH 76 376 84 HOH HOH A . 
B 2 HOH 77 377 78 HOH HOH A . 
B 2 HOH 78 378 69 HOH HOH A . 
B 2 HOH 79 379 79 HOH HOH A . 
B 2 HOH 80 380 66 HOH HOH A . 
B 2 HOH 81 381 77 HOH HOH A . 
B 2 HOH 82 382 28 HOH HOH A . 
B 2 HOH 83 383 86 HOH HOH A . 
B 2 HOH 84 384 48 HOH HOH A . 
B 2 HOH 85 385 62 HOH HOH A . 
B 2 HOH 86 386 65 HOH HOH A . 
B 2 HOH 87 387 61 HOH HOH A . 
B 2 HOH 88 388 72 HOH HOH A . 
B 2 HOH 89 389 93 HOH HOH A . 
B 2 HOH 90 390 56 HOH HOH A . 
B 2 HOH 91 391 92 HOH HOH A . 
B 2 HOH 92 392 68 HOH HOH A . 
# 
_pdbx_struct_assembly.id                   1 
_pdbx_struct_assembly.details              author_and_software_defined_assembly 
_pdbx_struct_assembly.method_details       PISA 
_pdbx_struct_assembly.oligomeric_details   dimeric 
_pdbx_struct_assembly.oligomeric_count     2 
# 
_pdbx_struct_assembly_gen.assembly_id       1 
_pdbx_struct_assembly_gen.oper_expression   1,2 
_pdbx_struct_assembly_gen.asym_id_list      A,B 
# 
loop_
_pdbx_struct_assembly_prop.biol_id 
_pdbx_struct_assembly_prop.type 
_pdbx_struct_assembly_prop.value 
_pdbx_struct_assembly_prop.details 
1 'ABSA (A^2)' 2550 ? 
1 MORE         -31  ? 
1 'SSA (A^2)'  7370 ? 
# 
loop_
_pdbx_struct_oper_list.id 
_pdbx_struct_oper_list.type 
_pdbx_struct_oper_list.name 
_pdbx_struct_oper_list.symmetry_operation 
_pdbx_struct_oper_list.matrix[1][1] 
_pdbx_struct_oper_list.matrix[1][2] 
_pdbx_struct_oper_list.matrix[1][3] 
_pdbx_struct_oper_list.vector[1] 
_pdbx_struct_oper_list.matrix[2][1] 
_pdbx_struct_oper_list.matrix[2][2] 
_pdbx_struct_oper_list.matrix[2][3] 
_pdbx_struct_oper_list.vector[2] 
_pdbx_struct_oper_list.matrix[3][1] 
_pdbx_struct_oper_list.matrix[3][2] 
_pdbx_struct_oper_list.matrix[3][3] 
_pdbx_struct_oper_list.vector[3] 
1 'identity operation'         1_555 x,y,z       1.0000000000 0.0000000000  0.0000000000  0.0000000000  0.0000000000  1.0000000000  0.0000000000 0.0000000000  0.0000000000  0.0000000000 1.0000000000  0.0000000000  
2 'crystal symmetry operation' 4_665 -x+1,-y+1,z 0.1201706174 -0.1285266218 -0.9843982579 -6.6495803789 -0.1285266218 -0.9852530568 0.1129483139 -0.8142898162 -0.9843982579 0.1129483139 -0.1349175606 -7.4604019056 
# 
loop_
_pdbx_audit_revision_history.ordinal 
_pdbx_audit_revision_history.data_content_type 
_pdbx_audit_revision_history.major_revision 
_pdbx_audit_revision_history.minor_revision 
_pdbx_audit_revision_history.revision_date 
1 'Structure model' 1 0 2016-12-14 
2 'Structure model' 1 1 2017-03-29 
3 'Structure model' 1 2 2020-02-26 
4 'Structure model' 1 3 2023-11-08 
# 
_pdbx_audit_revision_details.ordinal             1 
_pdbx_audit_revision_details.revision_ordinal    1 
_pdbx_audit_revision_details.data_content_type   'Structure model' 
_pdbx_audit_revision_details.provider            repository 
_pdbx_audit_revision_details.type                'Initial release' 
_pdbx_audit_revision_details.description         ? 
_pdbx_audit_revision_details.details             ? 
# 
loop_
_pdbx_audit_revision_group.ordinal 
_pdbx_audit_revision_group.revision_ordinal 
_pdbx_audit_revision_group.data_content_type 
_pdbx_audit_revision_group.group 
1 2 'Structure model' 'Database references'    
2 3 'Structure model' 'Data collection'        
3 4 'Structure model' 'Data collection'        
4 4 'Structure model' 'Database references'    
5 4 'Structure model' 'Refinement description' 
# 
loop_
_pdbx_audit_revision_category.ordinal 
_pdbx_audit_revision_category.revision_ordinal 
_pdbx_audit_revision_category.data_content_type 
_pdbx_audit_revision_category.category 
1 3 'Structure model' diffrn_source                 
2 4 'Structure model' chem_comp_atom                
3 4 'Structure model' chem_comp_bond                
4 4 'Structure model' database_2                    
5 4 'Structure model' pdbx_initial_refinement_model 
# 
loop_
_pdbx_audit_revision_item.ordinal 
_pdbx_audit_revision_item.revision_ordinal 
_pdbx_audit_revision_item.data_content_type 
_pdbx_audit_revision_item.item 
1 3 'Structure model' '_diffrn_source.pdbx_synchrotron_site' 
2 4 'Structure model' '_database_2.pdbx_DOI'                 
3 4 'Structure model' '_database_2.pdbx_database_accession'  
# 
_pdbx_refine_tls.id               1 
_pdbx_refine_tls.pdbx_refine_id   'X-RAY DIFFRACTION' 
_pdbx_refine_tls.details          ? 
_pdbx_refine_tls.method           refined 
_pdbx_refine_tls.origin_x         0.7963 
_pdbx_refine_tls.origin_y         0.0190 
_pdbx_refine_tls.origin_z         -0.0305 
_pdbx_refine_tls.T[1][1]          0.1624 
_pdbx_refine_tls.T[1][1]_esd      ? 
_pdbx_refine_tls.T[1][2]          0.0195 
_pdbx_refine_tls.T[1][2]_esd      ? 
_pdbx_refine_tls.T[1][3]          -0.0467 
_pdbx_refine_tls.T[1][3]_esd      ? 
_pdbx_refine_tls.T[2][2]          0.1225 
_pdbx_refine_tls.T[2][2]_esd      ? 
_pdbx_refine_tls.T[2][3]          0.0275 
_pdbx_refine_tls.T[2][3]_esd      ? 
_pdbx_refine_tls.T[3][3]          0.1333 
_pdbx_refine_tls.T[3][3]_esd      ? 
_pdbx_refine_tls.L[1][1]          2.7552 
_pdbx_refine_tls.L[1][1]_esd      ? 
_pdbx_refine_tls.L[1][2]          -0.2106 
_pdbx_refine_tls.L[1][2]_esd      ? 
_pdbx_refine_tls.L[1][3]          -1.7737 
_pdbx_refine_tls.L[1][3]_esd      ? 
_pdbx_refine_tls.L[2][2]          2.5979 
_pdbx_refine_tls.L[2][2]_esd      ? 
_pdbx_refine_tls.L[2][3]          -0.1893 
_pdbx_refine_tls.L[2][3]_esd      ? 
_pdbx_refine_tls.L[3][3]          3.6758 
_pdbx_refine_tls.L[3][3]_esd      ? 
_pdbx_refine_tls.S[1][1]          -0.0125 
_pdbx_refine_tls.S[1][1]_esd      ? 
_pdbx_refine_tls.S[1][2]          -0.2723 
_pdbx_refine_tls.S[1][2]_esd      ? 
_pdbx_refine_tls.S[1][3]          -0.0361 
_pdbx_refine_tls.S[1][3]_esd      ? 
_pdbx_refine_tls.S[2][1]          0.1879 
_pdbx_refine_tls.S[2][1]_esd      ? 
_pdbx_refine_tls.S[2][2]          0.1054 
_pdbx_refine_tls.S[2][2]_esd      ? 
_pdbx_refine_tls.S[2][3]          -0.0091 
_pdbx_refine_tls.S[2][3]_esd      ? 
_pdbx_refine_tls.S[3][1]          -0.1991 
_pdbx_refine_tls.S[3][1]_esd      ? 
_pdbx_refine_tls.S[3][2]          0.0301 
_pdbx_refine_tls.S[3][2]_esd      ? 
_pdbx_refine_tls.S[3][3]          -0.1034 
_pdbx_refine_tls.S[3][3]_esd      ? 
# 
loop_
_pdbx_refine_tls_group.id 
_pdbx_refine_tls_group.pdbx_refine_id 
_pdbx_refine_tls_group.refine_tls_id 
_pdbx_refine_tls_group.beg_label_asym_id 
_pdbx_refine_tls_group.beg_label_seq_id 
_pdbx_refine_tls_group.beg_auth_asym_id 
_pdbx_refine_tls_group.beg_auth_seq_id 
_pdbx_refine_tls_group.end_label_asym_id 
_pdbx_refine_tls_group.end_label_seq_id 
_pdbx_refine_tls_group.end_auth_asym_id 
_pdbx_refine_tls_group.end_auth_seq_id 
_pdbx_refine_tls_group.selection 
_pdbx_refine_tls_group.selection_details 
1 'X-RAY DIFFRACTION' 1 ? ? A 231 ? ? A 289 ? all 
2 'X-RAY DIFFRACTION' 1 ? ? S 301 ? ? S 392 ? all 
# 
loop_
_software.citation_id 
_software.classification 
_software.compiler_name 
_software.compiler_version 
_software.contact_author 
_software.contact_author_email 
_software.date 
_software.description 
_software.dependencies 
_software.hardware 
_software.language 
_software.location 
_software.mods 
_software.name 
_software.os 
_software.os_version 
_software.type 
_software.version 
_software.pdbx_ordinal 
? 'data processing' ? ? ? ? ? ? ? ? ? ? ? MOSFLM      ? ? ? .        1 
? 'data scaling'    ? ? ? ? ? ? ? ? ? ? ? SCALA       ? ? ? 3.2.25   2 
? 'data reduction'  ? ? ? ? ? ? ? ? ? ? ? SCALA       ? ? ? .        3 
? phasing           ? ? ? ? ? ? ? ? ? ? ? PHASER      ? ? ? 2.5.5    4 
? refinement        ? ? ? ? ? ? ? ? ? ? ? PHENIX      ? ? ? 1.9_1692 5 
? 'data extraction' ? ? ? ? ? ? ? ? ? ? ? PDB_EXTRACT ? ? ? 3.15     6 
# 
loop_
_pdbx_validate_close_contact.id 
_pdbx_validate_close_contact.PDB_model_num 
_pdbx_validate_close_contact.auth_atom_id_1 
_pdbx_validate_close_contact.auth_asym_id_1 
_pdbx_validate_close_contact.auth_comp_id_1 
_pdbx_validate_close_contact.auth_seq_id_1 
_pdbx_validate_close_contact.PDB_ins_code_1 
_pdbx_validate_close_contact.label_alt_id_1 
_pdbx_validate_close_contact.auth_atom_id_2 
_pdbx_validate_close_contact.auth_asym_id_2 
_pdbx_validate_close_contact.auth_comp_id_2 
_pdbx_validate_close_contact.auth_seq_id_2 
_pdbx_validate_close_contact.PDB_ins_code_2 
_pdbx_validate_close_contact.label_alt_id_2 
_pdbx_validate_close_contact.dist 
1 1 OE2 A GLU 275 ? ? O A HOH 301 ? ? 1.91 
2 1 O   A HOH 320 ? ? O A HOH 345 ? ? 2.15 
# 
_pdbx_distant_solvent_atoms.id                                1 
_pdbx_distant_solvent_atoms.PDB_model_num                     1 
_pdbx_distant_solvent_atoms.auth_atom_id                      O 
_pdbx_distant_solvent_atoms.label_alt_id                      ? 
_pdbx_distant_solvent_atoms.auth_asym_id                      A 
_pdbx_distant_solvent_atoms.auth_comp_id                      HOH 
_pdbx_distant_solvent_atoms.auth_seq_id                       392 
_pdbx_distant_solvent_atoms.PDB_ins_code                      ? 
_pdbx_distant_solvent_atoms.neighbor_macromolecule_distance   7.09 
_pdbx_distant_solvent_atoms.neighbor_ligand_distance          . 
# 
loop_
_pdbx_unobs_or_zero_occ_residues.id 
_pdbx_unobs_or_zero_occ_residues.PDB_model_num 
_pdbx_unobs_or_zero_occ_residues.polymer_flag 
_pdbx_unobs_or_zero_occ_residues.occupancy_flag 
_pdbx_unobs_or_zero_occ_residues.auth_asym_id 
_pdbx_unobs_or_zero_occ_residues.auth_comp_id 
_pdbx_unobs_or_zero_occ_residues.auth_seq_id 
_pdbx_unobs_or_zero_occ_residues.PDB_ins_code 
_pdbx_unobs_or_zero_occ_residues.label_asym_id 
_pdbx_unobs_or_zero_occ_residues.label_comp_id 
_pdbx_unobs_or_zero_occ_residues.label_seq_id 
1  1 Y 1 A GLY 221 ? A GLY 1  
2  1 Y 1 A ALA 222 ? A ALA 2  
3  1 Y 1 A MET 223 ? A MET 3  
4  1 Y 1 A ALA 224 ? A ALA 4  
5  1 Y 1 A ALA 225 ? A ALA 5  
6  1 Y 1 A GLY 226 ? A GLY 6  
7  1 Y 1 A VAL 227 ? A VAL 7  
8  1 Y 1 A LYS 228 ? A LYS 8  
9  1 Y 1 A GLN 229 ? A GLN 9  
10 1 Y 1 A LEU 230 ? A LEU 10 
# 
loop_
_chem_comp_atom.comp_id 
_chem_comp_atom.atom_id 
_chem_comp_atom.type_symbol 
_chem_comp_atom.pdbx_aromatic_flag 
_chem_comp_atom.pdbx_stereo_config 
_chem_comp_atom.pdbx_ordinal 
ALA N    N N N 1   
ALA CA   C N S 2   
ALA C    C N N 3   
ALA O    O N N 4   
ALA CB   C N N 5   
ALA OXT  O N N 6   
ALA H    H N N 7   
ALA H2   H N N 8   
ALA HA   H N N 9   
ALA HB1  H N N 10  
ALA HB2  H N N 11  
ALA HB3  H N N 12  
ALA HXT  H N N 13  
ARG N    N N N 14  
ARG CA   C N S 15  
ARG C    C N N 16  
ARG O    O N N 17  
ARG CB   C N N 18  
ARG CG   C N N 19  
ARG CD   C N N 20  
ARG NE   N N N 21  
ARG CZ   C N N 22  
ARG NH1  N N N 23  
ARG NH2  N N N 24  
ARG OXT  O N N 25  
ARG H    H N N 26  
ARG H2   H N N 27  
ARG HA   H N N 28  
ARG HB2  H N N 29  
ARG HB3  H N N 30  
ARG HG2  H N N 31  
ARG HG3  H N N 32  
ARG HD2  H N N 33  
ARG HD3  H N N 34  
ARG HE   H N N 35  
ARG HH11 H N N 36  
ARG HH12 H N N 37  
ARG HH21 H N N 38  
ARG HH22 H N N 39  
ARG HXT  H N N 40  
ASN N    N N N 41  
ASN CA   C N S 42  
ASN C    C N N 43  
ASN O    O N N 44  
ASN CB   C N N 45  
ASN CG   C N N 46  
ASN OD1  O N N 47  
ASN ND2  N N N 48  
ASN OXT  O N N 49  
ASN H    H N N 50  
ASN H2   H N N 51  
ASN HA   H N N 52  
ASN HB2  H N N 53  
ASN HB3  H N N 54  
ASN HD21 H N N 55  
ASN HD22 H N N 56  
ASN HXT  H N N 57  
ASP N    N N N 58  
ASP CA   C N S 59  
ASP C    C N N 60  
ASP O    O N N 61  
ASP CB   C N N 62  
ASP CG   C N N 63  
ASP OD1  O N N 64  
ASP OD2  O N N 65  
ASP OXT  O N N 66  
ASP H    H N N 67  
ASP H2   H N N 68  
ASP HA   H N N 69  
ASP HB2  H N N 70  
ASP HB3  H N N 71  
ASP HD2  H N N 72  
ASP HXT  H N N 73  
CYS N    N N N 74  
CYS CA   C N R 75  
CYS C    C N N 76  
CYS O    O N N 77  
CYS CB   C N N 78  
CYS SG   S N N 79  
CYS OXT  O N N 80  
CYS H    H N N 81  
CYS H2   H N N 82  
CYS HA   H N N 83  
CYS HB2  H N N 84  
CYS HB3  H N N 85  
CYS HG   H N N 86  
CYS HXT  H N N 87  
GLN N    N N N 88  
GLN CA   C N S 89  
GLN C    C N N 90  
GLN O    O N N 91  
GLN CB   C N N 92  
GLN CG   C N N 93  
GLN CD   C N N 94  
GLN OE1  O N N 95  
GLN NE2  N N N 96  
GLN OXT  O N N 97  
GLN H    H N N 98  
GLN H2   H N N 99  
GLN HA   H N N 100 
GLN HB2  H N N 101 
GLN HB3  H N N 102 
GLN HG2  H N N 103 
GLN HG3  H N N 104 
GLN HE21 H N N 105 
GLN HE22 H N N 106 
GLN HXT  H N N 107 
GLU N    N N N 108 
GLU CA   C N S 109 
GLU C    C N N 110 
GLU O    O N N 111 
GLU CB   C N N 112 
GLU CG   C N N 113 
GLU CD   C N N 114 
GLU OE1  O N N 115 
GLU OE2  O N N 116 
GLU OXT  O N N 117 
GLU H    H N N 118 
GLU H2   H N N 119 
GLU HA   H N N 120 
GLU HB2  H N N 121 
GLU HB3  H N N 122 
GLU HG2  H N N 123 
GLU HG3  H N N 124 
GLU HE2  H N N 125 
GLU HXT  H N N 126 
GLY N    N N N 127 
GLY CA   C N N 128 
GLY C    C N N 129 
GLY O    O N N 130 
GLY OXT  O N N 131 
GLY H    H N N 132 
GLY H2   H N N 133 
GLY HA2  H N N 134 
GLY HA3  H N N 135 
GLY HXT  H N N 136 
HIS N    N N N 137 
HIS CA   C N S 138 
HIS C    C N N 139 
HIS O    O N N 140 
HIS CB   C N N 141 
HIS CG   C Y N 142 
HIS ND1  N Y N 143 
HIS CD2  C Y N 144 
HIS CE1  C Y N 145 
HIS NE2  N Y N 146 
HIS OXT  O N N 147 
HIS H    H N N 148 
HIS H2   H N N 149 
HIS HA   H N N 150 
HIS HB2  H N N 151 
HIS HB3  H N N 152 
HIS HD1  H N N 153 
HIS HD2  H N N 154 
HIS HE1  H N N 155 
HIS HE2  H N N 156 
HIS HXT  H N N 157 
HOH O    O N N 158 
HOH H1   H N N 159 
HOH H2   H N N 160 
ILE N    N N N 161 
ILE CA   C N S 162 
ILE C    C N N 163 
ILE O    O N N 164 
ILE CB   C N S 165 
ILE CG1  C N N 166 
ILE CG2  C N N 167 
ILE CD1  C N N 168 
ILE OXT  O N N 169 
ILE H    H N N 170 
ILE H2   H N N 171 
ILE HA   H N N 172 
ILE HB   H N N 173 
ILE HG12 H N N 174 
ILE HG13 H N N 175 
ILE HG21 H N N 176 
ILE HG22 H N N 177 
ILE HG23 H N N 178 
ILE HD11 H N N 179 
ILE HD12 H N N 180 
ILE HD13 H N N 181 
ILE HXT  H N N 182 
LEU N    N N N 183 
LEU CA   C N S 184 
LEU C    C N N 185 
LEU O    O N N 186 
LEU CB   C N N 187 
LEU CG   C N N 188 
LEU CD1  C N N 189 
LEU CD2  C N N 190 
LEU OXT  O N N 191 
LEU H    H N N 192 
LEU H2   H N N 193 
LEU HA   H N N 194 
LEU HB2  H N N 195 
LEU HB3  H N N 196 
LEU HG   H N N 197 
LEU HD11 H N N 198 
LEU HD12 H N N 199 
LEU HD13 H N N 200 
LEU HD21 H N N 201 
LEU HD22 H N N 202 
LEU HD23 H N N 203 
LEU HXT  H N N 204 
LYS N    N N N 205 
LYS CA   C N S 206 
LYS C    C N N 207 
LYS O    O N N 208 
LYS CB   C N N 209 
LYS CG   C N N 210 
LYS CD   C N N 211 
LYS CE   C N N 212 
LYS NZ   N N N 213 
LYS OXT  O N N 214 
LYS H    H N N 215 
LYS H2   H N N 216 
LYS HA   H N N 217 
LYS HB2  H N N 218 
LYS HB3  H N N 219 
LYS HG2  H N N 220 
LYS HG3  H N N 221 
LYS HD2  H N N 222 
LYS HD3  H N N 223 
LYS HE2  H N N 224 
LYS HE3  H N N 225 
LYS HZ1  H N N 226 
LYS HZ2  H N N 227 
LYS HZ3  H N N 228 
LYS HXT  H N N 229 
MET N    N N N 230 
MET CA   C N S 231 
MET C    C N N 232 
MET O    O N N 233 
MET CB   C N N 234 
MET CG   C N N 235 
MET SD   S N N 236 
MET CE   C N N 237 
MET OXT  O N N 238 
MET H    H N N 239 
MET H2   H N N 240 
MET HA   H N N 241 
MET HB2  H N N 242 
MET HB3  H N N 243 
MET HG2  H N N 244 
MET HG3  H N N 245 
MET HE1  H N N 246 
MET HE2  H N N 247 
MET HE3  H N N 248 
MET HXT  H N N 249 
PHE N    N N N 250 
PHE CA   C N S 251 
PHE C    C N N 252 
PHE O    O N N 253 
PHE CB   C N N 254 
PHE CG   C Y N 255 
PHE CD1  C Y N 256 
PHE CD2  C Y N 257 
PHE CE1  C Y N 258 
PHE CE2  C Y N 259 
PHE CZ   C Y N 260 
PHE OXT  O N N 261 
PHE H    H N N 262 
PHE H2   H N N 263 
PHE HA   H N N 264 
PHE HB2  H N N 265 
PHE HB3  H N N 266 
PHE HD1  H N N 267 
PHE HD2  H N N 268 
PHE HE1  H N N 269 
PHE HE2  H N N 270 
PHE HZ   H N N 271 
PHE HXT  H N N 272 
PRO N    N N N 273 
PRO CA   C N S 274 
PRO C    C N N 275 
PRO O    O N N 276 
PRO CB   C N N 277 
PRO CG   C N N 278 
PRO CD   C N N 279 
PRO OXT  O N N 280 
PRO H    H N N 281 
PRO HA   H N N 282 
PRO HB2  H N N 283 
PRO HB3  H N N 284 
PRO HG2  H N N 285 
PRO HG3  H N N 286 
PRO HD2  H N N 287 
PRO HD3  H N N 288 
PRO HXT  H N N 289 
SER N    N N N 290 
SER CA   C N S 291 
SER C    C N N 292 
SER O    O N N 293 
SER CB   C N N 294 
SER OG   O N N 295 
SER OXT  O N N 296 
SER H    H N N 297 
SER H2   H N N 298 
SER HA   H N N 299 
SER HB2  H N N 300 
SER HB3  H N N 301 
SER HG   H N N 302 
SER HXT  H N N 303 
THR N    N N N 304 
THR CA   C N S 305 
THR C    C N N 306 
THR O    O N N 307 
THR CB   C N R 308 
THR OG1  O N N 309 
THR CG2  C N N 310 
THR OXT  O N N 311 
THR H    H N N 312 
THR H2   H N N 313 
THR HA   H N N 314 
THR HB   H N N 315 
THR HG1  H N N 316 
THR HG21 H N N 317 
THR HG22 H N N 318 
THR HG23 H N N 319 
THR HXT  H N N 320 
TYR N    N N N 321 
TYR CA   C N S 322 
TYR C    C N N 323 
TYR O    O N N 324 
TYR CB   C N N 325 
TYR CG   C Y N 326 
TYR CD1  C Y N 327 
TYR CD2  C Y N 328 
TYR CE1  C Y N 329 
TYR CE2  C Y N 330 
TYR CZ   C Y N 331 
TYR OH   O N N 332 
TYR OXT  O N N 333 
TYR H    H N N 334 
TYR H2   H N N 335 
TYR HA   H N N 336 
TYR HB2  H N N 337 
TYR HB3  H N N 338 
TYR HD1  H N N 339 
TYR HD2  H N N 340 
TYR HE1  H N N 341 
TYR HE2  H N N 342 
TYR HH   H N N 343 
TYR HXT  H N N 344 
VAL N    N N N 345 
VAL CA   C N S 346 
VAL C    C N N 347 
VAL O    O N N 348 
VAL CB   C N N 349 
VAL CG1  C N N 350 
VAL CG2  C N N 351 
VAL OXT  O N N 352 
VAL H    H N N 353 
VAL H2   H N N 354 
VAL HA   H N N 355 
VAL HB   H N N 356 
VAL HG11 H N N 357 
VAL HG12 H N N 358 
VAL HG13 H N N 359 
VAL HG21 H N N 360 
VAL HG22 H N N 361 
VAL HG23 H N N 362 
VAL HXT  H N N 363 
# 
loop_
_chem_comp_bond.comp_id 
_chem_comp_bond.atom_id_1 
_chem_comp_bond.atom_id_2 
_chem_comp_bond.value_order 
_chem_comp_bond.pdbx_aromatic_flag 
_chem_comp_bond.pdbx_stereo_config 
_chem_comp_bond.pdbx_ordinal 
ALA N   CA   sing N N 1   
ALA N   H    sing N N 2   
ALA N   H2   sing N N 3   
ALA CA  C    sing N N 4   
ALA CA  CB   sing N N 5   
ALA CA  HA   sing N N 6   
ALA C   O    doub N N 7   
ALA C   OXT  sing N N 8   
ALA CB  HB1  sing N N 9   
ALA CB  HB2  sing N N 10  
ALA CB  HB3  sing N N 11  
ALA OXT HXT  sing N N 12  
ARG N   CA   sing N N 13  
ARG N   H    sing N N 14  
ARG N   H2   sing N N 15  
ARG CA  C    sing N N 16  
ARG CA  CB   sing N N 17  
ARG CA  HA   sing N N 18  
ARG C   O    doub N N 19  
ARG C   OXT  sing N N 20  
ARG CB  CG   sing N N 21  
ARG CB  HB2  sing N N 22  
ARG CB  HB3  sing N N 23  
ARG CG  CD   sing N N 24  
ARG CG  HG2  sing N N 25  
ARG CG  HG3  sing N N 26  
ARG CD  NE   sing N N 27  
ARG CD  HD2  sing N N 28  
ARG CD  HD3  sing N N 29  
ARG NE  CZ   sing N N 30  
ARG NE  HE   sing N N 31  
ARG CZ  NH1  sing N N 32  
ARG CZ  NH2  doub N N 33  
ARG NH1 HH11 sing N N 34  
ARG NH1 HH12 sing N N 35  
ARG NH2 HH21 sing N N 36  
ARG NH2 HH22 sing N N 37  
ARG OXT HXT  sing N N 38  
ASN N   CA   sing N N 39  
ASN N   H    sing N N 40  
ASN N   H2   sing N N 41  
ASN CA  C    sing N N 42  
ASN CA  CB   sing N N 43  
ASN CA  HA   sing N N 44  
ASN C   O    doub N N 45  
ASN C   OXT  sing N N 46  
ASN CB  CG   sing N N 47  
ASN CB  HB2  sing N N 48  
ASN CB  HB3  sing N N 49  
ASN CG  OD1  doub N N 50  
ASN CG  ND2  sing N N 51  
ASN ND2 HD21 sing N N 52  
ASN ND2 HD22 sing N N 53  
ASN OXT HXT  sing N N 54  
ASP N   CA   sing N N 55  
ASP N   H    sing N N 56  
ASP N   H2   sing N N 57  
ASP CA  C    sing N N 58  
ASP CA  CB   sing N N 59  
ASP CA  HA   sing N N 60  
ASP C   O    doub N N 61  
ASP C   OXT  sing N N 62  
ASP CB  CG   sing N N 63  
ASP CB  HB2  sing N N 64  
ASP CB  HB3  sing N N 65  
ASP CG  OD1  doub N N 66  
ASP CG  OD2  sing N N 67  
ASP OD2 HD2  sing N N 68  
ASP OXT HXT  sing N N 69  
CYS N   CA   sing N N 70  
CYS N   H    sing N N 71  
CYS N   H2   sing N N 72  
CYS CA  C    sing N N 73  
CYS CA  CB   sing N N 74  
CYS CA  HA   sing N N 75  
CYS C   O    doub N N 76  
CYS C   OXT  sing N N 77  
CYS CB  SG   sing N N 78  
CYS CB  HB2  sing N N 79  
CYS CB  HB3  sing N N 80  
CYS SG  HG   sing N N 81  
CYS OXT HXT  sing N N 82  
GLN N   CA   sing N N 83  
GLN N   H    sing N N 84  
GLN N   H2   sing N N 85  
GLN CA  C    sing N N 86  
GLN CA  CB   sing N N 87  
GLN CA  HA   sing N N 88  
GLN C   O    doub N N 89  
GLN C   OXT  sing N N 90  
GLN CB  CG   sing N N 91  
GLN CB  HB2  sing N N 92  
GLN CB  HB3  sing N N 93  
GLN CG  CD   sing N N 94  
GLN CG  HG2  sing N N 95  
GLN CG  HG3  sing N N 96  
GLN CD  OE1  doub N N 97  
GLN CD  NE2  sing N N 98  
GLN NE2 HE21 sing N N 99  
GLN NE2 HE22 sing N N 100 
GLN OXT HXT  sing N N 101 
GLU N   CA   sing N N 102 
GLU N   H    sing N N 103 
GLU N   H2   sing N N 104 
GLU CA  C    sing N N 105 
GLU CA  CB   sing N N 106 
GLU CA  HA   sing N N 107 
GLU C   O    doub N N 108 
GLU C   OXT  sing N N 109 
GLU CB  CG   sing N N 110 
GLU CB  HB2  sing N N 111 
GLU CB  HB3  sing N N 112 
GLU CG  CD   sing N N 113 
GLU CG  HG2  sing N N 114 
GLU CG  HG3  sing N N 115 
GLU CD  OE1  doub N N 116 
GLU CD  OE2  sing N N 117 
GLU OE2 HE2  sing N N 118 
GLU OXT HXT  sing N N 119 
GLY N   CA   sing N N 120 
GLY N   H    sing N N 121 
GLY N   H2   sing N N 122 
GLY CA  C    sing N N 123 
GLY CA  HA2  sing N N 124 
GLY CA  HA3  sing N N 125 
GLY C   O    doub N N 126 
GLY C   OXT  sing N N 127 
GLY OXT HXT  sing N N 128 
HIS N   CA   sing N N 129 
HIS N   H    sing N N 130 
HIS N   H2   sing N N 131 
HIS CA  C    sing N N 132 
HIS CA  CB   sing N N 133 
HIS CA  HA   sing N N 134 
HIS C   O    doub N N 135 
HIS C   OXT  sing N N 136 
HIS CB  CG   sing N N 137 
HIS CB  HB2  sing N N 138 
HIS CB  HB3  sing N N 139 
HIS CG  ND1  sing Y N 140 
HIS CG  CD2  doub Y N 141 
HIS ND1 CE1  doub Y N 142 
HIS ND1 HD1  sing N N 143 
HIS CD2 NE2  sing Y N 144 
HIS CD2 HD2  sing N N 145 
HIS CE1 NE2  sing Y N 146 
HIS CE1 HE1  sing N N 147 
HIS NE2 HE2  sing N N 148 
HIS OXT HXT  sing N N 149 
HOH O   H1   sing N N 150 
HOH O   H2   sing N N 151 
ILE N   CA   sing N N 152 
ILE N   H    sing N N 153 
ILE N   H2   sing N N 154 
ILE CA  C    sing N N 155 
ILE CA  CB   sing N N 156 
ILE CA  HA   sing N N 157 
ILE C   O    doub N N 158 
ILE C   OXT  sing N N 159 
ILE CB  CG1  sing N N 160 
ILE CB  CG2  sing N N 161 
ILE CB  HB   sing N N 162 
ILE CG1 CD1  sing N N 163 
ILE CG1 HG12 sing N N 164 
ILE CG1 HG13 sing N N 165 
ILE CG2 HG21 sing N N 166 
ILE CG2 HG22 sing N N 167 
ILE CG2 HG23 sing N N 168 
ILE CD1 HD11 sing N N 169 
ILE CD1 HD12 sing N N 170 
ILE CD1 HD13 sing N N 171 
ILE OXT HXT  sing N N 172 
LEU N   CA   sing N N 173 
LEU N   H    sing N N 174 
LEU N   H2   sing N N 175 
LEU CA  C    sing N N 176 
LEU CA  CB   sing N N 177 
LEU CA  HA   sing N N 178 
LEU C   O    doub N N 179 
LEU C   OXT  sing N N 180 
LEU CB  CG   sing N N 181 
LEU CB  HB2  sing N N 182 
LEU CB  HB3  sing N N 183 
LEU CG  CD1  sing N N 184 
LEU CG  CD2  sing N N 185 
LEU CG  HG   sing N N 186 
LEU CD1 HD11 sing N N 187 
LEU CD1 HD12 sing N N 188 
LEU CD1 HD13 sing N N 189 
LEU CD2 HD21 sing N N 190 
LEU CD2 HD22 sing N N 191 
LEU CD2 HD23 sing N N 192 
LEU OXT HXT  sing N N 193 
LYS N   CA   sing N N 194 
LYS N   H    sing N N 195 
LYS N   H2   sing N N 196 
LYS CA  C    sing N N 197 
LYS CA  CB   sing N N 198 
LYS CA  HA   sing N N 199 
LYS C   O    doub N N 200 
LYS C   OXT  sing N N 201 
LYS CB  CG   sing N N 202 
LYS CB  HB2  sing N N 203 
LYS CB  HB3  sing N N 204 
LYS CG  CD   sing N N 205 
LYS CG  HG2  sing N N 206 
LYS CG  HG3  sing N N 207 
LYS CD  CE   sing N N 208 
LYS CD  HD2  sing N N 209 
LYS CD  HD3  sing N N 210 
LYS CE  NZ   sing N N 211 
LYS CE  HE2  sing N N 212 
LYS CE  HE3  sing N N 213 
LYS NZ  HZ1  sing N N 214 
LYS NZ  HZ2  sing N N 215 
LYS NZ  HZ3  sing N N 216 
LYS OXT HXT  sing N N 217 
MET N   CA   sing N N 218 
MET N   H    sing N N 219 
MET N   H2   sing N N 220 
MET CA  C    sing N N 221 
MET CA  CB   sing N N 222 
MET CA  HA   sing N N 223 
MET C   O    doub N N 224 
MET C   OXT  sing N N 225 
MET CB  CG   sing N N 226 
MET CB  HB2  sing N N 227 
MET CB  HB3  sing N N 228 
MET CG  SD   sing N N 229 
MET CG  HG2  sing N N 230 
MET CG  HG3  sing N N 231 
MET SD  CE   sing N N 232 
MET CE  HE1  sing N N 233 
MET CE  HE2  sing N N 234 
MET CE  HE3  sing N N 235 
MET OXT HXT  sing N N 236 
PHE N   CA   sing N N 237 
PHE N   H    sing N N 238 
PHE N   H2   sing N N 239 
PHE CA  C    sing N N 240 
PHE CA  CB   sing N N 241 
PHE CA  HA   sing N N 242 
PHE C   O    doub N N 243 
PHE C   OXT  sing N N 244 
PHE CB  CG   sing N N 245 
PHE CB  HB2  sing N N 246 
PHE CB  HB3  sing N N 247 
PHE CG  CD1  doub Y N 248 
PHE CG  CD2  sing Y N 249 
PHE CD1 CE1  sing Y N 250 
PHE CD1 HD1  sing N N 251 
PHE CD2 CE2  doub Y N 252 
PHE CD2 HD2  sing N N 253 
PHE CE1 CZ   doub Y N 254 
PHE CE1 HE1  sing N N 255 
PHE CE2 CZ   sing Y N 256 
PHE CE2 HE2  sing N N 257 
PHE CZ  HZ   sing N N 258 
PHE OXT HXT  sing N N 259 
PRO N   CA   sing N N 260 
PRO N   CD   sing N N 261 
PRO N   H    sing N N 262 
PRO CA  C    sing N N 263 
PRO CA  CB   sing N N 264 
PRO CA  HA   sing N N 265 
PRO C   O    doub N N 266 
PRO C   OXT  sing N N 267 
PRO CB  CG   sing N N 268 
PRO CB  HB2  sing N N 269 
PRO CB  HB3  sing N N 270 
PRO CG  CD   sing N N 271 
PRO CG  HG2  sing N N 272 
PRO CG  HG3  sing N N 273 
PRO CD  HD2  sing N N 274 
PRO CD  HD3  sing N N 275 
PRO OXT HXT  sing N N 276 
SER N   CA   sing N N 277 
SER N   H    sing N N 278 
SER N   H2   sing N N 279 
SER CA  C    sing N N 280 
SER CA  CB   sing N N 281 
SER CA  HA   sing N N 282 
SER C   O    doub N N 283 
SER C   OXT  sing N N 284 
SER CB  OG   sing N N 285 
SER CB  HB2  sing N N 286 
SER CB  HB3  sing N N 287 
SER OG  HG   sing N N 288 
SER OXT HXT  sing N N 289 
THR N   CA   sing N N 290 
THR N   H    sing N N 291 
THR N   H2   sing N N 292 
THR CA  C    sing N N 293 
THR CA  CB   sing N N 294 
THR CA  HA   sing N N 295 
THR C   O    doub N N 296 
THR C   OXT  sing N N 297 
THR CB  OG1  sing N N 298 
THR CB  CG2  sing N N 299 
THR CB  HB   sing N N 300 
THR OG1 HG1  sing N N 301 
THR CG2 HG21 sing N N 302 
THR CG2 HG22 sing N N 303 
THR CG2 HG23 sing N N 304 
THR OXT HXT  sing N N 305 
TYR N   CA   sing N N 306 
TYR N   H    sing N N 307 
TYR N   H2   sing N N 308 
TYR CA  C    sing N N 309 
TYR CA  CB   sing N N 310 
TYR CA  HA   sing N N 311 
TYR C   O    doub N N 312 
TYR C   OXT  sing N N 313 
TYR CB  CG   sing N N 314 
TYR CB  HB2  sing N N 315 
TYR CB  HB3  sing N N 316 
TYR CG  CD1  doub Y N 317 
TYR CG  CD2  sing Y N 318 
TYR CD1 CE1  sing Y N 319 
TYR CD1 HD1  sing N N 320 
TYR CD2 CE2  doub Y N 321 
TYR CD2 HD2  sing N N 322 
TYR CE1 CZ   doub Y N 323 
TYR CE1 HE1  sing N N 324 
TYR CE2 CZ   sing Y N 325 
TYR CE2 HE2  sing N N 326 
TYR CZ  OH   sing N N 327 
TYR OH  HH   sing N N 328 
TYR OXT HXT  sing N N 329 
VAL N   CA   sing N N 330 
VAL N   H    sing N N 331 
VAL N   H2   sing N N 332 
VAL CA  C    sing N N 333 
VAL CA  CB   sing N N 334 
VAL CA  HA   sing N N 335 
VAL C   O    doub N N 336 
VAL C   OXT  sing N N 337 
VAL CB  CG1  sing N N 338 
VAL CB  CG2  sing N N 339 
VAL CB  HB   sing N N 340 
VAL CG1 HG11 sing N N 341 
VAL CG1 HG12 sing N N 342 
VAL CG1 HG13 sing N N 343 
VAL CG2 HG21 sing N N 344 
VAL CG2 HG22 sing N N 345 
VAL CG2 HG23 sing N N 346 
VAL OXT HXT  sing N N 347 
# 
_pdbx_entity_nonpoly.entity_id   2 
_pdbx_entity_nonpoly.name        water 
_pdbx_entity_nonpoly.comp_id     HOH 
# 
_pdbx_initial_refinement_model.id               1 
_pdbx_initial_refinement_model.entity_id_list   ? 
_pdbx_initial_refinement_model.type             'experimental model' 
_pdbx_initial_refinement_model.source_name      PDB 
_pdbx_initial_refinement_model.accession_code   3ZRX 
_pdbx_initial_refinement_model.details          ? 
# 
